data_6I31
# 
_entry.id   6I31 
# 
_audit_conform.dict_name       mmcif_pdbx.dic 
_audit_conform.dict_version    5.399 
_audit_conform.dict_location   http://mmcif.pdb.org/dictionaries/ascii/mmcif_pdbx.dic 
# 
loop_
_database_2.database_id 
_database_2.database_code 
_database_2.pdbx_database_accession 
_database_2.pdbx_DOI 
PDB   6I31         pdb_00006i31 10.2210/pdb6i31/pdb 
WWPDB D_1200012676 ?            ?                   
# 
loop_
_pdbx_audit_revision_history.ordinal 
_pdbx_audit_revision_history.data_content_type 
_pdbx_audit_revision_history.major_revision 
_pdbx_audit_revision_history.minor_revision 
_pdbx_audit_revision_history.revision_date 
1 'Structure model' 1 0 2019-06-19 
2 'Structure model' 1 1 2019-07-31 
3 'Structure model' 1 2 2024-11-20 
# 
_pdbx_audit_revision_details.ordinal             1 
_pdbx_audit_revision_details.revision_ordinal    1 
_pdbx_audit_revision_details.data_content_type   'Structure model' 
_pdbx_audit_revision_details.provider            repository 
_pdbx_audit_revision_details.type                'Initial release' 
_pdbx_audit_revision_details.description         ? 
_pdbx_audit_revision_details.details             ? 
# 
loop_
_pdbx_audit_revision_group.ordinal 
_pdbx_audit_revision_group.revision_ordinal 
_pdbx_audit_revision_group.data_content_type 
_pdbx_audit_revision_group.group 
1 2 'Structure model' 'Data collection'      
2 2 'Structure model' 'Database references'  
3 3 'Structure model' 'Data collection'      
4 3 'Structure model' 'Database references'  
5 3 'Structure model' 'Derived calculations' 
6 3 'Structure model' 'Structure summary'    
# 
loop_
_pdbx_audit_revision_category.ordinal 
_pdbx_audit_revision_category.revision_ordinal 
_pdbx_audit_revision_category.data_content_type 
_pdbx_audit_revision_category.category 
1 2 'Structure model' citation                  
2 2 'Structure model' citation_author           
3 3 'Structure model' chem_comp_atom            
4 3 'Structure model' chem_comp_bond            
5 3 'Structure model' database_2                
6 3 'Structure model' pdbx_entry_details        
7 3 'Structure model' pdbx_modification_feature 
8 3 'Structure model' pdbx_struct_conn_angle    
9 3 'Structure model' struct_conn               
# 
loop_
_pdbx_audit_revision_item.ordinal 
_pdbx_audit_revision_item.revision_ordinal 
_pdbx_audit_revision_item.data_content_type 
_pdbx_audit_revision_item.item 
1  2 'Structure model' '_citation.journal_volume'                    
2  2 'Structure model' '_citation.page_first'                        
3  2 'Structure model' '_citation.page_last'                         
4  2 'Structure model' '_citation_author.identifier_ORCID'           
5  3 'Structure model' '_database_2.pdbx_DOI'                        
6  3 'Structure model' '_database_2.pdbx_database_accession'         
7  3 'Structure model' '_pdbx_struct_conn_angle.ptnr1_auth_comp_id'  
8  3 'Structure model' '_pdbx_struct_conn_angle.ptnr1_auth_seq_id'   
9  3 'Structure model' '_pdbx_struct_conn_angle.ptnr1_label_atom_id' 
10 3 'Structure model' '_pdbx_struct_conn_angle.ptnr1_label_comp_id' 
11 3 'Structure model' '_pdbx_struct_conn_angle.ptnr1_label_seq_id'  
12 3 'Structure model' '_pdbx_struct_conn_angle.ptnr2_symmetry'      
13 3 'Structure model' '_pdbx_struct_conn_angle.ptnr3_auth_comp_id'  
14 3 'Structure model' '_pdbx_struct_conn_angle.ptnr3_auth_seq_id'   
15 3 'Structure model' '_pdbx_struct_conn_angle.ptnr3_label_atom_id' 
16 3 'Structure model' '_pdbx_struct_conn_angle.ptnr3_label_comp_id' 
17 3 'Structure model' '_pdbx_struct_conn_angle.ptnr3_label_seq_id'  
18 3 'Structure model' '_pdbx_struct_conn_angle.value'               
19 3 'Structure model' '_struct_conn.pdbx_dist_value'                
20 3 'Structure model' '_struct_conn.ptnr1_auth_comp_id'             
21 3 'Structure model' '_struct_conn.ptnr1_auth_seq_id'              
22 3 'Structure model' '_struct_conn.ptnr1_label_atom_id'            
23 3 'Structure model' '_struct_conn.ptnr1_label_comp_id'            
24 3 'Structure model' '_struct_conn.ptnr1_label_seq_id'             
25 3 'Structure model' '_struct_conn.ptnr2_symmetry'                 
# 
_pdbx_database_status.status_code                     REL 
_pdbx_database_status.status_code_sf                  REL 
_pdbx_database_status.status_code_mr                  ? 
_pdbx_database_status.entry_id                        6I31 
_pdbx_database_status.recvd_initial_deposition_date   2018-11-02 
_pdbx_database_status.SG_entry                        N 
_pdbx_database_status.deposit_site                    PDBE 
_pdbx_database_status.process_site                    PDBE 
_pdbx_database_status.status_code_cs                  ? 
_pdbx_database_status.methods_development_category    ? 
_pdbx_database_status.pdb_format_compatible           Y 
_pdbx_database_status.status_code_nmr_data            ? 
# 
loop_
_audit_author.name 
_audit_author.pdbx_ordinal 
_audit_author.identifier_ORCID 
'Dias, J.M.' 1 0000-0003-3336-2334 
'Shaw, J.P.' 2 0000-0003-1207-3066 
# 
_citation.abstract                  ? 
_citation.abstract_id_CAS           ? 
_citation.book_id_ISBN              ? 
_citation.book_publisher            ? 
_citation.book_publisher_city       ? 
_citation.book_title                ? 
_citation.coordinate_linkage        ? 
_citation.country                   US 
_citation.database_id_Medline       ? 
_citation.details                   ? 
_citation.id                        primary 
_citation.journal_abbrev            J.Biol.Chem. 
_citation.journal_id_ASTM           JBCHA3 
_citation.journal_id_CSD            0071 
_citation.journal_id_ISSN           1083-351X 
_citation.journal_full              ? 
_citation.journal_issue             ? 
_citation.journal_volume            294 
_citation.language                  ? 
_citation.page_first                11199 
_citation.page_last                 11212 
_citation.title                     'A knottin scaffold directs the CXC-chemokine-binding specificity of tick evasins.' 
_citation.year                      2019 
_citation.database_id_CSD           ? 
_citation.pdbx_database_id_DOI      10.1074/jbc.RA119.008817 
_citation.pdbx_database_id_PubMed   31167786 
_citation.unpublished_flag          ? 
# 
loop_
_citation_author.citation_id 
_citation_author.name 
_citation_author.ordinal 
_citation_author.identifier_ORCID 
primary 'Lee, A.W.'         1  ? 
primary 'Deruaz, M.'        2  ? 
primary 'Lynch, C.'         3  ? 
primary 'Davies, G.'        4  ? 
primary 'Singh, K.'         5  ? 
primary 'Alenazi, Y.'       6  ? 
primary 'Eaton, J.R.O.'     7  ? 
primary 'Kawamura, A.'      8  ? 
primary 'Shaw, J.'          9  ? 
primary 'Proudfoot, A.E.I.' 10 ? 
primary 'Dias, J.M.'        11 ? 
primary 'Bhattacharya, S.'  12 ? 
# 
loop_
_entity.id 
_entity.type 
_entity.src_method 
_entity.pdbx_description 
_entity.formula_weight 
_entity.pdbx_number_of_molecules 
_entity.pdbx_ec 
_entity.pdbx_mutation 
_entity.pdbx_fragment 
_entity.details 
1 polymer     man Evasin-3      7012.857 2  ? ? ? ? 
2 non-polymer syn 'CADMIUM ION' 112.411  1  ? ? ? ? 
3 water       nat water         18.015   97 ? ? ? ? 
# 
_entity_poly.entity_id                      1 
_entity_poly.type                           'polypeptide(L)' 
_entity_poly.nstd_linkage                   no 
_entity_poly.nstd_monomer                   no 
_entity_poly.pdbx_seq_one_letter_code       LVSTIESRTSGDGADNFDVVSCNKNCTSGQNECPEGCFCGLLGQNKKGHCYKIIGNLSGEPPVVRR 
_entity_poly.pdbx_seq_one_letter_code_can   LVSTIESRTSGDGADNFDVVSCNKNCTSGQNECPEGCFCGLLGQNKKGHCYKIIGNLSGEPPVVRR 
_entity_poly.pdbx_strand_id                 A,B 
_entity_poly.pdbx_target_identifier         ? 
# 
loop_
_pdbx_entity_nonpoly.entity_id 
_pdbx_entity_nonpoly.name 
_pdbx_entity_nonpoly.comp_id 
2 'CADMIUM ION' CD  
3 water         HOH 
# 
loop_
_entity_poly_seq.entity_id 
_entity_poly_seq.num 
_entity_poly_seq.mon_id 
_entity_poly_seq.hetero 
1 1  LEU n 
1 2  VAL n 
1 3  SER n 
1 4  THR n 
1 5  ILE n 
1 6  GLU n 
1 7  SER n 
1 8  ARG n 
1 9  THR n 
1 10 SER n 
1 11 GLY n 
1 12 ASP n 
1 13 GLY n 
1 14 ALA n 
1 15 ASP n 
1 16 ASN n 
1 17 PHE n 
1 18 ASP n 
1 19 VAL n 
1 20 VAL n 
1 21 SER n 
1 22 CYS n 
1 23 ASN n 
1 24 LYS n 
1 25 ASN n 
1 26 CYS n 
1 27 THR n 
1 28 SER n 
1 29 GLY n 
1 30 GLN n 
1 31 ASN n 
1 32 GLU n 
1 33 CYS n 
1 34 PRO n 
1 35 GLU n 
1 36 GLY n 
1 37 CYS n 
1 38 PHE n 
1 39 CYS n 
1 40 GLY n 
1 41 LEU n 
1 42 LEU n 
1 43 GLY n 
1 44 GLN n 
1 45 ASN n 
1 46 LYS n 
1 47 LYS n 
1 48 GLY n 
1 49 HIS n 
1 50 CYS n 
1 51 TYR n 
1 52 LYS n 
1 53 ILE n 
1 54 ILE n 
1 55 GLY n 
1 56 ASN n 
1 57 LEU n 
1 58 SER n 
1 59 GLY n 
1 60 GLU n 
1 61 PRO n 
1 62 PRO n 
1 63 VAL n 
1 64 VAL n 
1 65 ARG n 
1 66 ARG n 
# 
_entity_src_gen.entity_id                          1 
_entity_src_gen.pdbx_src_id                        1 
_entity_src_gen.pdbx_alt_source_flag               sample 
_entity_src_gen.pdbx_seq_type                      'Biological sequence' 
_entity_src_gen.pdbx_beg_seq_num                   1 
_entity_src_gen.pdbx_end_seq_num                   66 
_entity_src_gen.gene_src_common_name               'Brown dog tick' 
_entity_src_gen.gene_src_genus                     ? 
_entity_src_gen.pdbx_gene_src_gene                 ? 
_entity_src_gen.gene_src_species                   ? 
_entity_src_gen.gene_src_strain                    ? 
_entity_src_gen.gene_src_tissue                    ? 
_entity_src_gen.gene_src_tissue_fraction           ? 
_entity_src_gen.gene_src_details                   ? 
_entity_src_gen.pdbx_gene_src_fragment             ? 
_entity_src_gen.pdbx_gene_src_scientific_name      'Rhipicephalus sanguineus' 
_entity_src_gen.pdbx_gene_src_ncbi_taxonomy_id     34632 
_entity_src_gen.pdbx_gene_src_variant              ? 
_entity_src_gen.pdbx_gene_src_cell_line            ? 
_entity_src_gen.pdbx_gene_src_atcc                 ? 
_entity_src_gen.pdbx_gene_src_organ                ? 
_entity_src_gen.pdbx_gene_src_organelle            ? 
_entity_src_gen.pdbx_gene_src_cell                 ? 
_entity_src_gen.pdbx_gene_src_cellular_location    ? 
_entity_src_gen.host_org_common_name               ? 
_entity_src_gen.pdbx_host_org_scientific_name      'Escherichia coli' 
_entity_src_gen.pdbx_host_org_ncbi_taxonomy_id     562 
_entity_src_gen.host_org_genus                     ? 
_entity_src_gen.pdbx_host_org_gene                 ? 
_entity_src_gen.pdbx_host_org_organ                ? 
_entity_src_gen.host_org_species                   ? 
_entity_src_gen.pdbx_host_org_tissue               ? 
_entity_src_gen.pdbx_host_org_tissue_fraction      ? 
_entity_src_gen.pdbx_host_org_strain               ? 
_entity_src_gen.pdbx_host_org_variant              ? 
_entity_src_gen.pdbx_host_org_cell_line            ? 
_entity_src_gen.pdbx_host_org_atcc                 ? 
_entity_src_gen.pdbx_host_org_culture_collection   ? 
_entity_src_gen.pdbx_host_org_cell                 ? 
_entity_src_gen.pdbx_host_org_organelle            ? 
_entity_src_gen.pdbx_host_org_cellular_location    ? 
_entity_src_gen.pdbx_host_org_vector_type          ? 
_entity_src_gen.pdbx_host_org_vector               ? 
_entity_src_gen.host_org_details                   ? 
_entity_src_gen.expression_system_id               ? 
_entity_src_gen.plasmid_name                       ? 
_entity_src_gen.plasmid_details                    ? 
_entity_src_gen.pdbx_description                   ? 
# 
loop_
_chem_comp.id 
_chem_comp.type 
_chem_comp.mon_nstd_flag 
_chem_comp.name 
_chem_comp.pdbx_synonyms 
_chem_comp.formula 
_chem_comp.formula_weight 
ALA 'L-peptide linking' y ALANINE         ? 'C3 H7 N O2'     89.093  
ARG 'L-peptide linking' y ARGININE        ? 'C6 H15 N4 O2 1' 175.209 
ASN 'L-peptide linking' y ASPARAGINE      ? 'C4 H8 N2 O3'    132.118 
ASP 'L-peptide linking' y 'ASPARTIC ACID' ? 'C4 H7 N O4'     133.103 
CD  non-polymer         . 'CADMIUM ION'   ? 'Cd 2'           112.411 
CYS 'L-peptide linking' y CYSTEINE        ? 'C3 H7 N O2 S'   121.158 
GLN 'L-peptide linking' y GLUTAMINE       ? 'C5 H10 N2 O3'   146.144 
GLU 'L-peptide linking' y 'GLUTAMIC ACID' ? 'C5 H9 N O4'     147.129 
GLY 'peptide linking'   y GLYCINE         ? 'C2 H5 N O2'     75.067  
HIS 'L-peptide linking' y HISTIDINE       ? 'C6 H10 N3 O2 1' 156.162 
HOH non-polymer         . WATER           ? 'H2 O'           18.015  
ILE 'L-peptide linking' y ISOLEUCINE      ? 'C6 H13 N O2'    131.173 
LEU 'L-peptide linking' y LEUCINE         ? 'C6 H13 N O2'    131.173 
LYS 'L-peptide linking' y LYSINE          ? 'C6 H15 N2 O2 1' 147.195 
PHE 'L-peptide linking' y PHENYLALANINE   ? 'C9 H11 N O2'    165.189 
PRO 'L-peptide linking' y PROLINE         ? 'C5 H9 N O2'     115.130 
SER 'L-peptide linking' y SERINE          ? 'C3 H7 N O3'     105.093 
THR 'L-peptide linking' y THREONINE       ? 'C4 H9 N O3'     119.119 
TYR 'L-peptide linking' y TYROSINE        ? 'C9 H11 N O3'    181.189 
VAL 'L-peptide linking' y VALINE          ? 'C5 H11 N O2'    117.146 
# 
loop_
_pdbx_poly_seq_scheme.asym_id 
_pdbx_poly_seq_scheme.entity_id 
_pdbx_poly_seq_scheme.seq_id 
_pdbx_poly_seq_scheme.mon_id 
_pdbx_poly_seq_scheme.ndb_seq_num 
_pdbx_poly_seq_scheme.pdb_seq_num 
_pdbx_poly_seq_scheme.auth_seq_num 
_pdbx_poly_seq_scheme.pdb_mon_id 
_pdbx_poly_seq_scheme.auth_mon_id 
_pdbx_poly_seq_scheme.pdb_strand_id 
_pdbx_poly_seq_scheme.pdb_ins_code 
_pdbx_poly_seq_scheme.hetero 
A 1 1  LEU 1  1  ?  ?   ?   A . n 
A 1 2  VAL 2  2  ?  ?   ?   A . n 
A 1 3  SER 3  3  ?  ?   ?   A . n 
A 1 4  THR 4  4  ?  ?   ?   A . n 
A 1 5  ILE 5  5  ?  ?   ?   A . n 
A 1 6  GLU 6  6  ?  ?   ?   A . n 
A 1 7  SER 7  7  ?  ?   ?   A . n 
A 1 8  ARG 8  8  ?  ?   ?   A . n 
A 1 9  THR 9  9  ?  ?   ?   A . n 
A 1 10 SER 10 10 ?  ?   ?   A . n 
A 1 11 GLY 11 11 ?  ?   ?   A . n 
A 1 12 ASP 12 12 ?  ?   ?   A . n 
A 1 13 GLY 13 13 13 GLY GLY A . n 
A 1 14 ALA 14 14 14 ALA ALA A . n 
A 1 15 ASP 15 15 15 ASP ASP A . n 
A 1 16 ASN 16 16 16 ASN ASN A . n 
A 1 17 PHE 17 17 17 PHE PHE A . n 
A 1 18 ASP 18 18 18 ASP ASP A . n 
A 1 19 VAL 19 19 19 VAL VAL A . n 
A 1 20 VAL 20 20 20 VAL VAL A . n 
A 1 21 SER 21 21 21 SER SER A . n 
A 1 22 CYS 22 22 22 CYS CYS A . n 
A 1 23 ASN 23 23 23 ASN ASN A . n 
A 1 24 LYS 24 24 24 LYS LYS A . n 
A 1 25 ASN 25 25 25 ASN ASN A . n 
A 1 26 CYS 26 26 26 CYS CYS A . n 
A 1 27 THR 27 27 27 THR THR A . n 
A 1 28 SER 28 28 28 SER SER A . n 
A 1 29 GLY 29 29 29 GLY GLY A . n 
A 1 30 GLN 30 30 30 GLN GLN A . n 
A 1 31 ASN 31 31 31 ASN ASN A . n 
A 1 32 GLU 32 32 32 GLU GLU A . n 
A 1 33 CYS 33 33 33 CYS CYS A . n 
A 1 34 PRO 34 34 34 PRO PRO A . n 
A 1 35 GLU 35 35 35 GLU GLU A . n 
A 1 36 GLY 36 36 36 GLY GLY A . n 
A 1 37 CYS 37 37 37 CYS CYS A . n 
A 1 38 PHE 38 38 38 PHE PHE A . n 
A 1 39 CYS 39 39 39 CYS CYS A . n 
A 1 40 GLY 40 40 40 GLY GLY A . n 
A 1 41 LEU 41 41 41 LEU LEU A . n 
A 1 42 LEU 42 42 42 LEU LEU A . n 
A 1 43 GLY 43 43 43 GLY GLY A . n 
A 1 44 GLN 44 44 44 GLN GLN A . n 
A 1 45 ASN 45 45 45 ASN ASN A . n 
A 1 46 LYS 46 46 46 LYS LYS A . n 
A 1 47 LYS 47 47 47 LYS LYS A . n 
A 1 48 GLY 48 48 48 GLY GLY A . n 
A 1 49 HIS 49 49 49 HIS HIS A . n 
A 1 50 CYS 50 50 50 CYS CYS A . n 
A 1 51 TYR 51 51 51 TYR TYR A . n 
A 1 52 LYS 52 52 52 LYS LYS A . n 
A 1 53 ILE 53 53 53 ILE ILE A . n 
A 1 54 ILE 54 54 54 ILE ILE A . n 
A 1 55 GLY 55 55 55 GLY GLY A . n 
A 1 56 ASN 56 56 56 ASN ASN A . n 
A 1 57 LEU 57 57 57 LEU LEU A . n 
A 1 58 SER 58 58 58 SER SER A . n 
A 1 59 GLY 59 59 59 GLY GLY A . n 
A 1 60 GLU 60 60 60 GLU GLU A . n 
A 1 61 PRO 61 61 61 PRO PRO A . n 
A 1 62 PRO 62 62 62 PRO PRO A . n 
A 1 63 VAL 63 63 63 VAL VAL A . n 
A 1 64 VAL 64 64 64 VAL VAL A . n 
A 1 65 ARG 65 65 65 ARG ARG A . n 
A 1 66 ARG 66 66 66 ARG ARG A . n 
B 1 1  LEU 1  1  ?  ?   ?   B . n 
B 1 2  VAL 2  2  ?  ?   ?   B . n 
B 1 3  SER 3  3  ?  ?   ?   B . n 
B 1 4  THR 4  4  ?  ?   ?   B . n 
B 1 5  ILE 5  5  ?  ?   ?   B . n 
B 1 6  GLU 6  6  ?  ?   ?   B . n 
B 1 7  SER 7  7  ?  ?   ?   B . n 
B 1 8  ARG 8  8  ?  ?   ?   B . n 
B 1 9  THR 9  9  ?  ?   ?   B . n 
B 1 10 SER 10 10 ?  ?   ?   B . n 
B 1 11 GLY 11 11 ?  ?   ?   B . n 
B 1 12 ASP 12 12 12 ASP ASP B . n 
B 1 13 GLY 13 13 13 GLY GLY B . n 
B 1 14 ALA 14 14 14 ALA ALA B . n 
B 1 15 ASP 15 15 15 ASP ASP B . n 
B 1 16 ASN 16 16 16 ASN ASN B . n 
B 1 17 PHE 17 17 17 PHE PHE B . n 
B 1 18 ASP 18 18 18 ASP ASP B . n 
B 1 19 VAL 19 19 19 VAL VAL B . n 
B 1 20 VAL 20 20 20 VAL VAL B . n 
B 1 21 SER 21 21 21 SER SER B . n 
B 1 22 CYS 22 22 22 CYS CYS B . n 
B 1 23 ASN 23 23 23 ASN ASN B . n 
B 1 24 LYS 24 24 24 LYS LYS B . n 
B 1 25 ASN 25 25 25 ASN ASN B . n 
B 1 26 CYS 26 26 26 CYS CYS B . n 
B 1 27 THR 27 27 27 THR THR B . n 
B 1 28 SER 28 28 28 SER SER B . n 
B 1 29 GLY 29 29 29 GLY GLY B . n 
B 1 30 GLN 30 30 30 GLN GLN B . n 
B 1 31 ASN 31 31 31 ASN ASN B . n 
B 1 32 GLU 32 32 32 GLU GLU B . n 
B 1 33 CYS 33 33 33 CYS CYS B . n 
B 1 34 PRO 34 34 34 PRO PRO B . n 
B 1 35 GLU 35 35 35 GLU GLU B . n 
B 1 36 GLY 36 36 36 GLY GLY B . n 
B 1 37 CYS 37 37 37 CYS CYS B . n 
B 1 38 PHE 38 38 38 PHE PHE B . n 
B 1 39 CYS 39 39 39 CYS CYS B . n 
B 1 40 GLY 40 40 40 GLY GLY B . n 
B 1 41 LEU 41 41 41 LEU LEU B . n 
B 1 42 LEU 42 42 42 LEU LEU B . n 
B 1 43 GLY 43 43 43 GLY GLY B . n 
B 1 44 GLN 44 44 44 GLN GLN B . n 
B 1 45 ASN 45 45 45 ASN ASN B . n 
B 1 46 LYS 46 46 46 LYS LYS B . n 
B 1 47 LYS 47 47 47 LYS LYS B . n 
B 1 48 GLY 48 48 48 GLY GLY B . n 
B 1 49 HIS 49 49 49 HIS HIS B . n 
B 1 50 CYS 50 50 50 CYS CYS B . n 
B 1 51 TYR 51 51 51 TYR TYR B . n 
B 1 52 LYS 52 52 52 LYS LYS B . n 
B 1 53 ILE 53 53 53 ILE ILE B . n 
B 1 54 ILE 54 54 54 ILE ILE B . n 
B 1 55 GLY 55 55 55 GLY GLY B . n 
B 1 56 ASN 56 56 56 ASN ASN B . n 
B 1 57 LEU 57 57 ?  ?   ?   B . n 
B 1 58 SER 58 58 ?  ?   ?   B . n 
B 1 59 GLY 59 59 ?  ?   ?   B . n 
B 1 60 GLU 60 60 ?  ?   ?   B . n 
B 1 61 PRO 61 61 ?  ?   ?   B . n 
B 1 62 PRO 62 62 ?  ?   ?   B . n 
B 1 63 VAL 63 63 ?  ?   ?   B . n 
B 1 64 VAL 64 64 ?  ?   ?   B . n 
B 1 65 ARG 65 65 ?  ?   ?   B . n 
B 1 66 ARG 66 66 ?  ?   ?   B . n 
# 
loop_
_pdbx_nonpoly_scheme.asym_id 
_pdbx_nonpoly_scheme.entity_id 
_pdbx_nonpoly_scheme.mon_id 
_pdbx_nonpoly_scheme.ndb_seq_num 
_pdbx_nonpoly_scheme.pdb_seq_num 
_pdbx_nonpoly_scheme.auth_seq_num 
_pdbx_nonpoly_scheme.pdb_mon_id 
_pdbx_nonpoly_scheme.auth_mon_id 
_pdbx_nonpoly_scheme.pdb_strand_id 
_pdbx_nonpoly_scheme.pdb_ins_code 
C 2 CD  1  101 1   CD  CD  A . 
D 3 HOH 1  201 116 HOH HOH A . 
D 3 HOH 2  202 1   HOH HOH A . 
D 3 HOH 3  203 72  HOH HOH A . 
D 3 HOH 4  204 27  HOH HOH A . 
D 3 HOH 5  205 119 HOH HOH A . 
D 3 HOH 6  206 4   HOH HOH A . 
D 3 HOH 7  207 7   HOH HOH A . 
D 3 HOH 8  208 25  HOH HOH A . 
D 3 HOH 9  209 17  HOH HOH A . 
D 3 HOH 10 210 64  HOH HOH A . 
D 3 HOH 11 211 2   HOH HOH A . 
D 3 HOH 12 212 126 HOH HOH A . 
D 3 HOH 13 213 42  HOH HOH A . 
D 3 HOH 14 214 20  HOH HOH A . 
D 3 HOH 15 215 134 HOH HOH A . 
D 3 HOH 16 216 35  HOH HOH A . 
D 3 HOH 17 217 34  HOH HOH A . 
D 3 HOH 18 218 98  HOH HOH A . 
D 3 HOH 19 219 36  HOH HOH A . 
D 3 HOH 20 220 12  HOH HOH A . 
D 3 HOH 21 221 16  HOH HOH A . 
D 3 HOH 22 222 14  HOH HOH A . 
D 3 HOH 23 223 24  HOH HOH A . 
D 3 HOH 24 224 113 HOH HOH A . 
D 3 HOH 25 225 23  HOH HOH A . 
D 3 HOH 26 226 5   HOH HOH A . 
D 3 HOH 27 227 45  HOH HOH A . 
D 3 HOH 28 228 77  HOH HOH A . 
D 3 HOH 29 229 26  HOH HOH A . 
D 3 HOH 30 230 18  HOH HOH A . 
D 3 HOH 31 231 54  HOH HOH A . 
D 3 HOH 32 232 76  HOH HOH A . 
D 3 HOH 33 233 62  HOH HOH A . 
D 3 HOH 34 234 131 HOH HOH A . 
D 3 HOH 35 235 124 HOH HOH A . 
D 3 HOH 36 236 105 HOH HOH A . 
D 3 HOH 37 237 50  HOH HOH A . 
D 3 HOH 38 238 21  HOH HOH A . 
D 3 HOH 39 239 32  HOH HOH A . 
D 3 HOH 40 240 57  HOH HOH A . 
D 3 HOH 41 241 56  HOH HOH A . 
D 3 HOH 42 242 28  HOH HOH A . 
D 3 HOH 43 243 92  HOH HOH A . 
D 3 HOH 44 244 15  HOH HOH A . 
D 3 HOH 45 245 40  HOH HOH A . 
D 3 HOH 46 246 39  HOH HOH A . 
D 3 HOH 47 247 122 HOH HOH A . 
D 3 HOH 48 248 37  HOH HOH A . 
D 3 HOH 49 249 31  HOH HOH A . 
D 3 HOH 50 250 48  HOH HOH A . 
D 3 HOH 51 251 69  HOH HOH A . 
D 3 HOH 52 252 75  HOH HOH A . 
D 3 HOH 53 253 55  HOH HOH A . 
D 3 HOH 54 254 9   HOH HOH A . 
D 3 HOH 55 255 112 HOH HOH A . 
D 3 HOH 56 256 130 HOH HOH A . 
D 3 HOH 57 257 123 HOH HOH A . 
D 3 HOH 58 258 114 HOH HOH A . 
D 3 HOH 59 259 51  HOH HOH A . 
D 3 HOH 60 260 115 HOH HOH A . 
D 3 HOH 61 261 78  HOH HOH A . 
D 3 HOH 62 262 53  HOH HOH A . 
E 3 HOH 1  101 10  HOH HOH B . 
E 3 HOH 2  102 65  HOH HOH B . 
E 3 HOH 3  103 47  HOH HOH B . 
E 3 HOH 4  104 6   HOH HOH B . 
E 3 HOH 5  105 19  HOH HOH B . 
E 3 HOH 6  106 52  HOH HOH B . 
E 3 HOH 7  107 3   HOH HOH B . 
E 3 HOH 8  108 30  HOH HOH B . 
E 3 HOH 9  109 70  HOH HOH B . 
E 3 HOH 10 110 41  HOH HOH B . 
E 3 HOH 11 111 49  HOH HOH B . 
E 3 HOH 12 112 38  HOH HOH B . 
E 3 HOH 13 113 13  HOH HOH B . 
E 3 HOH 14 114 29  HOH HOH B . 
E 3 HOH 15 115 33  HOH HOH B . 
E 3 HOH 16 116 22  HOH HOH B . 
E 3 HOH 17 117 132 HOH HOH B . 
E 3 HOH 18 118 58  HOH HOH B . 
E 3 HOH 19 119 11  HOH HOH B . 
E 3 HOH 20 120 133 HOH HOH B . 
E 3 HOH 21 121 136 HOH HOH B . 
E 3 HOH 22 122 43  HOH HOH B . 
E 3 HOH 23 123 8   HOH HOH B . 
E 3 HOH 24 124 120 HOH HOH B . 
E 3 HOH 25 125 121 HOH HOH B . 
E 3 HOH 26 126 128 HOH HOH B . 
E 3 HOH 27 127 103 HOH HOH B . 
E 3 HOH 28 128 118 HOH HOH B . 
E 3 HOH 29 129 117 HOH HOH B . 
E 3 HOH 30 130 71  HOH HOH B . 
E 3 HOH 31 131 129 HOH HOH B . 
E 3 HOH 32 132 125 HOH HOH B . 
E 3 HOH 33 133 63  HOH HOH B . 
E 3 HOH 34 134 135 HOH HOH B . 
E 3 HOH 35 135 127 HOH HOH B . 
# 
loop_
_software.citation_id 
_software.classification 
_software.compiler_name 
_software.compiler_version 
_software.contact_author 
_software.contact_author_email 
_software.date 
_software.description 
_software.dependencies 
_software.hardware 
_software.language 
_software.location 
_software.mods 
_software.name 
_software.os 
_software.os_version 
_software.type 
_software.version 
_software.pdbx_ordinal 
? refinement       ? ? ? ? ? ? ? ? ? ? ? BUSTER   ? ? ? 2.11.7 1 
? 'data reduction' ? ? ? ? ? ? ? ? ? ? ? HKL-2000 ? ? ? .      2 
? 'data scaling'   ? ? ? ? ? ? ? ? ? ? ? HKL-2000 ? ? ? .      3 
? phasing          ? ? ? ? ? ? ? ? ? ? ? SHARP    ? ? ? .      4 
# 
_cell.angle_alpha                  90.00 
_cell.angle_alpha_esd              ? 
_cell.angle_beta                   90.00 
_cell.angle_beta_esd               ? 
_cell.angle_gamma                  120.00 
_cell.angle_gamma_esd              ? 
_cell.entry_id                     6I31 
_cell.details                      ? 
_cell.formula_units_Z              ? 
_cell.length_a                     55.090 
_cell.length_a_esd                 ? 
_cell.length_b                     55.090 
_cell.length_b_esd                 ? 
_cell.length_c                     71.040 
_cell.length_c_esd                 ? 
_cell.volume                       ? 
_cell.volume_esd                   ? 
_cell.Z_PDB                        12 
_cell.reciprocal_angle_alpha       ? 
_cell.reciprocal_angle_beta        ? 
_cell.reciprocal_angle_gamma       ? 
_cell.reciprocal_angle_alpha_esd   ? 
_cell.reciprocal_angle_beta_esd    ? 
_cell.reciprocal_angle_gamma_esd   ? 
_cell.reciprocal_length_a          ? 
_cell.reciprocal_length_b          ? 
_cell.reciprocal_length_c          ? 
_cell.reciprocal_length_a_esd      ? 
_cell.reciprocal_length_b_esd      ? 
_cell.reciprocal_length_c_esd      ? 
_cell.pdbx_unique_axis             ? 
# 
_symmetry.entry_id                         6I31 
_symmetry.cell_setting                     ? 
_symmetry.Int_Tables_number                152 
_symmetry.space_group_name_Hall            ? 
_symmetry.space_group_name_H-M             'P 31 2 1' 
_symmetry.pdbx_full_space_group_name_H-M   ? 
# 
_exptl.absorpt_coefficient_mu     ? 
_exptl.absorpt_correction_T_max   ? 
_exptl.absorpt_correction_T_min   ? 
_exptl.absorpt_correction_type    ? 
_exptl.absorpt_process_details    ? 
_exptl.entry_id                   6I31 
_exptl.crystals_number            1 
_exptl.details                    ? 
_exptl.method                     'X-RAY DIFFRACTION' 
_exptl.method_details             ? 
# 
_exptl_crystal.colour                      ? 
_exptl_crystal.density_diffrn              ? 
_exptl_crystal.density_Matthews            2.22 
_exptl_crystal.density_method              ? 
_exptl_crystal.density_percent_sol         44.56 
_exptl_crystal.description                 ? 
_exptl_crystal.F_000                       ? 
_exptl_crystal.id                          1 
_exptl_crystal.preparation                 ? 
_exptl_crystal.size_max                    ? 
_exptl_crystal.size_mid                    ? 
_exptl_crystal.size_min                    ? 
_exptl_crystal.size_rad                    ? 
_exptl_crystal.colour_lustre               ? 
_exptl_crystal.colour_modifier             ? 
_exptl_crystal.colour_primary              ? 
_exptl_crystal.density_meas                ? 
_exptl_crystal.density_meas_esd            ? 
_exptl_crystal.density_meas_gt             ? 
_exptl_crystal.density_meas_lt             ? 
_exptl_crystal.density_meas_temp           ? 
_exptl_crystal.density_meas_temp_esd       ? 
_exptl_crystal.density_meas_temp_gt        ? 
_exptl_crystal.density_meas_temp_lt        ? 
_exptl_crystal.pdbx_crystal_image_url      ? 
_exptl_crystal.pdbx_crystal_image_format   ? 
_exptl_crystal.pdbx_mosaicity              ? 
_exptl_crystal.pdbx_mosaicity_esd          ? 
# 
_exptl_crystal_grow.apparatus       ? 
_exptl_crystal_grow.atmosphere      ? 
_exptl_crystal_grow.crystal_id      1 
_exptl_crystal_grow.details         ? 
_exptl_crystal_grow.method          'VAPOR DIFFUSION' 
_exptl_crystal_grow.method_ref      ? 
_exptl_crystal_grow.pH              6.5 
_exptl_crystal_grow.pressure        ? 
_exptl_crystal_grow.pressure_esd    ? 
_exptl_crystal_grow.seeding         ? 
_exptl_crystal_grow.seeding_ref     ? 
_exptl_crystal_grow.temp            293 
_exptl_crystal_grow.temp_details    ? 
_exptl_crystal_grow.temp_esd        ? 
_exptl_crystal_grow.time            ? 
_exptl_crystal_grow.pdbx_details    
;25%PEG3350
100mM Bis-tris buffer pH 6.5
20mM CdCl2
;
_exptl_crystal_grow.pdbx_pH_range   ? 
# 
_diffrn.ambient_environment              ? 
_diffrn.ambient_temp                     100 
_diffrn.ambient_temp_details             ? 
_diffrn.ambient_temp_esd                 ? 
_diffrn.crystal_id                       1 
_diffrn.crystal_support                  ? 
_diffrn.crystal_treatment                ? 
_diffrn.details                          ? 
_diffrn.id                               1 
_diffrn.ambient_pressure                 ? 
_diffrn.ambient_pressure_esd             ? 
_diffrn.ambient_pressure_gt              ? 
_diffrn.ambient_pressure_lt              ? 
_diffrn.ambient_temp_gt                  ? 
_diffrn.ambient_temp_lt                  ? 
_diffrn.pdbx_serial_crystal_experiment   N 
# 
_diffrn_detector.details                      ? 
_diffrn_detector.detector                     'IMAGE PLATE' 
_diffrn_detector.diffrn_id                    1 
_diffrn_detector.type                         MARRESEARCH 
_diffrn_detector.area_resol_mean              ? 
_diffrn_detector.dtime                        ? 
_diffrn_detector.pdbx_frames_total            ? 
_diffrn_detector.pdbx_collection_time_total   ? 
_diffrn_detector.pdbx_collection_date         2006-01-31 
_diffrn_detector.pdbx_frequency               ? 
# 
_diffrn_radiation.collimation                      ? 
_diffrn_radiation.diffrn_id                        1 
_diffrn_radiation.filter_edge                      ? 
_diffrn_radiation.inhomogeneity                    ? 
_diffrn_radiation.monochromator                    ? 
_diffrn_radiation.polarisn_norm                    ? 
_diffrn_radiation.polarisn_ratio                   ? 
_diffrn_radiation.probe                            ? 
_diffrn_radiation.type                             ? 
_diffrn_radiation.xray_symbol                      ? 
_diffrn_radiation.wavelength_id                    1 
_diffrn_radiation.pdbx_monochromatic_or_laue_m_l   M 
_diffrn_radiation.pdbx_wavelength_list             ? 
_diffrn_radiation.pdbx_wavelength                  ? 
_diffrn_radiation.pdbx_diffrn_protocol             'SINGLE WAVELENGTH' 
_diffrn_radiation.pdbx_analyzer                    ? 
_diffrn_radiation.pdbx_scattering_type             x-ray 
# 
_diffrn_radiation_wavelength.id           1 
_diffrn_radiation_wavelength.wavelength   0.977 
_diffrn_radiation_wavelength.wt           1.0 
# 
_diffrn_source.current                     ? 
_diffrn_source.details                     ? 
_diffrn_source.diffrn_id                   1 
_diffrn_source.power                       ? 
_diffrn_source.size                        ? 
_diffrn_source.source                      SYNCHROTRON 
_diffrn_source.target                      ? 
_diffrn_source.type                        'SLS BEAMLINE X06SA' 
_diffrn_source.voltage                     ? 
_diffrn_source.take-off_angle              ? 
_diffrn_source.pdbx_wavelength_list        0.977 
_diffrn_source.pdbx_wavelength             ? 
_diffrn_source.pdbx_synchrotron_beamline   X06SA 
_diffrn_source.pdbx_synchrotron_site       SLS 
# 
_reflns.B_iso_Wilson_estimate            26.31 
_reflns.entry_id                         6I31 
_reflns.data_reduction_details           ? 
_reflns.data_reduction_method            ? 
_reflns.d_resolution_high                1.79 
_reflns.d_resolution_low                 47.62 
_reflns.details                          ? 
_reflns.limit_h_max                      ? 
_reflns.limit_h_min                      ? 
_reflns.limit_k_max                      ? 
_reflns.limit_k_min                      ? 
_reflns.limit_l_max                      ? 
_reflns.limit_l_min                      ? 
_reflns.number_all                       ? 
_reflns.number_obs                       11993 
_reflns.observed_criterion               ? 
_reflns.observed_criterion_F_max         ? 
_reflns.observed_criterion_F_min         ? 
_reflns.observed_criterion_I_max         ? 
_reflns.observed_criterion_I_min         ? 
_reflns.observed_criterion_sigma_F       ? 
_reflns.observed_criterion_sigma_I       ? 
_reflns.percent_possible_obs             98.8 
_reflns.R_free_details                   ? 
_reflns.Rmerge_F_all                     ? 
_reflns.Rmerge_F_obs                     ? 
_reflns.Friedel_coverage                 ? 
_reflns.number_gt                        ? 
_reflns.threshold_expression             ? 
_reflns.pdbx_redundancy                  5.8 
_reflns.pdbx_Rmerge_I_obs                ? 
_reflns.pdbx_Rmerge_I_all                ? 
_reflns.pdbx_Rsym_value                  0.066 
_reflns.pdbx_netI_over_av_sigmaI         ? 
_reflns.pdbx_netI_over_sigmaI            15 
_reflns.pdbx_res_netI_over_av_sigmaI_2   ? 
_reflns.pdbx_res_netI_over_sigmaI_2      ? 
_reflns.pdbx_chi_squared                 ? 
_reflns.pdbx_scaling_rejects             ? 
_reflns.pdbx_d_res_high_opt              ? 
_reflns.pdbx_d_res_low_opt               ? 
_reflns.pdbx_d_res_opt_method            ? 
_reflns.phase_calculation_details        ? 
_reflns.pdbx_Rrim_I_all                  ? 
_reflns.pdbx_Rpim_I_all                  ? 
_reflns.pdbx_d_opt                       ? 
_reflns.pdbx_number_measured_all         ? 
_reflns.pdbx_diffrn_id                   1 
_reflns.pdbx_ordinal                     1 
_reflns.pdbx_CC_half                     ? 
_reflns.pdbx_R_split                     ? 
# 
_reflns_shell.d_res_high                  1.79 
_reflns_shell.d_res_low                   1.97 
_reflns_shell.meanI_over_sigI_all         ? 
_reflns_shell.meanI_over_sigI_obs         ? 
_reflns_shell.number_measured_all         ? 
_reflns_shell.number_measured_obs         ? 
_reflns_shell.number_possible             ? 
_reflns_shell.number_unique_all           ? 
_reflns_shell.number_unique_obs           ? 
_reflns_shell.percent_possible_all        ? 
_reflns_shell.percent_possible_obs        ? 
_reflns_shell.Rmerge_F_all                ? 
_reflns_shell.Rmerge_F_obs                ? 
_reflns_shell.Rmerge_I_all                ? 
_reflns_shell.Rmerge_I_obs                ? 
_reflns_shell.meanI_over_sigI_gt          ? 
_reflns_shell.meanI_over_uI_all           ? 
_reflns_shell.meanI_over_uI_gt            ? 
_reflns_shell.number_measured_gt          ? 
_reflns_shell.number_unique_gt            ? 
_reflns_shell.percent_possible_gt         ? 
_reflns_shell.Rmerge_F_gt                 ? 
_reflns_shell.Rmerge_I_gt                 ? 
_reflns_shell.pdbx_redundancy             ? 
_reflns_shell.pdbx_Rsym_value             ? 
_reflns_shell.pdbx_chi_squared            ? 
_reflns_shell.pdbx_netI_over_sigmaI_all   ? 
_reflns_shell.pdbx_netI_over_sigmaI_obs   ? 
_reflns_shell.pdbx_Rrim_I_all             ? 
_reflns_shell.pdbx_Rpim_I_all             ? 
_reflns_shell.pdbx_rejects                ? 
_reflns_shell.pdbx_ordinal                1 
_reflns_shell.pdbx_diffrn_id              1 
_reflns_shell.pdbx_CC_half                ? 
_reflns_shell.pdbx_R_split                ? 
# 
_refine.aniso_B[1][1]                            -4.82000 
_refine.aniso_B[1][2]                            0.00000 
_refine.aniso_B[1][3]                            0.00000 
_refine.aniso_B[2][2]                            -4.82000 
_refine.aniso_B[2][3]                            0.00000 
_refine.aniso_B[3][3]                            9.64000 
_refine.B_iso_max                                ? 
_refine.B_iso_mean                               42.33 
_refine.B_iso_min                                ? 
_refine.correlation_coeff_Fo_to_Fc               0.933 
_refine.correlation_coeff_Fo_to_Fc_free          0.937 
_refine.details                                  ? 
_refine.diff_density_max                         ? 
_refine.diff_density_max_esd                     ? 
_refine.diff_density_min                         ? 
_refine.diff_density_min_esd                     ? 
_refine.diff_density_rms                         ? 
_refine.diff_density_rms_esd                     ? 
_refine.entry_id                                 6I31 
_refine.pdbx_refine_id                           'X-RAY DIFFRACTION' 
_refine.ls_abs_structure_details                 ? 
_refine.ls_abs_structure_Flack                   ? 
_refine.ls_abs_structure_Flack_esd               ? 
_refine.ls_abs_structure_Rogers                  ? 
_refine.ls_abs_structure_Rogers_esd              ? 
_refine.ls_d_res_high                            1.79 
_refine.ls_d_res_low                             14.40 
_refine.ls_extinction_coef                       ? 
_refine.ls_extinction_coef_esd                   ? 
_refine.ls_extinction_expression                 ? 
_refine.ls_extinction_method                     ? 
_refine.ls_goodness_of_fit_all                   ? 
_refine.ls_goodness_of_fit_all_esd               ? 
_refine.ls_goodness_of_fit_obs                   ? 
_refine.ls_goodness_of_fit_obs_esd               ? 
_refine.ls_hydrogen_treatment                    ? 
_refine.ls_matrix_type                           ? 
_refine.ls_number_constraints                    ? 
_refine.ls_number_parameters                     ? 
_refine.ls_number_reflns_all                     ? 
_refine.ls_number_reflns_obs                     11993 
_refine.ls_number_reflns_R_free                  577 
_refine.ls_number_reflns_R_work                  ? 
_refine.ls_number_restraints                     ? 
_refine.ls_percent_reflns_obs                    99.4 
_refine.ls_percent_reflns_R_free                 4.810 
_refine.ls_R_factor_all                          ? 
_refine.ls_R_factor_obs                          0.192 
_refine.ls_R_factor_R_free                       0.213 
_refine.ls_R_factor_R_free_error                 ? 
_refine.ls_R_factor_R_free_error_details         ? 
_refine.ls_R_factor_R_work                       0.191 
_refine.ls_R_Fsqd_factor_obs                     ? 
_refine.ls_R_I_factor_obs                        ? 
_refine.ls_redundancy_reflns_all                 ? 
_refine.ls_redundancy_reflns_obs                 ? 
_refine.ls_restrained_S_all                      ? 
_refine.ls_restrained_S_obs                      ? 
_refine.ls_shift_over_esd_max                    ? 
_refine.ls_shift_over_esd_mean                   ? 
_refine.ls_structure_factor_coef                 ? 
_refine.ls_weighting_details                     ? 
_refine.ls_weighting_scheme                      ? 
_refine.ls_wR_factor_all                         ? 
_refine.ls_wR_factor_obs                         ? 
_refine.ls_wR_factor_R_free                      ? 
_refine.ls_wR_factor_R_work                      ? 
_refine.occupancy_max                            ? 
_refine.occupancy_min                            ? 
_refine.solvent_model_details                    ? 
_refine.solvent_model_param_bsol                 ? 
_refine.solvent_model_param_ksol                 ? 
_refine.ls_R_factor_gt                           ? 
_refine.ls_goodness_of_fit_gt                    ? 
_refine.ls_goodness_of_fit_ref                   ? 
_refine.ls_shift_over_su_max                     ? 
_refine.ls_shift_over_su_max_lt                  ? 
_refine.ls_shift_over_su_mean                    ? 
_refine.ls_shift_over_su_mean_lt                 ? 
_refine.pdbx_ls_sigma_I                          ? 
_refine.pdbx_ls_sigma_F                          0.000 
_refine.pdbx_ls_sigma_Fsqd                       ? 
_refine.pdbx_data_cutoff_high_absF               ? 
_refine.pdbx_data_cutoff_high_rms_absF           ? 
_refine.pdbx_data_cutoff_low_absF                ? 
_refine.pdbx_isotropic_thermal_model             ? 
_refine.pdbx_ls_cross_valid_method               THROUGHOUT 
_refine.pdbx_method_to_determine_struct          MIRAS 
_refine.pdbx_starting_model                      ? 
_refine.pdbx_stereochemistry_target_values       ? 
_refine.pdbx_R_Free_selection_details            RANDOM 
_refine.pdbx_stereochem_target_val_spec_case     ? 
_refine.pdbx_overall_ESU_R                       ? 
_refine.pdbx_overall_ESU_R_Free                  ? 
_refine.pdbx_solvent_vdw_probe_radii             ? 
_refine.pdbx_solvent_ion_probe_radii             ? 
_refine.pdbx_solvent_shrinkage_radii             ? 
_refine.pdbx_real_space_R                        ? 
_refine.pdbx_density_correlation                 ? 
_refine.pdbx_pd_number_of_powder_patterns        ? 
_refine.pdbx_pd_number_of_points                 ? 
_refine.pdbx_pd_meas_number_of_points            ? 
_refine.pdbx_pd_proc_ls_prof_R_factor            ? 
_refine.pdbx_pd_proc_ls_prof_wR_factor           ? 
_refine.pdbx_pd_Marquardt_correlation_coeff      ? 
_refine.pdbx_pd_Fsqrd_R_factor                   ? 
_refine.pdbx_pd_ls_matrix_band_width             ? 
_refine.pdbx_overall_phase_error                 ? 
_refine.pdbx_overall_SU_R_free_Cruickshank_DPI   0.100 
_refine.pdbx_overall_SU_R_free_Blow_DPI          0.106 
_refine.pdbx_overall_SU_R_Blow_DPI               0.116 
_refine.pdbx_TLS_residual_ADP_flag               ? 
_refine.pdbx_diffrn_id                           1 
_refine.overall_SU_B                             ? 
_refine.overall_SU_ML                            ? 
_refine.overall_SU_R_Cruickshank_DPI             0.105 
_refine.overall_SU_R_free                        ? 
_refine.overall_FOM_free_R_set                   ? 
_refine.overall_FOM_work_R_set                   ? 
_refine.pdbx_average_fsc_overall                 ? 
_refine.pdbx_average_fsc_work                    ? 
_refine.pdbx_average_fsc_free                    ? 
# 
_refine_analyze.entry_id                        6I31 
_refine_analyze.pdbx_refine_id                  'X-RAY DIFFRACTION' 
_refine_analyze.Luzzati_coordinate_error_free   ? 
_refine_analyze.Luzzati_coordinate_error_obs    0.24 
_refine_analyze.Luzzati_d_res_low_free          ? 
_refine_analyze.Luzzati_d_res_low_obs           ? 
_refine_analyze.Luzzati_sigma_a_free            ? 
_refine_analyze.Luzzati_sigma_a_free_details    ? 
_refine_analyze.Luzzati_sigma_a_obs             ? 
_refine_analyze.Luzzati_sigma_a_obs_details     ? 
_refine_analyze.number_disordered_residues      ? 
_refine_analyze.occupancy_sum_hydrogen          ? 
_refine_analyze.occupancy_sum_non_hydrogen      ? 
_refine_analyze.RG_d_res_high                   ? 
_refine_analyze.RG_d_res_low                    ? 
_refine_analyze.RG_free                         ? 
_refine_analyze.RG_work                         ? 
_refine_analyze.RG_free_work_ratio              ? 
_refine_analyze.pdbx_Luzzati_d_res_high_obs     ? 
# 
_refine_hist.pdbx_refine_id                   'X-RAY DIFFRACTION' 
_refine_hist.cycle_id                         1 
_refine_hist.pdbx_number_atoms_protein        729 
_refine_hist.pdbx_number_atoms_nucleic_acid   0 
_refine_hist.pdbx_number_atoms_ligand         1 
_refine_hist.number_atoms_solvent             97 
_refine_hist.number_atoms_total               827 
_refine_hist.d_res_high                       1.79 
_refine_hist.d_res_low                        14.40 
# 
loop_
_refine_ls_restr.pdbx_refine_id 
_refine_ls_restr.criterion 
_refine_ls_restr.dev_ideal 
_refine_ls_restr.dev_ideal_target 
_refine_ls_restr.number 
_refine_ls_restr.rejects 
_refine_ls_restr.type 
_refine_ls_restr.weight 
_refine_ls_restr.pdbx_restraint_function 
'X-RAY DIFFRACTION' ? 0.010 ? 739 ? t_bond_d                  2.00  HARMONIC     
'X-RAY DIFFRACTION' ? 1.13  ? 991 ? t_angle_deg               2.00  HARMONIC     
'X-RAY DIFFRACTION' ? ?     ? 259 ? t_dihedral_angle_d        2.00  SINUSOIDAL   
'X-RAY DIFFRACTION' ? ?     ? ?   ? t_incorr_chiral_ct        ?     ?            
'X-RAY DIFFRACTION' ? ?     ? ?   ? t_pseud_angle             ?     ?            
'X-RAY DIFFRACTION' ? ?     ? ?   ? t_trig_c_planes           ?     ?            
'X-RAY DIFFRACTION' ? ?     ? 135 ? t_gen_planes              5.00  HARMONIC     
'X-RAY DIFFRACTION' ? ?     ? 739 ? t_it                      20.00 HARMONIC     
'X-RAY DIFFRACTION' ? ?     ? 0   ? t_nbd                     5.00  SEMIHARMONIC 
'X-RAY DIFFRACTION' ? 3.28  ? ?   ? t_omega_torsion           ?     ?            
'X-RAY DIFFRACTION' ? 18.98 ? ?   ? t_other_torsion           ?     ?            
'X-RAY DIFFRACTION' ? ?     ? ?   ? t_improper_torsion        ?     ?            
'X-RAY DIFFRACTION' ? ?     ? 90  ? t_chiral_improper_torsion 5.00  SEMIHARMONIC 
'X-RAY DIFFRACTION' ? ?     ? ?   ? t_sum_occupancies         ?     ?            
'X-RAY DIFFRACTION' ? ?     ? ?   ? t_utility_distance        ?     ?            
'X-RAY DIFFRACTION' ? ?     ? ?   ? t_utility_angle           ?     ?            
'X-RAY DIFFRACTION' ? ?     ? ?   ? t_utility_torsion         ?     ?            
'X-RAY DIFFRACTION' ? ?     ? 904 ? t_ideal_dist_contact      4.00  SEMIHARMONIC 
# 
_refine_ls_shell.pdbx_refine_id                   'X-RAY DIFFRACTION' 
_refine_ls_shell.d_res_high                       1.79 
_refine_ls_shell.d_res_low                        1.97 
_refine_ls_shell.number_reflns_all                2790 
_refine_ls_shell.number_reflns_obs                ? 
_refine_ls_shell.number_reflns_R_free             157 
_refine_ls_shell.number_reflns_R_work             2633 
_refine_ls_shell.percent_reflns_obs               98.48 
_refine_ls_shell.percent_reflns_R_free            5.63 
_refine_ls_shell.R_factor_all                     0.1955 
_refine_ls_shell.R_factor_obs                     ? 
_refine_ls_shell.R_factor_R_free                  0.2313 
_refine_ls_shell.R_factor_R_free_error            ? 
_refine_ls_shell.R_factor_R_work                  0.1935 
_refine_ls_shell.redundancy_reflns_all            ? 
_refine_ls_shell.redundancy_reflns_obs            ? 
_refine_ls_shell.wR_factor_all                    ? 
_refine_ls_shell.wR_factor_obs                    ? 
_refine_ls_shell.wR_factor_R_free                 ? 
_refine_ls_shell.wR_factor_R_work                 ? 
_refine_ls_shell.pdbx_total_number_of_bins_used   6 
_refine_ls_shell.pdbx_phase_error                 ? 
_refine_ls_shell.pdbx_fsc_work                    ? 
_refine_ls_shell.pdbx_fsc_free                    ? 
# 
_struct.entry_id                     6I31 
_struct.title                        'Crystal structure of the tick chemokine-binding protein Evasin-3' 
_struct.pdbx_model_details           ? 
_struct.pdbx_formula_weight          ? 
_struct.pdbx_formula_weight_method   ? 
_struct.pdbx_model_type_details      ? 
_struct.pdbx_CASP_flag               N 
# 
_struct_keywords.entry_id        6I31 
_struct_keywords.text            'chemokine-binding tick evasin saliva, PEPTIDE BINDING PROTEIN' 
_struct_keywords.pdbx_keywords   'PEPTIDE BINDING PROTEIN' 
# 
loop_
_struct_asym.id 
_struct_asym.pdbx_blank_PDB_chainid_flag 
_struct_asym.pdbx_modified 
_struct_asym.entity_id 
_struct_asym.details 
A N N 1 ? 
B N N 1 ? 
C N N 2 ? 
D N N 3 ? 
E N N 3 ? 
# 
_struct_ref.id                         1 
_struct_ref.db_name                    UNP 
_struct_ref.db_code                    EVA3_RHISA 
_struct_ref.pdbx_db_accession          P0C8E8 
_struct_ref.pdbx_db_isoform            ? 
_struct_ref.entity_id                  1 
_struct_ref.pdbx_seq_one_letter_code   LVSTIESRTSGDGADNFDVVSCNKNCTSGQNECPEGCFCGLLGQNKKGHCYKIIGNLSGEPPVVRR 
_struct_ref.pdbx_align_begin           21 
# 
loop_
_struct_ref_seq.align_id 
_struct_ref_seq.ref_id 
_struct_ref_seq.pdbx_PDB_id_code 
_struct_ref_seq.pdbx_strand_id 
_struct_ref_seq.seq_align_beg 
_struct_ref_seq.pdbx_seq_align_beg_ins_code 
_struct_ref_seq.seq_align_end 
_struct_ref_seq.pdbx_seq_align_end_ins_code 
_struct_ref_seq.pdbx_db_accession 
_struct_ref_seq.db_align_beg 
_struct_ref_seq.pdbx_db_align_beg_ins_code 
_struct_ref_seq.db_align_end 
_struct_ref_seq.pdbx_db_align_end_ins_code 
_struct_ref_seq.pdbx_auth_seq_align_beg 
_struct_ref_seq.pdbx_auth_seq_align_end 
1 1 6I31 A 1 ? 66 ? P0C8E8 21 ? 86 ? 1 66 
2 1 6I31 B 1 ? 66 ? P0C8E8 21 ? 86 ? 1 66 
# 
loop_
_pdbx_struct_assembly.id 
_pdbx_struct_assembly.details 
_pdbx_struct_assembly.method_details 
_pdbx_struct_assembly.oligomeric_details 
_pdbx_struct_assembly.oligomeric_count 
1 author_defined_assembly ? monomeric 1 
2 author_defined_assembly ? monomeric 1 
# 
loop_
_pdbx_struct_assembly_gen.assembly_id 
_pdbx_struct_assembly_gen.oper_expression 
_pdbx_struct_assembly_gen.asym_id_list 
1 1 A,C,D 
2 1 B,E   
# 
_pdbx_struct_assembly_auth_evidence.id                     1 
_pdbx_struct_assembly_auth_evidence.assembly_id            1 
_pdbx_struct_assembly_auth_evidence.experimental_support   'gel filtration' 
_pdbx_struct_assembly_auth_evidence.details                ? 
# 
_pdbx_struct_oper_list.id                   1 
_pdbx_struct_oper_list.type                 'identity operation' 
_pdbx_struct_oper_list.name                 1_555 
_pdbx_struct_oper_list.symmetry_operation   x,y,z 
_pdbx_struct_oper_list.matrix[1][1]         1.0000000000 
_pdbx_struct_oper_list.matrix[1][2]         0.0000000000 
_pdbx_struct_oper_list.matrix[1][3]         0.0000000000 
_pdbx_struct_oper_list.vector[1]            0.0000000000 
_pdbx_struct_oper_list.matrix[2][1]         0.0000000000 
_pdbx_struct_oper_list.matrix[2][2]         1.0000000000 
_pdbx_struct_oper_list.matrix[2][3]         0.0000000000 
_pdbx_struct_oper_list.vector[2]            0.0000000000 
_pdbx_struct_oper_list.matrix[3][1]         0.0000000000 
_pdbx_struct_oper_list.matrix[3][2]         0.0000000000 
_pdbx_struct_oper_list.matrix[3][3]         1.0000000000 
_pdbx_struct_oper_list.vector[3]            0.0000000000 
# 
loop_
_struct_conf.conf_type_id 
_struct_conf.id 
_struct_conf.pdbx_PDB_helix_id 
_struct_conf.beg_label_comp_id 
_struct_conf.beg_label_asym_id 
_struct_conf.beg_label_seq_id 
_struct_conf.pdbx_beg_PDB_ins_code 
_struct_conf.end_label_comp_id 
_struct_conf.end_label_asym_id 
_struct_conf.end_label_seq_id 
_struct_conf.pdbx_end_PDB_ins_code 
_struct_conf.beg_auth_comp_id 
_struct_conf.beg_auth_asym_id 
_struct_conf.beg_auth_seq_id 
_struct_conf.end_auth_comp_id 
_struct_conf.end_auth_asym_id 
_struct_conf.end_auth_seq_id 
_struct_conf.pdbx_PDB_helix_class 
_struct_conf.details 
_struct_conf.pdbx_PDB_helix_length 
HELX_P HELX_P1 AA1 GLY A 13 ? ASP A 15 ? GLY A 13 ASP A 15 5 ? 3 
HELX_P HELX_P2 AA2 GLY B 13 ? ASP B 15 ? GLY B 13 ASP B 15 5 ? 3 
# 
_struct_conf_type.id          HELX_P 
_struct_conf_type.criteria    ? 
_struct_conf_type.reference   ? 
# 
loop_
_struct_conn.id 
_struct_conn.conn_type_id 
_struct_conn.pdbx_leaving_atom_flag 
_struct_conn.pdbx_PDB_id 
_struct_conn.ptnr1_label_asym_id 
_struct_conn.ptnr1_label_comp_id 
_struct_conn.ptnr1_label_seq_id 
_struct_conn.ptnr1_label_atom_id 
_struct_conn.pdbx_ptnr1_label_alt_id 
_struct_conn.pdbx_ptnr1_PDB_ins_code 
_struct_conn.pdbx_ptnr1_standard_comp_id 
_struct_conn.ptnr1_symmetry 
_struct_conn.ptnr2_label_asym_id 
_struct_conn.ptnr2_label_comp_id 
_struct_conn.ptnr2_label_seq_id 
_struct_conn.ptnr2_label_atom_id 
_struct_conn.pdbx_ptnr2_label_alt_id 
_struct_conn.pdbx_ptnr2_PDB_ins_code 
_struct_conn.ptnr1_auth_asym_id 
_struct_conn.ptnr1_auth_comp_id 
_struct_conn.ptnr1_auth_seq_id 
_struct_conn.ptnr2_auth_asym_id 
_struct_conn.ptnr2_auth_comp_id 
_struct_conn.ptnr2_auth_seq_id 
_struct_conn.ptnr2_symmetry 
_struct_conn.pdbx_ptnr3_label_atom_id 
_struct_conn.pdbx_ptnr3_label_seq_id 
_struct_conn.pdbx_ptnr3_label_comp_id 
_struct_conn.pdbx_ptnr3_label_asym_id 
_struct_conn.pdbx_ptnr3_label_alt_id 
_struct_conn.pdbx_ptnr3_PDB_ins_code 
_struct_conn.details 
_struct_conn.pdbx_dist_value 
_struct_conn.pdbx_value_order 
_struct_conn.pdbx_role 
disulf1 disulf ? ? A CYS 22 SG  ? ? ? 1_555 A CYS 37 SG ? ? A CYS 22  A CYS 37  1_555 ? ? ? ? ? ? ? 2.342 ? ? 
disulf2 disulf ? ? A CYS 26 SG  ? ? ? 1_555 A CYS 39 SG ? ? A CYS 26  A CYS 39  1_555 ? ? ? ? ? ? ? 2.304 ? ? 
disulf3 disulf ? ? A CYS 33 SG  ? ? ? 1_555 A CYS 50 SG ? ? A CYS 33  A CYS 50  1_555 ? ? ? ? ? ? ? 2.258 ? ? 
disulf4 disulf ? ? B CYS 22 SG  ? ? ? 1_555 B CYS 37 SG ? ? B CYS 22  B CYS 37  1_555 ? ? ? ? ? ? ? 2.352 ? ? 
disulf5 disulf ? ? B CYS 26 SG  ? ? ? 1_555 B CYS 39 SG ? ? B CYS 26  B CYS 39  1_555 ? ? ? ? ? ? ? 2.579 ? ? 
disulf6 disulf ? ? B CYS 33 SG  ? ? ? 1_555 B CYS 50 SG ? ? B CYS 33  B CYS 50  1_555 ? ? ? ? ? ? ? 2.420 ? ? 
metalc1 metalc ? ? A GLY 36 O   ? ? ? 1_555 C CD  .  CD ? ? A GLY 36  A CD  101 4_555 ? ? ? ? ? ? ? 2.350 ? ? 
metalc2 metalc ? ? A LEU 57 O   ? ? ? 1_555 C CD  .  CD ? ? A LEU 57  A CD  101 1_555 ? ? ? ? ? ? ? 2.261 ? ? 
metalc3 metalc ? ? A GLU 60 OE1 ? ? ? 1_555 C CD  .  CD ? ? A GLU 60  A CD  101 1_555 ? ? ? ? ? ? ? 2.238 ? ? 
metalc4 metalc ? ? A GLU 60 OE2 ? ? ? 1_555 C CD  .  CD ? ? A GLU 60  A CD  101 1_555 ? ? ? ? ? ? ? 2.476 ? ? 
metalc5 metalc ? ? C CD  .  CD  ? ? ? 1_555 D HOH .  O  ? ? A CD  101 A HOH 206 4_555 ? ? ? ? ? ? ? 2.440 ? ? 
metalc6 metalc ? ? C CD  .  CD  ? ? ? 1_555 D HOH .  O  ? ? A CD  101 A HOH 254 6_655 ? ? ? ? ? ? ? 2.416 ? ? 
# 
loop_
_struct_conn_type.id 
_struct_conn_type.criteria 
_struct_conn_type.reference 
disulf ? ? 
metalc ? ? 
# 
loop_
_pdbx_struct_conn_angle.id 
_pdbx_struct_conn_angle.ptnr1_label_atom_id 
_pdbx_struct_conn_angle.ptnr1_label_alt_id 
_pdbx_struct_conn_angle.ptnr1_label_asym_id 
_pdbx_struct_conn_angle.ptnr1_label_comp_id 
_pdbx_struct_conn_angle.ptnr1_label_seq_id 
_pdbx_struct_conn_angle.ptnr1_auth_atom_id 
_pdbx_struct_conn_angle.ptnr1_auth_asym_id 
_pdbx_struct_conn_angle.ptnr1_auth_comp_id 
_pdbx_struct_conn_angle.ptnr1_auth_seq_id 
_pdbx_struct_conn_angle.ptnr1_PDB_ins_code 
_pdbx_struct_conn_angle.ptnr1_symmetry 
_pdbx_struct_conn_angle.ptnr2_label_atom_id 
_pdbx_struct_conn_angle.ptnr2_label_alt_id 
_pdbx_struct_conn_angle.ptnr2_label_asym_id 
_pdbx_struct_conn_angle.ptnr2_label_comp_id 
_pdbx_struct_conn_angle.ptnr2_label_seq_id 
_pdbx_struct_conn_angle.ptnr2_auth_atom_id 
_pdbx_struct_conn_angle.ptnr2_auth_asym_id 
_pdbx_struct_conn_angle.ptnr2_auth_comp_id 
_pdbx_struct_conn_angle.ptnr2_auth_seq_id 
_pdbx_struct_conn_angle.ptnr2_PDB_ins_code 
_pdbx_struct_conn_angle.ptnr2_symmetry 
_pdbx_struct_conn_angle.ptnr3_label_atom_id 
_pdbx_struct_conn_angle.ptnr3_label_alt_id 
_pdbx_struct_conn_angle.ptnr3_label_asym_id 
_pdbx_struct_conn_angle.ptnr3_label_comp_id 
_pdbx_struct_conn_angle.ptnr3_label_seq_id 
_pdbx_struct_conn_angle.ptnr3_auth_atom_id 
_pdbx_struct_conn_angle.ptnr3_auth_asym_id 
_pdbx_struct_conn_angle.ptnr3_auth_comp_id 
_pdbx_struct_conn_angle.ptnr3_auth_seq_id 
_pdbx_struct_conn_angle.ptnr3_PDB_ins_code 
_pdbx_struct_conn_angle.ptnr3_symmetry 
_pdbx_struct_conn_angle.value 
_pdbx_struct_conn_angle.value_esd 
1  O   ? A GLY 36 ? A GLY 36  ? 1_555 CD ? C CD . ? A CD 101 ? 4_555 O   ? A LEU 57 ? A LEU 57  ? 1_555 125.7 ? 
2  O   ? A GLY 36 ? A GLY 36  ? 1_555 CD ? C CD . ? A CD 101 ? 4_555 OE1 ? A GLU 60 ? A GLU 60  ? 1_555 118.1 ? 
3  O   ? A LEU 57 ? A LEU 57  ? 1_555 CD ? C CD . ? A CD 101 ? 4_555 OE1 ? A GLU 60 ? A GLU 60  ? 1_555 8.9   ? 
4  O   ? A GLY 36 ? A GLY 36  ? 1_555 CD ? C CD . ? A CD 101 ? 4_555 OE2 ? A GLU 60 ? A GLU 60  ? 1_555 121.4 ? 
5  O   ? A LEU 57 ? A LEU 57  ? 1_555 CD ? C CD . ? A CD 101 ? 4_555 OE2 ? A GLU 60 ? A GLU 60  ? 1_555 4.5   ? 
6  OE1 ? A GLU 60 ? A GLU 60  ? 1_555 CD ? C CD . ? A CD 101 ? 4_555 OE2 ? A GLU 60 ? A GLU 60  ? 1_555 4.6   ? 
7  O   ? A GLY 36 ? A GLY 36  ? 1_555 CD ? C CD . ? A CD 101 ? 4_555 O   ? D HOH .  ? A HOH 206 ? 4_555 115.3 ? 
8  O   ? A LEU 57 ? A LEU 57  ? 1_555 CD ? C CD . ? A CD 101 ? 4_555 O   ? D HOH .  ? A HOH 206 ? 4_555 10.8  ? 
9  OE1 ? A GLU 60 ? A GLU 60  ? 1_555 CD ? C CD . ? A CD 101 ? 4_555 O   ? D HOH .  ? A HOH 206 ? 4_555 8.3   ? 
10 OE2 ? A GLU 60 ? A GLU 60  ? 1_555 CD ? C CD . ? A CD 101 ? 4_555 O   ? D HOH .  ? A HOH 206 ? 4_555 7.6   ? 
11 O   ? A GLY 36 ? A GLY 36  ? 1_555 CD ? C CD . ? A CD 101 ? 4_555 O   ? D HOH .  ? A HOH 254 ? 6_655 120.0 ? 
12 O   ? A LEU 57 ? A LEU 57  ? 1_555 CD ? C CD . ? A CD 101 ? 4_555 O   ? D HOH .  ? A HOH 254 ? 6_655 11.1  ? 
13 OE1 ? A GLU 60 ? A GLU 60  ? 1_555 CD ? C CD . ? A CD 101 ? 4_555 O   ? D HOH .  ? A HOH 254 ? 6_655 14.9  ? 
14 OE2 ? A GLU 60 ? A GLU 60  ? 1_555 CD ? C CD . ? A CD 101 ? 4_555 O   ? D HOH .  ? A HOH 254 ? 6_655 11.5  ? 
15 O   ? D HOH .  ? A HOH 206 ? 4_555 CD ? C CD . ? A CD 101 ? 4_555 O   ? D HOH .  ? A HOH 254 ? 6_655 8.6   ? 
# 
loop_
_pdbx_modification_feature.ordinal 
_pdbx_modification_feature.label_comp_id 
_pdbx_modification_feature.label_asym_id 
_pdbx_modification_feature.label_seq_id 
_pdbx_modification_feature.label_alt_id 
_pdbx_modification_feature.modified_residue_label_comp_id 
_pdbx_modification_feature.modified_residue_label_asym_id 
_pdbx_modification_feature.modified_residue_label_seq_id 
_pdbx_modification_feature.modified_residue_label_alt_id 
_pdbx_modification_feature.auth_comp_id 
_pdbx_modification_feature.auth_asym_id 
_pdbx_modification_feature.auth_seq_id 
_pdbx_modification_feature.PDB_ins_code 
_pdbx_modification_feature.symmetry 
_pdbx_modification_feature.modified_residue_auth_comp_id 
_pdbx_modification_feature.modified_residue_auth_asym_id 
_pdbx_modification_feature.modified_residue_auth_seq_id 
_pdbx_modification_feature.modified_residue_PDB_ins_code 
_pdbx_modification_feature.modified_residue_symmetry 
_pdbx_modification_feature.comp_id_linking_atom 
_pdbx_modification_feature.modified_residue_id_linking_atom 
_pdbx_modification_feature.modified_residue_id 
_pdbx_modification_feature.ref_pcm_id 
_pdbx_modification_feature.ref_comp_id 
_pdbx_modification_feature.type 
_pdbx_modification_feature.category 
1 CYS A 22 ? CYS A 37 ? CYS A 22 ? 1_555 CYS A 37 ? 1_555 SG SG . . . None 'Disulfide bridge' 
2 CYS A 26 ? CYS A 39 ? CYS A 26 ? 1_555 CYS A 39 ? 1_555 SG SG . . . None 'Disulfide bridge' 
3 CYS A 33 ? CYS A 50 ? CYS A 33 ? 1_555 CYS A 50 ? 1_555 SG SG . . . None 'Disulfide bridge' 
4 CYS B 22 ? CYS B 37 ? CYS B 22 ? 1_555 CYS B 37 ? 1_555 SG SG . . . None 'Disulfide bridge' 
5 CYS B 26 ? CYS B 39 ? CYS B 26 ? 1_555 CYS B 39 ? 1_555 SG SG . . . None 'Disulfide bridge' 
6 CYS B 33 ? CYS B 50 ? CYS B 33 ? 1_555 CYS B 50 ? 1_555 SG SG . . . None 'Disulfide bridge' 
# 
loop_
_struct_sheet.id 
_struct_sheet.type 
_struct_sheet.number_strands 
_struct_sheet.details 
AA1 ? 3 ? 
AA2 ? 3 ? 
# 
loop_
_struct_sheet_order.sheet_id 
_struct_sheet_order.range_id_1 
_struct_sheet_order.range_id_2 
_struct_sheet_order.offset 
_struct_sheet_order.sense 
AA1 1 2 ? anti-parallel 
AA1 2 3 ? anti-parallel 
AA2 1 2 ? anti-parallel 
AA2 2 3 ? anti-parallel 
# 
loop_
_struct_sheet_range.sheet_id 
_struct_sheet_range.id 
_struct_sheet_range.beg_label_comp_id 
_struct_sheet_range.beg_label_asym_id 
_struct_sheet_range.beg_label_seq_id 
_struct_sheet_range.pdbx_beg_PDB_ins_code 
_struct_sheet_range.end_label_comp_id 
_struct_sheet_range.end_label_asym_id 
_struct_sheet_range.end_label_seq_id 
_struct_sheet_range.pdbx_end_PDB_ins_code 
_struct_sheet_range.beg_auth_comp_id 
_struct_sheet_range.beg_auth_asym_id 
_struct_sheet_range.beg_auth_seq_id 
_struct_sheet_range.end_auth_comp_id 
_struct_sheet_range.end_auth_asym_id 
_struct_sheet_range.end_auth_seq_id 
AA1 1 PHE A 17 ? THR A 27 ? PHE A 17 THR A 27 
AA1 2 LYS A 47 ? GLY A 55 ? LYS A 47 GLY A 55 
AA1 3 PHE A 38 ? GLY A 40 ? PHE A 38 GLY A 40 
AA2 1 PHE B 17 ? THR B 27 ? PHE B 17 THR B 27 
AA2 2 LYS B 47 ? GLY B 55 ? LYS B 47 GLY B 55 
AA2 3 PHE B 38 ? GLY B 40 ? PHE B 38 GLY B 40 
# 
loop_
_pdbx_struct_sheet_hbond.sheet_id 
_pdbx_struct_sheet_hbond.range_id_1 
_pdbx_struct_sheet_hbond.range_id_2 
_pdbx_struct_sheet_hbond.range_1_label_atom_id 
_pdbx_struct_sheet_hbond.range_1_label_comp_id 
_pdbx_struct_sheet_hbond.range_1_label_asym_id 
_pdbx_struct_sheet_hbond.range_1_label_seq_id 
_pdbx_struct_sheet_hbond.range_1_PDB_ins_code 
_pdbx_struct_sheet_hbond.range_1_auth_atom_id 
_pdbx_struct_sheet_hbond.range_1_auth_comp_id 
_pdbx_struct_sheet_hbond.range_1_auth_asym_id 
_pdbx_struct_sheet_hbond.range_1_auth_seq_id 
_pdbx_struct_sheet_hbond.range_2_label_atom_id 
_pdbx_struct_sheet_hbond.range_2_label_comp_id 
_pdbx_struct_sheet_hbond.range_2_label_asym_id 
_pdbx_struct_sheet_hbond.range_2_label_seq_id 
_pdbx_struct_sheet_hbond.range_2_PDB_ins_code 
_pdbx_struct_sheet_hbond.range_2_auth_atom_id 
_pdbx_struct_sheet_hbond.range_2_auth_comp_id 
_pdbx_struct_sheet_hbond.range_2_auth_asym_id 
_pdbx_struct_sheet_hbond.range_2_auth_seq_id 
AA1 1 2 N VAL A 20 ? N VAL A 20 O LYS A 52 ? O LYS A 52 
AA1 2 3 O HIS A 49 ? O HIS A 49 N GLY A 40 ? N GLY A 40 
AA2 1 2 N LYS B 24 ? N LYS B 24 O CYS B 50 ? O CYS B 50 
AA2 2 3 O TYR B 51 ? O TYR B 51 N PHE B 38 ? N PHE B 38 
# 
_struct_site.id                   AC1 
_struct_site.pdbx_evidence_code   Software 
_struct_site.pdbx_auth_asym_id    A 
_struct_site.pdbx_auth_comp_id    CD 
_struct_site.pdbx_auth_seq_id     101 
_struct_site.pdbx_auth_ins_code   ? 
_struct_site.pdbx_num_residues    6 
_struct_site.details              'binding site for residue CD A 101' 
# 
loop_
_struct_site_gen.id 
_struct_site_gen.site_id 
_struct_site_gen.pdbx_num_res 
_struct_site_gen.label_comp_id 
_struct_site_gen.label_asym_id 
_struct_site_gen.label_seq_id 
_struct_site_gen.pdbx_auth_ins_code 
_struct_site_gen.auth_comp_id 
_struct_site_gen.auth_asym_id 
_struct_site_gen.auth_seq_id 
_struct_site_gen.label_atom_id 
_struct_site_gen.label_alt_id 
_struct_site_gen.symmetry 
_struct_site_gen.details 
1 AC1 6 GLY A 36 ? GLY A 36  . ? 4_555 ? 
2 AC1 6 LEU A 57 ? LEU A 57  . ? 1_555 ? 
3 AC1 6 SER A 58 ? SER A 58  . ? 1_555 ? 
4 AC1 6 GLU A 60 ? GLU A 60  . ? 1_555 ? 
5 AC1 6 HOH D .  ? HOH A 206 . ? 4_555 ? 
6 AC1 6 HOH D .  ? HOH A 254 . ? 6_655 ? 
# 
_pdbx_entry_details.entry_id                   6I31 
_pdbx_entry_details.compound_details           ? 
_pdbx_entry_details.source_details             ? 
_pdbx_entry_details.nonpolymer_details         ? 
_pdbx_entry_details.sequence_details           ? 
_pdbx_entry_details.has_ligand_of_interest     ? 
_pdbx_entry_details.has_protein_modification   Y 
# 
_pdbx_validate_torsion.id              1 
_pdbx_validate_torsion.PDB_model_num   1 
_pdbx_validate_torsion.auth_comp_id    ASN 
_pdbx_validate_torsion.auth_asym_id    B 
_pdbx_validate_torsion.auth_seq_id     31 
_pdbx_validate_torsion.PDB_ins_code    ? 
_pdbx_validate_torsion.label_alt_id    ? 
_pdbx_validate_torsion.phi             -108.23 
_pdbx_validate_torsion.psi             44.29 
# 
loop_
_pdbx_refine_tls.pdbx_refine_id 
_pdbx_refine_tls.id 
_pdbx_refine_tls.details 
_pdbx_refine_tls.method 
_pdbx_refine_tls.origin_x 
_pdbx_refine_tls.origin_y 
_pdbx_refine_tls.origin_z 
_pdbx_refine_tls.T[1][1] 
_pdbx_refine_tls.T[2][2] 
_pdbx_refine_tls.T[3][3] 
_pdbx_refine_tls.T[1][2] 
_pdbx_refine_tls.T[1][3] 
_pdbx_refine_tls.T[2][3] 
_pdbx_refine_tls.L[1][1] 
_pdbx_refine_tls.L[2][2] 
_pdbx_refine_tls.L[3][3] 
_pdbx_refine_tls.L[1][2] 
_pdbx_refine_tls.L[1][3] 
_pdbx_refine_tls.L[2][3] 
_pdbx_refine_tls.S[1][1] 
_pdbx_refine_tls.S[1][2] 
_pdbx_refine_tls.S[1][3] 
_pdbx_refine_tls.S[2][1] 
_pdbx_refine_tls.S[2][2] 
_pdbx_refine_tls.S[2][3] 
_pdbx_refine_tls.S[3][1] 
_pdbx_refine_tls.S[3][2] 
_pdbx_refine_tls.S[3][3] 
'X-RAY DIFFRACTION' 1 ? refined 2.9246  -5.4530 -2.4885 -0.0218 0.0384  -0.0028 -0.0146 -0.0175 -0.0135 4.5303 0.7752 0.0684 0.7538 0.7002 0.0015 0.1601  -0.0306 -0.1972 -0.0394 -0.0811 0.0305 0.0354  0.0193  -0.0791 
'X-RAY DIFFRACTION' 2 ? refined -2.7259 6.2350  2.8900  -0.0560 -0.0185 0.0222  0.0849  0.0183  -0.0326 5.8861 3.9857 6.8581 2.3813 3.3374 0.2376 -0.1330 -0.2859 0.5249  0.1494  0.2294  0.4164 -0.3390 -0.1506 -0.0963 
# 
loop_
_pdbx_refine_tls_group.pdbx_refine_id 
_pdbx_refine_tls_group.id 
_pdbx_refine_tls_group.refine_tls_id 
_pdbx_refine_tls_group.beg_auth_asym_id 
_pdbx_refine_tls_group.beg_auth_seq_id 
_pdbx_refine_tls_group.beg_label_asym_id 
_pdbx_refine_tls_group.beg_label_seq_id 
_pdbx_refine_tls_group.end_auth_asym_id 
_pdbx_refine_tls_group.end_auth_seq_id 
_pdbx_refine_tls_group.end_label_asym_id 
_pdbx_refine_tls_group.end_label_seq_id 
_pdbx_refine_tls_group.selection 
_pdbx_refine_tls_group.selection_details 
'X-RAY DIFFRACTION' 1 1 ? ? ? ? ? ? ? ? ? '{ A|* }' 
'X-RAY DIFFRACTION' 2 2 ? ? ? ? ? ? ? ? ? '{ B|* }' 
# 
loop_
_pdbx_unobs_or_zero_occ_residues.id 
_pdbx_unobs_or_zero_occ_residues.PDB_model_num 
_pdbx_unobs_or_zero_occ_residues.polymer_flag 
_pdbx_unobs_or_zero_occ_residues.occupancy_flag 
_pdbx_unobs_or_zero_occ_residues.auth_asym_id 
_pdbx_unobs_or_zero_occ_residues.auth_comp_id 
_pdbx_unobs_or_zero_occ_residues.auth_seq_id 
_pdbx_unobs_or_zero_occ_residues.PDB_ins_code 
_pdbx_unobs_or_zero_occ_residues.label_asym_id 
_pdbx_unobs_or_zero_occ_residues.label_comp_id 
_pdbx_unobs_or_zero_occ_residues.label_seq_id 
1  1 Y 1 A LEU 1  ? A LEU 1  
2  1 Y 1 A VAL 2  ? A VAL 2  
3  1 Y 1 A SER 3  ? A SER 3  
4  1 Y 1 A THR 4  ? A THR 4  
5  1 Y 1 A ILE 5  ? A ILE 5  
6  1 Y 1 A GLU 6  ? A GLU 6  
7  1 Y 1 A SER 7  ? A SER 7  
8  1 Y 1 A ARG 8  ? A ARG 8  
9  1 Y 1 A THR 9  ? A THR 9  
10 1 Y 1 A SER 10 ? A SER 10 
11 1 Y 1 A GLY 11 ? A GLY 11 
12 1 Y 1 A ASP 12 ? A ASP 12 
13 1 Y 1 B LEU 1  ? B LEU 1  
14 1 Y 1 B VAL 2  ? B VAL 2  
15 1 Y 1 B SER 3  ? B SER 3  
16 1 Y 1 B THR 4  ? B THR 4  
17 1 Y 1 B ILE 5  ? B ILE 5  
18 1 Y 1 B GLU 6  ? B GLU 6  
19 1 Y 1 B SER 7  ? B SER 7  
20 1 Y 1 B ARG 8  ? B ARG 8  
21 1 Y 1 B THR 9  ? B THR 9  
22 1 Y 1 B SER 10 ? B SER 10 
23 1 Y 1 B GLY 11 ? B GLY 11 
24 1 Y 1 B LEU 57 ? B LEU 57 
25 1 Y 1 B SER 58 ? B SER 58 
26 1 Y 1 B GLY 59 ? B GLY 59 
27 1 Y 1 B GLU 60 ? B GLU 60 
28 1 Y 1 B PRO 61 ? B PRO 61 
29 1 Y 1 B PRO 62 ? B PRO 62 
30 1 Y 1 B VAL 63 ? B VAL 63 
31 1 Y 1 B VAL 64 ? B VAL 64 
32 1 Y 1 B ARG 65 ? B ARG 65 
33 1 Y 1 B ARG 66 ? B ARG 66 
# 
loop_
_chem_comp_atom.comp_id 
_chem_comp_atom.atom_id 
_chem_comp_atom.type_symbol 
_chem_comp_atom.pdbx_aromatic_flag 
_chem_comp_atom.pdbx_stereo_config 
_chem_comp_atom.pdbx_ordinal 
ALA N    N  N N 1   
ALA CA   C  N S 2   
ALA C    C  N N 3   
ALA O    O  N N 4   
ALA CB   C  N N 5   
ALA OXT  O  N N 6   
ALA H    H  N N 7   
ALA H2   H  N N 8   
ALA HA   H  N N 9   
ALA HB1  H  N N 10  
ALA HB2  H  N N 11  
ALA HB3  H  N N 12  
ALA HXT  H  N N 13  
ARG N    N  N N 14  
ARG CA   C  N S 15  
ARG C    C  N N 16  
ARG O    O  N N 17  
ARG CB   C  N N 18  
ARG CG   C  N N 19  
ARG CD   C  N N 20  
ARG NE   N  N N 21  
ARG CZ   C  N N 22  
ARG NH1  N  N N 23  
ARG NH2  N  N N 24  
ARG OXT  O  N N 25  
ARG H    H  N N 26  
ARG H2   H  N N 27  
ARG HA   H  N N 28  
ARG HB2  H  N N 29  
ARG HB3  H  N N 30  
ARG HG2  H  N N 31  
ARG HG3  H  N N 32  
ARG HD2  H  N N 33  
ARG HD3  H  N N 34  
ARG HE   H  N N 35  
ARG HH11 H  N N 36  
ARG HH12 H  N N 37  
ARG HH21 H  N N 38  
ARG HH22 H  N N 39  
ARG HXT  H  N N 40  
ASN N    N  N N 41  
ASN CA   C  N S 42  
ASN C    C  N N 43  
ASN O    O  N N 44  
ASN CB   C  N N 45  
ASN CG   C  N N 46  
ASN OD1  O  N N 47  
ASN ND2  N  N N 48  
ASN OXT  O  N N 49  
ASN H    H  N N 50  
ASN H2   H  N N 51  
ASN HA   H  N N 52  
ASN HB2  H  N N 53  
ASN HB3  H  N N 54  
ASN HD21 H  N N 55  
ASN HD22 H  N N 56  
ASN HXT  H  N N 57  
ASP N    N  N N 58  
ASP CA   C  N S 59  
ASP C    C  N N 60  
ASP O    O  N N 61  
ASP CB   C  N N 62  
ASP CG   C  N N 63  
ASP OD1  O  N N 64  
ASP OD2  O  N N 65  
ASP OXT  O  N N 66  
ASP H    H  N N 67  
ASP H2   H  N N 68  
ASP HA   H  N N 69  
ASP HB2  H  N N 70  
ASP HB3  H  N N 71  
ASP HD2  H  N N 72  
ASP HXT  H  N N 73  
CD  CD   CD N N 74  
CYS N    N  N N 75  
CYS CA   C  N R 76  
CYS C    C  N N 77  
CYS O    O  N N 78  
CYS CB   C  N N 79  
CYS SG   S  N N 80  
CYS OXT  O  N N 81  
CYS H    H  N N 82  
CYS H2   H  N N 83  
CYS HA   H  N N 84  
CYS HB2  H  N N 85  
CYS HB3  H  N N 86  
CYS HG   H  N N 87  
CYS HXT  H  N N 88  
GLN N    N  N N 89  
GLN CA   C  N S 90  
GLN C    C  N N 91  
GLN O    O  N N 92  
GLN CB   C  N N 93  
GLN CG   C  N N 94  
GLN CD   C  N N 95  
GLN OE1  O  N N 96  
GLN NE2  N  N N 97  
GLN OXT  O  N N 98  
GLN H    H  N N 99  
GLN H2   H  N N 100 
GLN HA   H  N N 101 
GLN HB2  H  N N 102 
GLN HB3  H  N N 103 
GLN HG2  H  N N 104 
GLN HG3  H  N N 105 
GLN HE21 H  N N 106 
GLN HE22 H  N N 107 
GLN HXT  H  N N 108 
GLU N    N  N N 109 
GLU CA   C  N S 110 
GLU C    C  N N 111 
GLU O    O  N N 112 
GLU CB   C  N N 113 
GLU CG   C  N N 114 
GLU CD   C  N N 115 
GLU OE1  O  N N 116 
GLU OE2  O  N N 117 
GLU OXT  O  N N 118 
GLU H    H  N N 119 
GLU H2   H  N N 120 
GLU HA   H  N N 121 
GLU HB2  H  N N 122 
GLU HB3  H  N N 123 
GLU HG2  H  N N 124 
GLU HG3  H  N N 125 
GLU HE2  H  N N 126 
GLU HXT  H  N N 127 
GLY N    N  N N 128 
GLY CA   C  N N 129 
GLY C    C  N N 130 
GLY O    O  N N 131 
GLY OXT  O  N N 132 
GLY H    H  N N 133 
GLY H2   H  N N 134 
GLY HA2  H  N N 135 
GLY HA3  H  N N 136 
GLY HXT  H  N N 137 
HIS N    N  N N 138 
HIS CA   C  N S 139 
HIS C    C  N N 140 
HIS O    O  N N 141 
HIS CB   C  N N 142 
HIS CG   C  Y N 143 
HIS ND1  N  Y N 144 
HIS CD2  C  Y N 145 
HIS CE1  C  Y N 146 
HIS NE2  N  Y N 147 
HIS OXT  O  N N 148 
HIS H    H  N N 149 
HIS H2   H  N N 150 
HIS HA   H  N N 151 
HIS HB2  H  N N 152 
HIS HB3  H  N N 153 
HIS HD1  H  N N 154 
HIS HD2  H  N N 155 
HIS HE1  H  N N 156 
HIS HE2  H  N N 157 
HIS HXT  H  N N 158 
HOH O    O  N N 159 
HOH H1   H  N N 160 
HOH H2   H  N N 161 
ILE N    N  N N 162 
ILE CA   C  N S 163 
ILE C    C  N N 164 
ILE O    O  N N 165 
ILE CB   C  N S 166 
ILE CG1  C  N N 167 
ILE CG2  C  N N 168 
ILE CD1  C  N N 169 
ILE OXT  O  N N 170 
ILE H    H  N N 171 
ILE H2   H  N N 172 
ILE HA   H  N N 173 
ILE HB   H  N N 174 
ILE HG12 H  N N 175 
ILE HG13 H  N N 176 
ILE HG21 H  N N 177 
ILE HG22 H  N N 178 
ILE HG23 H  N N 179 
ILE HD11 H  N N 180 
ILE HD12 H  N N 181 
ILE HD13 H  N N 182 
ILE HXT  H  N N 183 
LEU N    N  N N 184 
LEU CA   C  N S 185 
LEU C    C  N N 186 
LEU O    O  N N 187 
LEU CB   C  N N 188 
LEU CG   C  N N 189 
LEU CD1  C  N N 190 
LEU CD2  C  N N 191 
LEU OXT  O  N N 192 
LEU H    H  N N 193 
LEU H2   H  N N 194 
LEU HA   H  N N 195 
LEU HB2  H  N N 196 
LEU HB3  H  N N 197 
LEU HG   H  N N 198 
LEU HD11 H  N N 199 
LEU HD12 H  N N 200 
LEU HD13 H  N N 201 
LEU HD21 H  N N 202 
LEU HD22 H  N N 203 
LEU HD23 H  N N 204 
LEU HXT  H  N N 205 
LYS N    N  N N 206 
LYS CA   C  N S 207 
LYS C    C  N N 208 
LYS O    O  N N 209 
LYS CB   C  N N 210 
LYS CG   C  N N 211 
LYS CD   C  N N 212 
LYS CE   C  N N 213 
LYS NZ   N  N N 214 
LYS OXT  O  N N 215 
LYS H    H  N N 216 
LYS H2   H  N N 217 
LYS HA   H  N N 218 
LYS HB2  H  N N 219 
LYS HB3  H  N N 220 
LYS HG2  H  N N 221 
LYS HG3  H  N N 222 
LYS HD2  H  N N 223 
LYS HD3  H  N N 224 
LYS HE2  H  N N 225 
LYS HE3  H  N N 226 
LYS HZ1  H  N N 227 
LYS HZ2  H  N N 228 
LYS HZ3  H  N N 229 
LYS HXT  H  N N 230 
PHE N    N  N N 231 
PHE CA   C  N S 232 
PHE C    C  N N 233 
PHE O    O  N N 234 
PHE CB   C  N N 235 
PHE CG   C  Y N 236 
PHE CD1  C  Y N 237 
PHE CD2  C  Y N 238 
PHE CE1  C  Y N 239 
PHE CE2  C  Y N 240 
PHE CZ   C  Y N 241 
PHE OXT  O  N N 242 
PHE H    H  N N 243 
PHE H2   H  N N 244 
PHE HA   H  N N 245 
PHE HB2  H  N N 246 
PHE HB3  H  N N 247 
PHE HD1  H  N N 248 
PHE HD2  H  N N 249 
PHE HE1  H  N N 250 
PHE HE2  H  N N 251 
PHE HZ   H  N N 252 
PHE HXT  H  N N 253 
PRO N    N  N N 254 
PRO CA   C  N S 255 
PRO C    C  N N 256 
PRO O    O  N N 257 
PRO CB   C  N N 258 
PRO CG   C  N N 259 
PRO CD   C  N N 260 
PRO OXT  O  N N 261 
PRO H    H  N N 262 
PRO HA   H  N N 263 
PRO HB2  H  N N 264 
PRO HB3  H  N N 265 
PRO HG2  H  N N 266 
PRO HG3  H  N N 267 
PRO HD2  H  N N 268 
PRO HD3  H  N N 269 
PRO HXT  H  N N 270 
SER N    N  N N 271 
SER CA   C  N S 272 
SER C    C  N N 273 
SER O    O  N N 274 
SER CB   C  N N 275 
SER OG   O  N N 276 
SER OXT  O  N N 277 
SER H    H  N N 278 
SER H2   H  N N 279 
SER HA   H  N N 280 
SER HB2  H  N N 281 
SER HB3  H  N N 282 
SER HG   H  N N 283 
SER HXT  H  N N 284 
THR N    N  N N 285 
THR CA   C  N S 286 
THR C    C  N N 287 
THR O    O  N N 288 
THR CB   C  N R 289 
THR OG1  O  N N 290 
THR CG2  C  N N 291 
THR OXT  O  N N 292 
THR H    H  N N 293 
THR H2   H  N N 294 
THR HA   H  N N 295 
THR HB   H  N N 296 
THR HG1  H  N N 297 
THR HG21 H  N N 298 
THR HG22 H  N N 299 
THR HG23 H  N N 300 
THR HXT  H  N N 301 
TYR N    N  N N 302 
TYR CA   C  N S 303 
TYR C    C  N N 304 
TYR O    O  N N 305 
TYR CB   C  N N 306 
TYR CG   C  Y N 307 
TYR CD1  C  Y N 308 
TYR CD2  C  Y N 309 
TYR CE1  C  Y N 310 
TYR CE2  C  Y N 311 
TYR CZ   C  Y N 312 
TYR OH   O  N N 313 
TYR OXT  O  N N 314 
TYR H    H  N N 315 
TYR H2   H  N N 316 
TYR HA   H  N N 317 
TYR HB2  H  N N 318 
TYR HB3  H  N N 319 
TYR HD1  H  N N 320 
TYR HD2  H  N N 321 
TYR HE1  H  N N 322 
TYR HE2  H  N N 323 
TYR HH   H  N N 324 
TYR HXT  H  N N 325 
VAL N    N  N N 326 
VAL CA   C  N S 327 
VAL C    C  N N 328 
VAL O    O  N N 329 
VAL CB   C  N N 330 
VAL CG1  C  N N 331 
VAL CG2  C  N N 332 
VAL OXT  O  N N 333 
VAL H    H  N N 334 
VAL H2   H  N N 335 
VAL HA   H  N N 336 
VAL HB   H  N N 337 
VAL HG11 H  N N 338 
VAL HG12 H  N N 339 
VAL HG13 H  N N 340 
VAL HG21 H  N N 341 
VAL HG22 H  N N 342 
VAL HG23 H  N N 343 
VAL HXT  H  N N 344 
# 
loop_
_chem_comp_bond.comp_id 
_chem_comp_bond.atom_id_1 
_chem_comp_bond.atom_id_2 
_chem_comp_bond.value_order 
_chem_comp_bond.pdbx_aromatic_flag 
_chem_comp_bond.pdbx_stereo_config 
_chem_comp_bond.pdbx_ordinal 
ALA N   CA   sing N N 1   
ALA N   H    sing N N 2   
ALA N   H2   sing N N 3   
ALA CA  C    sing N N 4   
ALA CA  CB   sing N N 5   
ALA CA  HA   sing N N 6   
ALA C   O    doub N N 7   
ALA C   OXT  sing N N 8   
ALA CB  HB1  sing N N 9   
ALA CB  HB2  sing N N 10  
ALA CB  HB3  sing N N 11  
ALA OXT HXT  sing N N 12  
ARG N   CA   sing N N 13  
ARG N   H    sing N N 14  
ARG N   H2   sing N N 15  
ARG CA  C    sing N N 16  
ARG CA  CB   sing N N 17  
ARG CA  HA   sing N N 18  
ARG C   O    doub N N 19  
ARG C   OXT  sing N N 20  
ARG CB  CG   sing N N 21  
ARG CB  HB2  sing N N 22  
ARG CB  HB3  sing N N 23  
ARG CG  CD   sing N N 24  
ARG CG  HG2  sing N N 25  
ARG CG  HG3  sing N N 26  
ARG CD  NE   sing N N 27  
ARG CD  HD2  sing N N 28  
ARG CD  HD3  sing N N 29  
ARG NE  CZ   sing N N 30  
ARG NE  HE   sing N N 31  
ARG CZ  NH1  sing N N 32  
ARG CZ  NH2  doub N N 33  
ARG NH1 HH11 sing N N 34  
ARG NH1 HH12 sing N N 35  
ARG NH2 HH21 sing N N 36  
ARG NH2 HH22 sing N N 37  
ARG OXT HXT  sing N N 38  
ASN N   CA   sing N N 39  
ASN N   H    sing N N 40  
ASN N   H2   sing N N 41  
ASN CA  C    sing N N 42  
ASN CA  CB   sing N N 43  
ASN CA  HA   sing N N 44  
ASN C   O    doub N N 45  
ASN C   OXT  sing N N 46  
ASN CB  CG   sing N N 47  
ASN CB  HB2  sing N N 48  
ASN CB  HB3  sing N N 49  
ASN CG  OD1  doub N N 50  
ASN CG  ND2  sing N N 51  
ASN ND2 HD21 sing N N 52  
ASN ND2 HD22 sing N N 53  
ASN OXT HXT  sing N N 54  
ASP N   CA   sing N N 55  
ASP N   H    sing N N 56  
ASP N   H2   sing N N 57  
ASP CA  C    sing N N 58  
ASP CA  CB   sing N N 59  
ASP CA  HA   sing N N 60  
ASP C   O    doub N N 61  
ASP C   OXT  sing N N 62  
ASP CB  CG   sing N N 63  
ASP CB  HB2  sing N N 64  
ASP CB  HB3  sing N N 65  
ASP CG  OD1  doub N N 66  
ASP CG  OD2  sing N N 67  
ASP OD2 HD2  sing N N 68  
ASP OXT HXT  sing N N 69  
CYS N   CA   sing N N 70  
CYS N   H    sing N N 71  
CYS N   H2   sing N N 72  
CYS CA  C    sing N N 73  
CYS CA  CB   sing N N 74  
CYS CA  HA   sing N N 75  
CYS C   O    doub N N 76  
CYS C   OXT  sing N N 77  
CYS CB  SG   sing N N 78  
CYS CB  HB2  sing N N 79  
CYS CB  HB3  sing N N 80  
CYS SG  HG   sing N N 81  
CYS OXT HXT  sing N N 82  
GLN N   CA   sing N N 83  
GLN N   H    sing N N 84  
GLN N   H2   sing N N 85  
GLN CA  C    sing N N 86  
GLN CA  CB   sing N N 87  
GLN CA  HA   sing N N 88  
GLN C   O    doub N N 89  
GLN C   OXT  sing N N 90  
GLN CB  CG   sing N N 91  
GLN CB  HB2  sing N N 92  
GLN CB  HB3  sing N N 93  
GLN CG  CD   sing N N 94  
GLN CG  HG2  sing N N 95  
GLN CG  HG3  sing N N 96  
GLN CD  OE1  doub N N 97  
GLN CD  NE2  sing N N 98  
GLN NE2 HE21 sing N N 99  
GLN NE2 HE22 sing N N 100 
GLN OXT HXT  sing N N 101 
GLU N   CA   sing N N 102 
GLU N   H    sing N N 103 
GLU N   H2   sing N N 104 
GLU CA  C    sing N N 105 
GLU CA  CB   sing N N 106 
GLU CA  HA   sing N N 107 
GLU C   O    doub N N 108 
GLU C   OXT  sing N N 109 
GLU CB  CG   sing N N 110 
GLU CB  HB2  sing N N 111 
GLU CB  HB3  sing N N 112 
GLU CG  CD   sing N N 113 
GLU CG  HG2  sing N N 114 
GLU CG  HG3  sing N N 115 
GLU CD  OE1  doub N N 116 
GLU CD  OE2  sing N N 117 
GLU OE2 HE2  sing N N 118 
GLU OXT HXT  sing N N 119 
GLY N   CA   sing N N 120 
GLY N   H    sing N N 121 
GLY N   H2   sing N N 122 
GLY CA  C    sing N N 123 
GLY CA  HA2  sing N N 124 
GLY CA  HA3  sing N N 125 
GLY C   O    doub N N 126 
GLY C   OXT  sing N N 127 
GLY OXT HXT  sing N N 128 
HIS N   CA   sing N N 129 
HIS N   H    sing N N 130 
HIS N   H2   sing N N 131 
HIS CA  C    sing N N 132 
HIS CA  CB   sing N N 133 
HIS CA  HA   sing N N 134 
HIS C   O    doub N N 135 
HIS C   OXT  sing N N 136 
HIS CB  CG   sing N N 137 
HIS CB  HB2  sing N N 138 
HIS CB  HB3  sing N N 139 
HIS CG  ND1  sing Y N 140 
HIS CG  CD2  doub Y N 141 
HIS ND1 CE1  doub Y N 142 
HIS ND1 HD1  sing N N 143 
HIS CD2 NE2  sing Y N 144 
HIS CD2 HD2  sing N N 145 
HIS CE1 NE2  sing Y N 146 
HIS CE1 HE1  sing N N 147 
HIS NE2 HE2  sing N N 148 
HIS OXT HXT  sing N N 149 
HOH O   H1   sing N N 150 
HOH O   H2   sing N N 151 
ILE N   CA   sing N N 152 
ILE N   H    sing N N 153 
ILE N   H2   sing N N 154 
ILE CA  C    sing N N 155 
ILE CA  CB   sing N N 156 
ILE CA  HA   sing N N 157 
ILE C   O    doub N N 158 
ILE C   OXT  sing N N 159 
ILE CB  CG1  sing N N 160 
ILE CB  CG2  sing N N 161 
ILE CB  HB   sing N N 162 
ILE CG1 CD1  sing N N 163 
ILE CG1 HG12 sing N N 164 
ILE CG1 HG13 sing N N 165 
ILE CG2 HG21 sing N N 166 
ILE CG2 HG22 sing N N 167 
ILE CG2 HG23 sing N N 168 
ILE CD1 HD11 sing N N 169 
ILE CD1 HD12 sing N N 170 
ILE CD1 HD13 sing N N 171 
ILE OXT HXT  sing N N 172 
LEU N   CA   sing N N 173 
LEU N   H    sing N N 174 
LEU N   H2   sing N N 175 
LEU CA  C    sing N N 176 
LEU CA  CB   sing N N 177 
LEU CA  HA   sing N N 178 
LEU C   O    doub N N 179 
LEU C   OXT  sing N N 180 
LEU CB  CG   sing N N 181 
LEU CB  HB2  sing N N 182 
LEU CB  HB3  sing N N 183 
LEU CG  CD1  sing N N 184 
LEU CG  CD2  sing N N 185 
LEU CG  HG   sing N N 186 
LEU CD1 HD11 sing N N 187 
LEU CD1 HD12 sing N N 188 
LEU CD1 HD13 sing N N 189 
LEU CD2 HD21 sing N N 190 
LEU CD2 HD22 sing N N 191 
LEU CD2 HD23 sing N N 192 
LEU OXT HXT  sing N N 193 
LYS N   CA   sing N N 194 
LYS N   H    sing N N 195 
LYS N   H2   sing N N 196 
LYS CA  C    sing N N 197 
LYS CA  CB   sing N N 198 
LYS CA  HA   sing N N 199 
LYS C   O    doub N N 200 
LYS C   OXT  sing N N 201 
LYS CB  CG   sing N N 202 
LYS CB  HB2  sing N N 203 
LYS CB  HB3  sing N N 204 
LYS CG  CD   sing N N 205 
LYS CG  HG2  sing N N 206 
LYS CG  HG3  sing N N 207 
LYS CD  CE   sing N N 208 
LYS CD  HD2  sing N N 209 
LYS CD  HD3  sing N N 210 
LYS CE  NZ   sing N N 211 
LYS CE  HE2  sing N N 212 
LYS CE  HE3  sing N N 213 
LYS NZ  HZ1  sing N N 214 
LYS NZ  HZ2  sing N N 215 
LYS NZ  HZ3  sing N N 216 
LYS OXT HXT  sing N N 217 
PHE N   CA   sing N N 218 
PHE N   H    sing N N 219 
PHE N   H2   sing N N 220 
PHE CA  C    sing N N 221 
PHE CA  CB   sing N N 222 
PHE CA  HA   sing N N 223 
PHE C   O    doub N N 224 
PHE C   OXT  sing N N 225 
PHE CB  CG   sing N N 226 
PHE CB  HB2  sing N N 227 
PHE CB  HB3  sing N N 228 
PHE CG  CD1  doub Y N 229 
PHE CG  CD2  sing Y N 230 
PHE CD1 CE1  sing Y N 231 
PHE CD1 HD1  sing N N 232 
PHE CD2 CE2  doub Y N 233 
PHE CD2 HD2  sing N N 234 
PHE CE1 CZ   doub Y N 235 
PHE CE1 HE1  sing N N 236 
PHE CE2 CZ   sing Y N 237 
PHE CE2 HE2  sing N N 238 
PHE CZ  HZ   sing N N 239 
PHE OXT HXT  sing N N 240 
PRO N   CA   sing N N 241 
PRO N   CD   sing N N 242 
PRO N   H    sing N N 243 
PRO CA  C    sing N N 244 
PRO CA  CB   sing N N 245 
PRO CA  HA   sing N N 246 
PRO C   O    doub N N 247 
PRO C   OXT  sing N N 248 
PRO CB  CG   sing N N 249 
PRO CB  HB2  sing N N 250 
PRO CB  HB3  sing N N 251 
PRO CG  CD   sing N N 252 
PRO CG  HG2  sing N N 253 
PRO CG  HG3  sing N N 254 
PRO CD  HD2  sing N N 255 
PRO CD  HD3  sing N N 256 
PRO OXT HXT  sing N N 257 
SER N   CA   sing N N 258 
SER N   H    sing N N 259 
SER N   H2   sing N N 260 
SER CA  C    sing N N 261 
SER CA  CB   sing N N 262 
SER CA  HA   sing N N 263 
SER C   O    doub N N 264 
SER C   OXT  sing N N 265 
SER CB  OG   sing N N 266 
SER CB  HB2  sing N N 267 
SER CB  HB3  sing N N 268 
SER OG  HG   sing N N 269 
SER OXT HXT  sing N N 270 
THR N   CA   sing N N 271 
THR N   H    sing N N 272 
THR N   H2   sing N N 273 
THR CA  C    sing N N 274 
THR CA  CB   sing N N 275 
THR CA  HA   sing N N 276 
THR C   O    doub N N 277 
THR C   OXT  sing N N 278 
THR CB  OG1  sing N N 279 
THR CB  CG2  sing N N 280 
THR CB  HB   sing N N 281 
THR OG1 HG1  sing N N 282 
THR CG2 HG21 sing N N 283 
THR CG2 HG22 sing N N 284 
THR CG2 HG23 sing N N 285 
THR OXT HXT  sing N N 286 
TYR N   CA   sing N N 287 
TYR N   H    sing N N 288 
TYR N   H2   sing N N 289 
TYR CA  C    sing N N 290 
TYR CA  CB   sing N N 291 
TYR CA  HA   sing N N 292 
TYR C   O    doub N N 293 
TYR C   OXT  sing N N 294 
TYR CB  CG   sing N N 295 
TYR CB  HB2  sing N N 296 
TYR CB  HB3  sing N N 297 
TYR CG  CD1  doub Y N 298 
TYR CG  CD2  sing Y N 299 
TYR CD1 CE1  sing Y N 300 
TYR CD1 HD1  sing N N 301 
TYR CD2 CE2  doub Y N 302 
TYR CD2 HD2  sing N N 303 
TYR CE1 CZ   doub Y N 304 
TYR CE1 HE1  sing N N 305 
TYR CE2 CZ   sing Y N 306 
TYR CE2 HE2  sing N N 307 
TYR CZ  OH   sing N N 308 
TYR OH  HH   sing N N 309 
TYR OXT HXT  sing N N 310 
VAL N   CA   sing N N 311 
VAL N   H    sing N N 312 
VAL N   H2   sing N N 313 
VAL CA  C    sing N N 314 
VAL CA  CB   sing N N 315 
VAL CA  HA   sing N N 316 
VAL C   O    doub N N 317 
VAL C   OXT  sing N N 318 
VAL CB  CG1  sing N N 319 
VAL CB  CG2  sing N N 320 
VAL CB  HB   sing N N 321 
VAL CG1 HG11 sing N N 322 
VAL CG1 HG12 sing N N 323 
VAL CG1 HG13 sing N N 324 
VAL CG2 HG21 sing N N 325 
VAL CG2 HG22 sing N N 326 
VAL CG2 HG23 sing N N 327 
VAL OXT HXT  sing N N 328 
# 
_pdbx_audit_support.funding_organization   'British Heart Foundation' 
_pdbx_audit_support.country                'United Kingdom' 
_pdbx_audit_support.grant_number           PG/16/100/32632 
_pdbx_audit_support.ordinal                1 
# 
_atom_sites.entry_id                    6I31 
_atom_sites.fract_transf_matrix[1][1]   0.00804847 
_atom_sites.fract_transf_matrix[1][2]   -0.01308548 
_atom_sites.fract_transf_matrix[1][3]   -0.01425896 
_atom_sites.fract_transf_matrix[2][1]   -0.00636123 
_atom_sites.fract_transf_matrix[2][2]   -0.01995986 
_atom_sites.fract_transf_matrix[2][3]   -0.00067850 
_atom_sites.fract_transf_matrix[3][1]   -0.01020178 
_atom_sites.fract_transf_matrix[3][2]   0.00355806 
_atom_sites.fract_transf_matrix[3][3]   -0.00902363 
_atom_sites.fract_transf_vector[1]      0.353822 
_atom_sites.fract_transf_vector[2]      0.518211 
_atom_sites.fract_transf_vector[3]      0.077864 
# 
loop_
_atom_type.symbol 
C  
CD 
CL 
N  
O  
S  
# 
loop_
_atom_site.group_PDB 
_atom_site.id 
_atom_site.type_symbol 
_atom_site.label_atom_id 
_atom_site.label_alt_id 
_atom_site.label_comp_id 
_atom_site.label_asym_id 
_atom_site.label_entity_id 
_atom_site.label_seq_id 
_atom_site.pdbx_PDB_ins_code 
_atom_site.Cartn_x 
_atom_site.Cartn_y 
_atom_site.Cartn_z 
_atom_site.occupancy 
_atom_site.B_iso_or_equiv 
_atom_site.pdbx_formal_charge 
_atom_site.auth_seq_id 
_atom_site.auth_comp_id 
_atom_site.auth_asym_id 
_atom_site.auth_atom_id 
_atom_site.pdbx_PDB_model_num 
ATOM   1   N  N   . GLY A 1 13 ? 1.558   13.081  -1.271  1.00 45.47  ? 13  GLY A N   1 
ATOM   2   C  CA  . GLY A 1 13 ? 2.576   12.342  -2.008  1.00 43.02  ? 13  GLY A CA  1 
ATOM   3   C  C   . GLY A 1 13 ? 2.116   11.001  -2.554  1.00 42.39  ? 13  GLY A C   1 
ATOM   4   O  O   . GLY A 1 13 ? 2.926   10.085  -2.684  1.00 41.43  ? 13  GLY A O   1 
ATOM   5   N  N   . ALA A 1 14 ? 0.821   10.871  -2.905  1.00 38.36  ? 14  ALA A N   1 
ATOM   6   C  CA  . ALA A 1 14 ? 0.243   9.621   -3.448  1.00 37.21  ? 14  ALA A CA  1 
ATOM   7   C  C   . ALA A 1 14 ? 0.973   9.141   -4.705  1.00 39.06  ? 14  ALA A C   1 
ATOM   8   O  O   . ALA A 1 14 ? 1.118   7.927   -4.918  1.00 35.91  ? 14  ALA A O   1 
ATOM   9   C  CB  . ALA A 1 14 ? -1.235  9.806   -3.749  1.00 38.29  ? 14  ALA A CB  1 
ATOM   10  N  N   . ASP A 1 15 ? 1.456   10.115  -5.507  1.00 36.38  ? 15  ASP A N   1 
ATOM   11  C  CA  . ASP A 1 15 ? 2.185   9.887   -6.741  1.00 36.98  ? 15  ASP A CA  1 
ATOM   12  C  C   . ASP A 1 15 ? 3.587   9.354   -6.499  1.00 37.74  ? 15  ASP A C   1 
ATOM   13  O  O   . ASP A 1 15 ? 4.293   9.065   -7.464  1.00 37.17  ? 15  ASP A O   1 
ATOM   14  C  CB  . ASP A 1 15 ? 2.188   11.146  -7.635  1.00 41.98  ? 15  ASP A CB  1 
ATOM   15  C  CG  . ASP A 1 15 ? 2.639   12.451  -6.986  1.00 65.77  ? 15  ASP A CG  1 
ATOM   16  O  OD1 . ASP A 1 15 ? 3.005   12.431  -5.786  1.00 67.74  ? 15  ASP A OD1 1 
ATOM   17  O  OD2 . ASP A 1 15 ? 2.613   13.495  -7.676  1.00 76.91  ? 15  ASP A OD2 1 
ATOM   18  N  N   . ASN A 1 16 ? 3.992   9.220   -5.222  1.00 33.54  ? 16  ASN A N   1 
ATOM   19  C  CA  . ASN A 1 16 ? 5.304   8.650   -4.900  1.00 33.50  ? 16  ASN A CA  1 
ATOM   20  C  C   . ASN A 1 16 ? 5.227   7.149   -4.678  1.00 34.20  ? 16  ASN A C   1 
ATOM   21  O  O   . ASN A 1 16 ? 6.283   6.537   -4.529  1.00 34.25  ? 16  ASN A O   1 
ATOM   22  C  CB  . ASN A 1 16 ? 5.897   9.292   -3.633  1.00 32.16  ? 16  ASN A CB  1 
ATOM   23  C  CG  . ASN A 1 16 ? 6.154   10.757  -3.728  1.00 45.07  ? 16  ASN A CG  1 
ATOM   24  O  OD1 . ASN A 1 16 ? 6.421   11.304  -4.803  1.00 36.38  ? 16  ASN A OD1 1 
ATOM   25  N  ND2 . ASN A 1 16 ? 6.104   11.414  -2.588  1.00 40.25  ? 16  ASN A ND2 1 
ATOM   26  N  N   . PHE A 1 17 ? 4.016   6.559   -4.635  1.00 26.57  ? 17  PHE A N   1 
ATOM   27  C  CA  . PHE A 1 17 ? 3.860   5.152   -4.255  1.00 25.57  ? 17  PHE A CA  1 
ATOM   28  C  C   . PHE A 1 17 ? 3.252   4.251   -5.286  1.00 27.85  ? 17  PHE A C   1 
ATOM   29  O  O   . PHE A 1 17 ? 2.336   4.641   -6.002  1.00 28.03  ? 17  PHE A O   1 
ATOM   30  C  CB  . PHE A 1 17 ? 3.063   5.027   -2.934  1.00 25.31  ? 17  PHE A CB  1 
ATOM   31  C  CG  . PHE A 1 17 ? 3.745   5.734   -1.798  1.00 27.27  ? 17  PHE A CG  1 
ATOM   32  C  CD1 . PHE A 1 17 ? 4.884   5.200   -1.208  1.00 29.23  ? 17  PHE A CD1 1 
ATOM   33  C  CD2 . PHE A 1 17 ? 3.251   6.938   -1.311  1.00 30.52  ? 17  PHE A CD2 1 
ATOM   34  C  CE1 . PHE A 1 17 ? 5.535   5.870   -0.171  1.00 31.17  ? 17  PHE A CE1 1 
ATOM   35  C  CE2 . PHE A 1 17 ? 3.923   7.625   -0.297  1.00 34.08  ? 17  PHE A CE2 1 
ATOM   36  C  CZ  . PHE A 1 17 ? 5.061   7.092   0.263   1.00 31.68  ? 17  PHE A CZ  1 
ATOM   37  N  N   . ASP A 1 18 ? 3.813   3.048   -5.386  1.00 23.62  ? 18  ASP A N   1 
ATOM   38  C  CA  . ASP A 1 18 ? 3.368   2.015   -6.307  1.00 23.88  ? 18  ASP A CA  1 
ATOM   39  C  C   . ASP A 1 18 ? 2.876   0.777   -5.556  1.00 27.37  ? 18  ASP A C   1 
ATOM   40  O  O   . ASP A 1 18 ? 3.326   0.506   -4.455  1.00 24.96  ? 18  ASP A O   1 
ATOM   41  C  CB  . ASP A 1 18 ? 4.522   1.605   -7.255  1.00 26.39  ? 18  ASP A CB  1 
ATOM   42  C  CG  . ASP A 1 18 ? 4.974   2.708   -8.209  1.00 40.19  ? 18  ASP A CG  1 
ATOM   43  O  OD1 . ASP A 1 18 ? 4.138   3.582   -8.552  1.00 41.79  ? 18  ASP A OD1 1 
ATOM   44  O  OD2 . ASP A 1 18 ? 6.171   2.704   -8.604  1.00 40.12  ? 18  ASP A OD2 1 
ATOM   45  N  N   . VAL A 1 19 ? 1.940   0.033   -6.157  1.00 23.88  ? 19  VAL A N   1 
ATOM   46  C  CA  . VAL A 1 19 ? 1.477   -1.235  -5.572  1.00 23.25  ? 19  VAL A CA  1 
ATOM   47  C  C   . VAL A 1 19 ? 2.303   -2.336  -6.224  1.00 27.63  ? 19  VAL A C   1 
ATOM   48  O  O   . VAL A 1 19 ? 2.450   -2.353  -7.443  1.00 29.33  ? 19  VAL A O   1 
ATOM   49  C  CB  . VAL A 1 19 ? -0.047  -1.487  -5.783  1.00 27.28  ? 19  VAL A CB  1 
ATOM   50  C  CG1 . VAL A 1 19 ? -0.451  -2.857  -5.236  1.00 26.67  ? 19  VAL A CG1 1 
ATOM   51  C  CG2 . VAL A 1 19 ? -0.888  -0.390  -5.124  1.00 27.73  ? 19  VAL A CG2 1 
ATOM   52  N  N   . VAL A 1 20 ? 2.823   -3.248  -5.434  1.00 24.59  ? 20  VAL A N   1 
ATOM   53  C  CA  . VAL A 1 20 ? 3.613   -4.348  -5.965  1.00 26.37  ? 20  VAL A CA  1 
ATOM   54  C  C   . VAL A 1 20 ? 3.140   -5.656  -5.338  1.00 30.73  ? 20  VAL A C   1 
ATOM   55  O  O   . VAL A 1 20 ? 2.503   -5.651  -4.279  1.00 27.04  ? 20  VAL A O   1 
ATOM   56  C  CB  . VAL A 1 20 ? 5.158   -4.145  -5.810  1.00 30.35  ? 20  VAL A CB  1 
ATOM   57  C  CG1 . VAL A 1 20 ? 5.646   -2.879  -6.525  1.00 30.46  ? 20  VAL A CG1 1 
ATOM   58  C  CG2 . VAL A 1 20 ? 5.576   -4.130  -4.337  1.00 29.47  ? 20  VAL A CG2 1 
ATOM   59  N  N   . SER A 1 21 ? 3.527   -6.782  -5.953  1.00 28.84  ? 21  SER A N   1 
ATOM   60  C  CA  . SER A 1 21 ? 3.185   -8.096  -5.434  1.00 28.30  ? 21  SER A CA  1 
ATOM   61  C  C   . SER A 1 21 ? 3.903   -8.431  -4.141  1.00 33.00  ? 21  SER A C   1 
ATOM   62  O  O   . SER A 1 21 ? 5.058   -8.051  -3.924  1.00 31.45  ? 21  SER A O   1 
ATOM   63  C  CB  . SER A 1 21 ? 3.426   -9.178  -6.493  1.00 30.85  ? 21  SER A CB  1 
ATOM   64  O  OG  . SER A 1 21 ? 3.095   -10.461 -5.980  1.00 35.43  ? 21  SER A OG  1 
ATOM   65  N  N   . CYS A 1 22 ? 3.203   -9.146  -3.273  1.00 30.93  ? 22  CYS A N   1 
ATOM   66  C  CA  . CYS A 1 22 ? 3.711   -9.640  -2.006  1.00 35.93  ? 22  CYS A CA  1 
ATOM   67  C  C   . CYS A 1 22 ? 3.740   -11.190 -2.076  1.00 39.47  ? 22  CYS A C   1 
ATOM   68  O  O   . CYS A 1 22 ? 3.830   -11.899 -1.078  1.00 39.89  ? 22  CYS A O   1 
ATOM   69  C  CB  . CYS A 1 22 ? 2.847   -9.078  -0.879  1.00 39.72  ? 22  CYS A CB  1 
ATOM   70  S  SG  . CYS A 1 22 ? 3.155   -9.791  0.748   1.00 47.82  ? 22  CYS A SG  1 
ATOM   71  N  N   . ASN A 1 23 ? 3.698   -11.690 -3.336  1.00 36.22  ? 23  ASN A N   1 
ATOM   72  C  CA  . ASN A 1 23 ? 3.804   -13.062 -3.835  1.00 37.14  ? 23  ASN A CA  1 
ATOM   73  C  C   . ASN A 1 23 ? 3.073   -14.139 -3.029  1.00 41.97  ? 23  ASN A C   1 
ATOM   74  O  O   . ASN A 1 23 ? 3.685   -15.134 -2.631  1.00 43.90  ? 23  ASN A O   1 
ATOM   75  C  CB  . ASN A 1 23 ? 5.302   -13.434 -3.991  1.00 41.90  ? 23  ASN A CB  1 
ATOM   76  C  CG  . ASN A 1 23 ? 6.047   -12.472 -4.887  1.00 56.16  ? 23  ASN A CG  1 
ATOM   77  O  OD1 . ASN A 1 23 ? 5.766   -12.350 -6.087  1.00 51.22  ? 23  ASN A OD1 1 
ATOM   78  N  ND2 . ASN A 1 23 ? 6.982   -11.742 -4.307  1.00 47.01  ? 23  ASN A ND2 1 
ATOM   79  N  N   . LYS A 1 24 ? 1.752   -13.995 -2.861  1.00 35.73  ? 24  LYS A N   1 
ATOM   80  C  CA  . LYS A 1 24 ? 0.963   -14.978 -2.123  1.00 34.43  ? 24  LYS A CA  1 
ATOM   81  C  C   . LYS A 1 24 ? -0.528  -14.901 -2.503  1.00 36.10  ? 24  LYS A C   1 
ATOM   82  O  O   . LYS A 1 24 ? -1.042  -13.802 -2.645  1.00 34.86  ? 24  LYS A O   1 
ATOM   83  C  CB  . LYS A 1 24 ? 1.157   -14.764 -0.607  1.00 35.92  ? 24  LYS A CB  1 
ATOM   84  C  CG  . LYS A 1 24 ? 0.523   -15.837 0.267   1.00 48.62  ? 24  LYS A CG  1 
ATOM   85  C  CD  . LYS A 1 24 ? 0.939   -15.689 1.727   1.00 55.53  ? 24  LYS A CD  1 
ATOM   86  C  CE  . LYS A 1 24 ? 0.155   -16.592 2.656   1.00 69.72  ? 24  LYS A CE  1 
ATOM   87  N  NZ  . LYS A 1 24 ? 0.063   -17.997 2.176   1.00 85.25  ? 24  LYS A NZ  1 
ATOM   88  N  N   . ASN A 1 25 ? -1.209  -16.059 -2.643  1.00 32.52  ? 25  ASN A N   1 
ATOM   89  C  CA  . ASN A 1 25 ? -2.654  -16.080 -2.897  1.00 32.56  ? 25  ASN A CA  1 
ATOM   90  C  C   . ASN A 1 25 ? -3.340  -15.831 -1.554  1.00 35.76  ? 25  ASN A C   1 
ATOM   91  O  O   . ASN A 1 25 ? -2.790  -16.153 -0.496  1.00 34.96  ? 25  ASN A O   1 
ATOM   92  C  CB  . ASN A 1 25 ? -3.140  -17.455 -3.429  1.00 38.08  ? 25  ASN A CB  1 
ATOM   93  C  CG  . ASN A 1 25 ? -2.453  -17.974 -4.663  1.00 68.48  ? 25  ASN A CG  1 
ATOM   94  O  OD1 . ASN A 1 25 ? -2.535  -19.158 -4.994  1.00 66.23  ? 25  ASN A OD1 1 
ATOM   95  N  ND2 . ASN A 1 25 ? -1.745  -17.124 -5.356  1.00 66.81  ? 25  ASN A ND2 1 
ATOM   96  N  N   . CYS A 1 26 ? -4.541  -15.270 -1.589  1.00 29.11  ? 26  CYS A N   1 
ATOM   97  C  CA  . CYS A 1 26 ? -5.290  -15.007 -0.377  1.00 28.17  ? 26  CYS A CA  1 
ATOM   98  C  C   . CYS A 1 26 ? -6.776  -15.082 -0.668  1.00 33.25  ? 26  CYS A C   1 
ATOM   99  O  O   . CYS A 1 26 ? -7.206  -14.984 -1.825  1.00 30.34  ? 26  CYS A O   1 
ATOM   100 C  CB  . CYS A 1 26 ? -4.901  -13.632 0.148   1.00 28.08  ? 26  CYS A CB  1 
ATOM   101 S  SG  . CYS A 1 26 ? -5.114  -12.328 -1.084  1.00 31.63  ? 26  CYS A SG  1 
ATOM   102 N  N   . THR A 1 27 ? -7.566  -15.280 0.381   1.00 33.14  ? 27  THR A N   1 
ATOM   103 C  CA  . THR A 1 27 ? -9.025  -15.287 0.274   1.00 33.88  ? 27  THR A CA  1 
ATOM   104 C  C   . THR A 1 27 ? -9.516  -14.280 1.281   1.00 41.50  ? 27  THR A C   1 
ATOM   105 O  O   . THR A 1 27 ? -8.935  -14.176 2.361   1.00 42.63  ? 27  THR A O   1 
ATOM   106 C  CB  . THR A 1 27 ? -9.613  -16.674 0.549   1.00 42.84  ? 27  THR A CB  1 
ATOM   107 O  OG1 . THR A 1 27 ? -9.353  -16.999 1.912   1.00 55.62  ? 27  THR A OG1 1 
ATOM   108 C  CG2 . THR A 1 27 ? -9.030  -17.744 -0.355  1.00 36.12  ? 27  THR A CG2 1 
ATOM   109 N  N   . SER A 1 28 ? -10.579 -13.548 0.941   1.00 40.09  ? 28  SER A N   1 
ATOM   110 C  CA  . SER A 1 28 ? -11.200 -12.557 1.805   1.00 42.52  ? 28  SER A CA  1 
ATOM   111 C  C   . SER A 1 28 ? -11.710 -13.207 3.098   1.00 55.05  ? 28  SER A C   1 
ATOM   112 O  O   . SER A 1 28 ? -12.162 -14.366 3.078   1.00 55.04  ? 28  SER A O   1 
ATOM   113 C  CB  . SER A 1 28 ? -12.387 -11.919 1.089   1.00 44.27  ? 28  SER A CB  1 
ATOM   114 O  OG  . SER A 1 28 ? -13.274 -12.936 0.653   1.00 51.04  ? 28  SER A OG  1 
ATOM   115 N  N   . GLY A 1 29 ? -11.653 -12.449 4.191   1.00 56.03  ? 29  GLY A N   1 
ATOM   116 C  CA  . GLY A 1 29 ? -12.151 -12.907 5.485   1.00 59.36  ? 29  GLY A CA  1 
ATOM   117 C  C   . GLY A 1 29 ? -11.120 -13.608 6.338   1.00 67.70  ? 29  GLY A C   1 
ATOM   118 O  O   . GLY A 1 29 ? -11.165 -13.497 7.565   1.00 69.93  ? 29  GLY A O   1 
ATOM   119 N  N   . GLN A 1 30 ? -10.190 -14.340 5.695   1.00 64.41  ? 30  GLN A N   1 
ATOM   120 C  CA  . GLN A 1 30 ? -9.102  -15.049 6.366   1.00 65.55  ? 30  GLN A CA  1 
ATOM   121 C  C   . GLN A 1 30 ? -7.919  -14.083 6.466   1.00 69.25  ? 30  GLN A C   1 
ATOM   122 O  O   . GLN A 1 30 ? -7.629  -13.393 5.490   1.00 68.67  ? 30  GLN A O   1 
ATOM   123 C  CB  . GLN A 1 30 ? -8.697  -16.311 5.571   1.00 67.25  ? 30  GLN A CB  1 
ATOM   124 C  CG  . GLN A 1 30 ? -9.861  -17.259 5.265   1.00 85.72  ? 30  GLN A CG  1 
ATOM   125 C  CD  . GLN A 1 30 ? -9.423  -18.686 5.031   1.00 108.15 ? 30  GLN A CD  1 
ATOM   126 O  OE1 . GLN A 1 30 ? -9.552  -19.552 5.903   1.00 107.28 ? 30  GLN A OE1 1 
ATOM   127 N  NE2 . GLN A 1 30 ? -8.907  -18.973 3.843   1.00 96.52  ? 30  GLN A NE2 1 
ATOM   128 N  N   . ASN A 1 31 ? -7.247  -13.994 7.627   1.00 65.86  ? 31  ASN A N   1 
ATOM   129 C  CA  . ASN A 1 31 ? -6.088  -13.093 7.730   1.00 63.66  ? 31  ASN A CA  1 
ATOM   130 C  C   . ASN A 1 31 ? -4.875  -13.796 7.101   1.00 60.63  ? 31  ASN A C   1 
ATOM   131 O  O   . ASN A 1 31 ? -3.960  -14.223 7.799   1.00 60.71  ? 31  ASN A O   1 
ATOM   132 C  CB  . ASN A 1 31 ? -5.844  -12.643 9.183   1.00 68.80  ? 31  ASN A CB  1 
ATOM   133 C  CG  . ASN A 1 31 ? -6.213  -11.196 9.468   1.00 99.82  ? 31  ASN A CG  1 
ATOM   134 O  OD1 . ASN A 1 31 ? -6.952  -10.536 8.721   1.00 92.44  ? 31  ASN A OD1 1 
ATOM   135 N  ND2 . ASN A 1 31 ? -5.713  -10.670 10.576  1.00 95.03  ? 31  ASN A ND2 1 
ATOM   136 N  N   . GLU A 1 32 ? -4.907  -13.950 5.772   1.00 51.60  ? 32  GLU A N   1 
ATOM   137 C  CA  . GLU A 1 32 ? -3.894  -14.687 5.027   1.00 50.25  ? 32  GLU A CA  1 
ATOM   138 C  C   . GLU A 1 32 ? -2.699  -13.890 4.508   1.00 48.00  ? 32  GLU A C   1 
ATOM   139 O  O   . GLU A 1 32 ? -1.685  -14.498 4.170   1.00 49.18  ? 32  GLU A O   1 
ATOM   140 C  CB  . GLU A 1 32 ? -4.546  -15.405 3.861   1.00 52.04  ? 32  GLU A CB  1 
ATOM   141 C  CG  . GLU A 1 32 ? -4.559  -16.910 3.985   1.00 65.52  ? 32  GLU A CG  1 
ATOM   142 C  CD  . GLU A 1 32 ? -4.891  -17.510 2.640   1.00 83.08  ? 32  GLU A CD  1 
ATOM   143 O  OE1 . GLU A 1 32 ? -6.076  -17.443 2.236   1.00 51.22  ? 32  GLU A OE1 1 
ATOM   144 O  OE2 . GLU A 1 32 ? -3.956  -17.998 1.966   1.00 87.74  ? 32  GLU A OE2 1 
ATOM   145 N  N   . CYS A 1 33 ? -2.793  -12.570 4.407   1.00 38.01  ? 33  CYS A N   1 
ATOM   146 C  CA  . CYS A 1 33 ? -1.653  -11.836 3.876   1.00 33.38  ? 33  CYS A CA  1 
ATOM   147 C  C   . CYS A 1 33 ? -0.601  -11.527 4.919   1.00 37.17  ? 33  CYS A C   1 
ATOM   148 O  O   . CYS A 1 33 ? -0.963  -11.265 6.066   1.00 36.97  ? 33  CYS A O   1 
ATOM   149 C  CB  . CYS A 1 33 ? -2.101  -10.580 3.140   1.00 31.26  ? 33  CYS A CB  1 
ATOM   150 S  SG  . CYS A 1 33 ? -2.922  -10.933 1.563   1.00 33.32  ? 33  CYS A SG  1 
ATOM   151 N  N   . PRO A 1 34 ? 0.695   -11.490 4.537   1.00 33.71  ? 34  PRO A N   1 
ATOM   152 C  CA  . PRO A 1 34 ? 1.729   -11.085 5.509   1.00 35.11  ? 34  PRO A CA  1 
ATOM   153 C  C   . PRO A 1 34 ? 1.465   -9.659  5.979   1.00 36.07  ? 34  PRO A C   1 
ATOM   154 O  O   . PRO A 1 34 ? 0.838   -8.873  5.279   1.00 32.60  ? 34  PRO A O   1 
ATOM   155 C  CB  . PRO A 1 34 ? 3.032   -11.160 4.706   1.00 36.91  ? 34  PRO A CB  1 
ATOM   156 C  CG  . PRO A 1 34 ? 2.728   -12.061 3.556   1.00 40.35  ? 34  PRO A CG  1 
ATOM   157 C  CD  . PRO A 1 34 ? 1.294   -11.750 3.214   1.00 35.20  ? 34  PRO A CD  1 
ATOM   158 N  N   . GLU A 1 35 ? 1.954   -9.318  7.164   1.00 33.00  ? 35  GLU A N   1 
ATOM   159 C  CA  . GLU A 1 35 ? 1.756   -8.000  7.778   1.00 31.73  ? 35  GLU A CA  1 
ATOM   160 C  C   . GLU A 1 35 ? 2.356   -6.935  6.850   1.00 31.10  ? 35  GLU A C   1 
ATOM   161 O  O   . GLU A 1 35 ? 3.414   -7.164  6.297   1.00 31.70  ? 35  GLU A O   1 
ATOM   162 C  CB  . GLU A 1 35 ? 2.451   -7.999  9.162   1.00 33.25  ? 35  GLU A CB  1 
ATOM   163 C  CG  . GLU A 1 35 ? 1.927   -9.099  10.098  1.00 40.56  ? 35  GLU A CG  1 
ATOM   164 C  CD  . GLU A 1 35 ? 2.565   -10.487 10.074  1.00 62.34  ? 35  GLU A CD  1 
ATOM   165 O  OE1 . GLU A 1 35 ? 3.243   -10.855 9.082   1.00 39.28  ? 35  GLU A OE1 1 
ATOM   166 O  OE2 . GLU A 1 35 ? 2.384   -11.215 11.077  1.00 68.80  ? 35  GLU A OE2 1 
ATOM   167 N  N   . GLY A 1 36 ? 1.672   -5.821  6.625   1.00 27.66  ? 36  GLY A N   1 
ATOM   168 C  CA  . GLY A 1 36 ? 2.199   -4.812  5.690   1.00 26.22  ? 36  GLY A CA  1 
ATOM   169 C  C   . GLY A 1 36 ? 1.755   -5.012  4.249   1.00 26.16  ? 36  GLY A C   1 
ATOM   170 O  O   . GLY A 1 36 ? 2.088   -4.202  3.364   1.00 24.81  ? 36  GLY A O   1 
ATOM   171 N  N   . CYS A 1 37 ? 1.016   -6.117  4.014   1.00 22.24  ? 37  CYS A N   1 
ATOM   172 C  CA  . CYS A 1 37 ? 0.402   -6.458  2.728   1.00 23.53  ? 37  CYS A CA  1 
ATOM   173 C  C   . CYS A 1 37 ? -1.101  -6.430  2.857   1.00 28.63  ? 37  CYS A C   1 
ATOM   174 O  O   . CYS A 1 37 ? -1.634  -6.550  3.961   1.00 29.52  ? 37  CYS A O   1 
ATOM   175 C  CB  . CYS A 1 37 ? 0.864   -7.824  2.242   1.00 24.59  ? 37  CYS A CB  1 
ATOM   176 S  SG  . CYS A 1 37 ? 2.663   -7.969  2.134   1.00 29.07  ? 37  CYS A SG  1 
ATOM   177 N  N   . PHE A 1 38 ? -1.786  -6.377  1.720   1.00 22.28  ? 38  PHE A N   1 
ATOM   178 C  CA  . PHE A 1 38 ? -3.230  -6.436  1.707   1.00 21.94  ? 38  PHE A CA  1 
ATOM   179 C  C   . PHE A 1 38 ? -3.702  -7.489  0.724   1.00 25.58  ? 38  PHE A C   1 
ATOM   180 O  O   . PHE A 1 38 ? -3.056  -7.723  -0.290  1.00 22.50  ? 38  PHE A O   1 
ATOM   181 C  CB  . PHE A 1 38 ? -3.849  -5.062  1.377   1.00 22.78  ? 38  PHE A CB  1 
ATOM   182 C  CG  . PHE A 1 38 ? -3.569  -4.462  0.007   1.00 21.98  ? 38  PHE A CG  1 
ATOM   183 C  CD1 . PHE A 1 38 ? -2.434  -3.681  -0.211  1.00 23.30  ? 38  PHE A CD1 1 
ATOM   184 C  CD2 . PHE A 1 38 ? -4.436  -4.684  -1.056  1.00 22.32  ? 38  PHE A CD2 1 
ATOM   185 C  CE1 . PHE A 1 38 ? -2.202  -3.090  -1.460  1.00 22.25  ? 38  PHE A CE1 1 
ATOM   186 C  CE2 . PHE A 1 38 ? -4.204  -4.094  -2.305  1.00 23.99  ? 38  PHE A CE2 1 
ATOM   187 C  CZ  . PHE A 1 38 ? -3.119  -3.263  -2.481  1.00 21.28  ? 38  PHE A CZ  1 
ATOM   188 N  N   . CYS A 1 39 ? -4.870  -8.069  0.992   1.00 24.08  ? 39  CYS A N   1 
ATOM   189 C  CA  . CYS A 1 39 ? -5.472  -8.984  0.046   1.00 23.94  ? 39  CYS A CA  1 
ATOM   190 C  C   . CYS A 1 39 ? -6.284  -8.173  -0.974  1.00 25.17  ? 39  CYS A C   1 
ATOM   191 O  O   . CYS A 1 39 ? -7.281  -7.564  -0.600  1.00 24.49  ? 39  CYS A O   1 
ATOM   192 C  CB  . CYS A 1 39 ? -6.347  -10.010 0.750   1.00 26.57  ? 39  CYS A CB  1 
ATOM   193 S  SG  . CYS A 1 39 ? -7.023  -11.243 -0.388  1.00 31.29  ? 39  CYS A SG  1 
ATOM   194 N  N   . GLY A 1 40 ? -5.809  -8.121  -2.218  1.00 21.99  ? 40  GLY A N   1 
ATOM   195 C  CA  . GLY A 1 40 ? -6.440  -7.376  -3.303  1.00 21.18  ? 40  GLY A CA  1 
ATOM   196 C  C   . GLY A 1 40 ? -7.380  -8.279  -4.074  1.00 24.47  ? 40  GLY A C   1 
ATOM   197 O  O   . GLY A 1 40 ? -6.957  -9.291  -4.643  1.00 22.79  ? 40  GLY A O   1 
ATOM   198 N  N   . LEU A 1 41 ? -8.659  -7.908  -4.100  1.00 23.88  ? 41  LEU A N   1 
ATOM   199 C  CA  . LEU A 1 41 ? -9.692  -8.717  -4.751  1.00 23.51  ? 41  LEU A CA  1 
ATOM   200 C  C   . LEU A 1 41 ? -10.362 -7.874  -5.800  1.00 26.95  ? 41  LEU A C   1 
ATOM   201 O  O   . LEU A 1 41 ? -10.508 -6.664  -5.621  1.00 26.72  ? 41  LEU A O   1 
ATOM   202 C  CB  . LEU A 1 41 ? -10.761 -9.119  -3.718  1.00 24.13  ? 41  LEU A CB  1 
ATOM   203 C  CG  . LEU A 1 41 ? -10.265 -9.882  -2.481  1.00 29.46  ? 41  LEU A CG  1 
ATOM   204 C  CD1 . LEU A 1 41 ? -11.313 -9.849  -1.414  1.00 31.48  ? 41  LEU A CD1 1 
ATOM   205 C  CD2 . LEU A 1 41 ? -10.017 -11.322 -2.810  1.00 31.50  ? 41  LEU A CD2 1 
ATOM   206 N  N   . LEU A 1 42 ? -10.792 -8.520  -6.851  1.00 23.59  ? 42  LEU A N   1 
ATOM   207 C  CA  . LEU A 1 42 ? -11.523 -7.875  -7.936  1.00 25.37  ? 42  LEU A CA  1 
ATOM   208 C  C   . LEU A 1 42 ? -13.022 -8.064  -7.683  1.00 28.02  ? 42  LEU A C   1 
ATOM   209 O  O   . LEU A 1 42 ? -13.523 -9.197  -7.619  1.00 24.77  ? 42  LEU A O   1 
ATOM   210 C  CB  . LEU A 1 42 ? -11.073 -8.497  -9.274  1.00 26.84  ? 42  LEU A CB  1 
ATOM   211 C  CG  . LEU A 1 42 ? -11.800 -8.053  -10.567 1.00 34.85  ? 42  LEU A CG  1 
ATOM   212 C  CD1 . LEU A 1 42 ? -11.857 -6.504  -10.729 1.00 35.04  ? 42  LEU A CD1 1 
ATOM   213 C  CD2 . LEU A 1 42 ? -11.127 -8.662  -11.764 1.00 41.32  ? 42  LEU A CD2 1 
ATOM   214 N  N   . GLY A 1 43 ? -13.716 -6.950  -7.465  1.00 24.66  ? 43  GLY A N   1 
ATOM   215 C  CA  . GLY A 1 43 ? -15.161 -6.960  -7.280  1.00 25.65  ? 43  GLY A CA  1 
ATOM   216 C  C   . GLY A 1 43 ? -15.658 -7.846  -6.154  1.00 26.85  ? 43  GLY A C   1 
ATOM   217 O  O   . GLY A 1 43 ? -15.200 -7.720  -5.022  1.00 25.35  ? 43  GLY A O   1 
ATOM   218 N  N   . GLN A 1 44 ? -16.541 -8.787  -6.475  1.00 23.13  ? 44  GLN A N   1 
ATOM   219 C  CA  . GLN A 1 44 ? -17.140 -9.706  -5.502  1.00 23.33  ? 44  GLN A CA  1 
ATOM   220 C  C   . GLN A 1 44 ? -16.371 -11.056 -5.352  1.00 27.14  ? 44  GLN A C   1 
ATOM   221 O  O   . GLN A 1 44 ? -16.811 -11.922 -4.603  1.00 25.73  ? 44  GLN A O   1 
ATOM   222 C  CB  . GLN A 1 44 ? -18.624 -9.959  -5.848  1.00 24.75  ? 44  GLN A CB  1 
ATOM   223 C  CG  . GLN A 1 44 ? -19.533 -8.757  -5.509  1.00 28.32  ? 44  GLN A CG  1 
ATOM   224 C  CD  . GLN A 1 44 ? -19.462 -8.346  -4.046  1.00 42.66  ? 44  GLN A CD  1 
ATOM   225 O  OE1 . GLN A 1 44 ? -19.954 -9.033  -3.170  1.00 44.65  ? 44  GLN A OE1 1 
ATOM   226 N  NE2 . GLN A 1 44 ? -18.824 -7.227  -3.740  1.00 35.01  ? 44  GLN A NE2 1 
ATOM   227 N  N   . ASN A 1 45 ? -15.227 -11.207 -6.036  1.00 23.82  ? 45  ASN A N   1 
ATOM   228 C  CA  . ASN A 1 45 ? -14.412 -12.422 -5.944  1.00 25.17  ? 45  ASN A CA  1 
ATOM   229 C  C   . ASN A 1 45 ? -13.951 -12.654 -4.525  1.00 27.93  ? 45  ASN A C   1 
ATOM   230 O  O   . ASN A 1 45 ? -13.599 -11.686 -3.839  1.00 25.99  ? 45  ASN A O   1 
ATOM   231 C  CB  . ASN A 1 45 ? -13.184 -12.321 -6.882  1.00 25.64  ? 45  ASN A CB  1 
ATOM   232 C  CG  . ASN A 1 45 ? -13.603 -12.417 -8.330  1.00 37.44  ? 45  ASN A CG  1 
ATOM   233 O  OD1 . ASN A 1 45 ? -13.696 -11.449 -9.080  1.00 35.44  ? 45  ASN A OD1 1 
ATOM   234 N  ND2 . ASN A 1 45 ? -13.916 -13.588 -8.745  1.00 32.50  ? 45  ASN A ND2 1 
ATOM   235 N  N   . LYS A 1 46 ? -14.019 -13.910 -4.054  1.00 26.21  ? 46  LYS A N   1 
ATOM   236 C  CA  . LYS A 1 46 ? -13.525 -14.244 -2.707  1.00 26.05  ? 46  LYS A CA  1 
ATOM   237 C  C   . LYS A 1 46 ? -12.007 -14.459 -2.754  1.00 29.11  ? 46  LYS A C   1 
ATOM   238 O  O   . LYS A 1 46 ? -11.368 -14.380 -1.706  1.00 29.32  ? 46  LYS A O   1 
ATOM   239 C  CB  . LYS A 1 46 ? -14.186 -15.540 -2.157  1.00 31.80  ? 46  LYS A CB  1 
ATOM   240 C  CG  . LYS A 1 46 ? -15.664 -15.403 -1.768  1.00 41.79  ? 46  LYS A CG  1 
ATOM   241 C  CD  . LYS A 1 46 ? -16.213 -16.753 -1.271  1.00 47.18  ? 46  LYS A CD  1 
ATOM   242 C  CE  . LYS A 1 46 ? -17.686 -16.710 -0.926  1.00 31.90  ? 46  LYS A CE  1 
ATOM   243 N  NZ  . LYS A 1 46 ? -18.178 -18.049 -0.517  1.00 56.00  ? 46  LYS A NZ  1 
ATOM   244 N  N   . LYS A 1 47 ? -11.427 -14.797 -3.929  1.00 24.44  ? 47  LYS A N   1 
ATOM   245 C  CA  . LYS A 1 47 ? -9.990  -15.113 -4.032  1.00 25.16  ? 47  LYS A CA  1 
ATOM   246 C  C   . LYS A 1 47 ? -9.220  -14.040 -4.784  1.00 28.05  ? 47  LYS A C   1 
ATOM   247 O  O   . LYS A 1 47 ? -9.699  -13.524 -5.795  1.00 25.71  ? 47  LYS A O   1 
ATOM   248 C  CB  . LYS A 1 47 ? -9.783  -16.480 -4.703  1.00 30.26  ? 47  LYS A CB  1 
ATOM   249 C  CG  . LYS A 1 47 ? -10.355 -17.666 -3.884  1.00 40.12  ? 47  LYS A CG  1 
ATOM   250 C  CD  . LYS A 1 47 ? -10.147 -19.069 -4.530  1.00 46.24  ? 47  LYS A CD  1 
ATOM   251 C  CE  . LYS A 1 47 ? -11.239 -19.407 -5.517  1.00 41.85  ? 47  LYS A CE  1 
ATOM   252 N  NZ  . LYS A 1 47 ? -11.290 -20.866 -5.888  1.00 39.27  ? 47  LYS A NZ  1 
ATOM   253 N  N   . GLY A 1 48 ? -8.038  -13.720 -4.280  1.00 26.87  ? 48  GLY A N   1 
ATOM   254 C  CA  . GLY A 1 48 ? -7.187  -12.698 -4.874  1.00 25.23  ? 48  GLY A CA  1 
ATOM   255 C  C   . GLY A 1 48 ? -5.720  -12.939 -4.583  1.00 27.73  ? 48  GLY A C   1 
ATOM   256 O  O   . GLY A 1 48 ? -5.276  -14.085 -4.465  1.00 25.59  ? 48  GLY A O   1 
ATOM   257 N  N   . HIS A 1 49 ? -4.951  -11.858 -4.522  1.00 24.76  ? 49  HIS A N   1 
ATOM   258 C  CA  . HIS A 1 49 ? -3.514  -11.935 -4.285  1.00 25.65  ? 49  HIS A CA  1 
ATOM   259 C  C   . HIS A 1 49 ? -3.089  -10.898 -3.282  1.00 26.99  ? 49  HIS A C   1 
ATOM   260 O  O   . HIS A 1 49 ? -3.757  -9.875  -3.124  1.00 25.18  ? 49  HIS A O   1 
ATOM   261 C  CB  . HIS A 1 49 ? -2.749  -11.716 -5.592  1.00 28.06  ? 49  HIS A CB  1 
ATOM   262 C  CG  . HIS A 1 49 ? -3.025  -12.783 -6.584  1.00 34.43  ? 49  HIS A CG  1 
ATOM   263 N  ND1 . HIS A 1 49 ? -4.077  -12.680 -7.462  1.00 37.42  ? 49  HIS A ND1 1 
ATOM   264 C  CD2 . HIS A 1 49 ? -2.443  -13.991 -6.735  1.00 38.14  ? 49  HIS A CD2 1 
ATOM   265 C  CE1 . HIS A 1 49 ? -4.075  -13.801 -8.148  1.00 38.18  ? 49  HIS A CE1 1 
ATOM   266 N  NE2 . HIS A 1 49 ? -3.096  -14.603 -7.761  1.00 39.12  ? 49  HIS A NE2 1 
ATOM   267 N  N   . CYS A 1 50 ? -1.981  -11.165 -2.601  1.00 23.76  ? 50  CYS A N   1 
ATOM   268 C  CA  . CYS A 1 50 ? -1.391  -10.249 -1.640  1.00 23.63  ? 50  CYS A CA  1 
ATOM   269 C  C   . CYS A 1 50 ? -0.550  -9.218  -2.353  1.00 26.22  ? 50  CYS A C   1 
ATOM   270 O  O   . CYS A 1 50 ? 0.264   -9.557  -3.213  1.00 25.49  ? 50  CYS A O   1 
ATOM   271 C  CB  . CYS A 1 50 ? -0.581  -11.000 -0.590  1.00 23.97  ? 50  CYS A CB  1 
ATOM   272 S  SG  . CYS A 1 50 ? -1.551  -12.228 0.323   1.00 29.22  ? 50  CYS A SG  1 
ATOM   273 N  N   . TYR A 1 51 ? -0.745  -7.941  -1.970  1.00 22.00  ? 51  TYR A N   1 
ATOM   274 C  CA  . TYR A 1 51 ? 0.016   -6.831  -2.541  1.00 21.05  ? 51  TYR A CA  1 
ATOM   275 C  C   . TYR A 1 51 ? 0.549   -5.969  -1.417  1.00 23.55  ? 51  TYR A C   1 
ATOM   276 O  O   . TYR A 1 51 ? 0.051   -6.066  -0.303  1.00 22.78  ? 51  TYR A O   1 
ATOM   277 C  CB  . TYR A 1 51 ? -0.854  -5.967  -3.448  1.00 20.44  ? 51  TYR A CB  1 
ATOM   278 C  CG  . TYR A 1 51 ? -1.491  -6.735  -4.580  1.00 24.18  ? 51  TYR A CG  1 
ATOM   279 C  CD1 . TYR A 1 51 ? -0.738  -7.158  -5.677  1.00 28.19  ? 51  TYR A CD1 1 
ATOM   280 C  CD2 . TYR A 1 51 ? -2.837  -7.069  -4.544  1.00 23.95  ? 51  TYR A CD2 1 
ATOM   281 C  CE1 . TYR A 1 51 ? -1.319  -7.904  -6.713  1.00 29.13  ? 51  TYR A CE1 1 
ATOM   282 C  CE2 . TYR A 1 51 ? -3.431  -7.794  -5.583  1.00 25.26  ? 51  TYR A CE2 1 
ATOM   283 C  CZ  . TYR A 1 51 ? -2.662  -8.224  -6.653  1.00 31.90  ? 51  TYR A CZ  1 
ATOM   284 O  OH  . TYR A 1 51 ? -3.250  -8.943  -7.671  1.00 36.73  ? 51  TYR A OH  1 
ATOM   285 N  N   . LYS A 1 52 ? 1.417   -5.022  -1.749  1.00 21.11  ? 52  LYS A N   1 
ATOM   286 C  CA  . LYS A 1 52 ? 1.964   -4.052  -0.780  1.00 19.93  ? 52  LYS A CA  1 
ATOM   287 C  C   . LYS A 1 52 ? 2.321   -2.771  -1.493  1.00 22.32  ? 52  LYS A C   1 
ATOM   288 O  O   . LYS A 1 52 ? 2.468   -2.754  -2.720  1.00 20.64  ? 52  LYS A O   1 
ATOM   289 C  CB  . LYS A 1 52 ? 3.164   -4.622  0.016   1.00 21.88  ? 52  LYS A CB  1 
ATOM   290 C  CG  . LYS A 1 52 ? 4.361   -4.937  -0.894  1.00 20.78  ? 52  LYS A CG  1 
ATOM   291 C  CD  . LYS A 1 52 ? 5.546   -5.559  -0.109  1.00 24.92  ? 52  LYS A CD  1 
ATOM   292 C  CE  . LYS A 1 52 ? 6.562   -6.083  -1.123  1.00 33.49  ? 52  LYS A CE  1 
ATOM   293 N  NZ  . LYS A 1 52 ? 7.650   -6.860  -0.455  1.00 40.15  ? 52  LYS A NZ  1 
ATOM   294 N  N   . ILE A 1 53 ? 2.411   -1.691  -0.733  1.00 17.92  ? 53  ILE A N   1 
ATOM   295 C  CA  . ILE A 1 53 ? 2.713   -0.380  -1.251  1.00 18.03  ? 53  ILE A CA  1 
ATOM   296 C  C   . ILE A 1 53 ? 4.151   -0.062  -0.955  1.00 18.13  ? 53  ILE A C   1 
ATOM   297 O  O   . ILE A 1 53 ? 4.600   -0.168  0.187   1.00 19.01  ? 53  ILE A O   1 
ATOM   298 C  CB  . ILE A 1 53 ? 1.782   0.673   -0.646  1.00 21.09  ? 53  ILE A CB  1 
ATOM   299 C  CG1 . ILE A 1 53 ? 0.276   0.254   -0.848  1.00 22.71  ? 53  ILE A CG1 1 
ATOM   300 C  CG2 . ILE A 1 53 ? 2.096   2.040   -1.231  1.00 20.88  ? 53  ILE A CG2 1 
ATOM   301 C  CD1 . ILE A 1 53 ? -0.678  1.223   -0.197  1.00 28.43  ? 53  ILE A CD1 1 
ATOM   302 N  N   . ILE A 1 54 ? 4.877   0.369   -1.992  1.00 17.64  ? 54  ILE A N   1 
ATOM   303 C  CA  . ILE A 1 54 ? 6.265   0.777   -1.801  1.00 18.49  ? 54  ILE A CA  1 
ATOM   304 C  C   . ILE A 1 54 ? 6.489   2.103   -2.482  1.00 21.55  ? 54  ILE A C   1 
ATOM   305 O  O   . ILE A 1 54 ? 5.739   2.487   -3.398  1.00 21.20  ? 54  ILE A O   1 
ATOM   306 C  CB  . ILE A 1 54 ? 7.285   -0.339  -2.298  1.00 21.41  ? 54  ILE A CB  1 
ATOM   307 C  CG1 . ILE A 1 54 ? 7.150   -0.664  -3.810  1.00 22.18  ? 54  ILE A CG1 1 
ATOM   308 C  CG2 . ILE A 1 54 ? 7.151   -1.635  -1.465  1.00 22.33  ? 54  ILE A CG2 1 
ATOM   309 C  CD1 . ILE A 1 54 ? 8.031   0.192   -4.753  1.00 30.28  ? 54  ILE A CD1 1 
ATOM   310 N  N   . GLY A 1 55 ? 7.527   2.775   -2.040  1.00 19.07  ? 55  GLY A N   1 
ATOM   311 C  CA  . GLY A 1 55 ? 8.025   3.992   -2.660  1.00 19.68  ? 55  GLY A CA  1 
ATOM   312 C  C   . GLY A 1 55 ? 9.445   3.716   -3.114  1.00 22.69  ? 55  GLY A C   1 
ATOM   313 O  O   . GLY A 1 55 ? 10.210  3.086   -2.389  1.00 21.95  ? 55  GLY A O   1 
ATOM   314 N  N   . ASN A 1 56 ? 9.834   4.205   -4.280  1.00 18.35  ? 56  ASN A N   1 
ATOM   315 C  CA  . ASN A 1 56 ? 11.192  4.017   -4.736  1.00 20.20  ? 56  ASN A CA  1 
ATOM   316 C  C   . ASN A 1 56 ? 12.056  5.165   -4.304  1.00 24.93  ? 56  ASN A C   1 
ATOM   317 O  O   . ASN A 1 56 ? 11.659  6.321   -4.422  1.00 24.57  ? 56  ASN A O   1 
ATOM   318 C  CB  . ASN A 1 56 ? 11.209  3.984   -6.275  1.00 20.20  ? 56  ASN A CB  1 
ATOM   319 C  CG  . ASN A 1 56 ? 10.760  2.663   -6.790  1.00 32.20  ? 56  ASN A CG  1 
ATOM   320 O  OD1 . ASN A 1 56 ? 11.527  1.701   -6.804  1.00 28.96  ? 56  ASN A OD1 1 
ATOM   321 N  ND2 . ASN A 1 56 ? 9.507   2.597   -7.218  1.00 26.15  ? 56  ASN A ND2 1 
ATOM   322 N  N   . LEU A 1 57 ? 13.268  4.852   -3.841  1.00 20.73  ? 57  LEU A N   1 
ATOM   323 C  CA  . LEU A 1 57 ? 14.240  5.879   -3.595  1.00 19.54  ? 57  LEU A CA  1 
ATOM   324 C  C   . LEU A 1 57 ? 15.151  5.915   -4.856  1.00 24.47  ? 57  LEU A C   1 
ATOM   325 O  O   . LEU A 1 57 ? 15.689  4.868   -5.265  1.00 23.23  ? 57  LEU A O   1 
ATOM   326 C  CB  . LEU A 1 57 ? 15.058  5.577   -2.315  1.00 19.44  ? 57  LEU A CB  1 
ATOM   327 C  CG  . LEU A 1 57 ? 15.957  6.746   -1.879  1.00 24.42  ? 57  LEU A CG  1 
ATOM   328 C  CD1 . LEU A 1 57 ? 15.101  7.806   -1.179  1.00 26.70  ? 57  LEU A CD1 1 
ATOM   329 C  CD2 . LEU A 1 57 ? 17.027  6.269   -0.881  1.00 23.95  ? 57  LEU A CD2 1 
ATOM   330 N  N   . SER A 1 58 ? 15.277  7.085   -5.531  1.00 24.96  ? 58  SER A N   1 
ATOM   331 C  CA  . SER A 1 58 ? 16.136  7.112   -6.736  1.00 24.95  ? 58  SER A CA  1 
ATOM   332 C  C   . SER A 1 58 ? 17.424  7.851   -6.423  1.00 28.99  ? 58  SER A C   1 
ATOM   333 O  O   . SER A 1 58 ? 17.521  8.457   -5.363  1.00 30.53  ? 58  SER A O   1 
ATOM   334 C  CB  . SER A 1 58 ? 15.408  7.795   -7.895  1.00 31.01  ? 58  SER A CB  1 
ATOM   335 O  OG  . SER A 1 58 ? 15.117  9.132   -7.521  1.00 36.76  ? 58  SER A OG  1 
ATOM   336 N  N   . GLY A 1 59 ? 18.388  7.806   -7.340  1.00 24.85  ? 59  GLY A N   1 
ATOM   337 C  CA  . GLY A 1 59 ? 19.637  8.528   -7.177  1.00 25.84  ? 59  GLY A CA  1 
ATOM   338 C  C   . GLY A 1 59 ? 20.818  7.641   -6.894  1.00 31.24  ? 59  GLY A C   1 
ATOM   339 O  O   . GLY A 1 59 ? 21.936  8.146   -6.853  1.00 30.90  ? 59  GLY A O   1 
ATOM   340 N  N   . GLU A 1 60 ? 20.578  6.316   -6.678  1.00 26.57  ? 60  GLU A N   1 
ATOM   341 C  CA  . GLU A 1 60 ? 21.657  5.338   -6.394  1.00 26.72  ? 60  GLU A CA  1 
ATOM   342 C  C   . GLU A 1 60 ? 22.760  5.443   -7.474  1.00 30.38  ? 60  GLU A C   1 
ATOM   343 O  O   . GLU A 1 60 ? 22.420  5.534   -8.643  1.00 29.24  ? 60  GLU A O   1 
ATOM   344 C  CB  . GLU A 1 60 ? 21.107  3.873   -6.403  1.00 27.02  ? 60  GLU A CB  1 
ATOM   345 C  CG  . GLU A 1 60 ? 19.916  3.629   -5.470  1.00 26.96  ? 60  GLU A CG  1 
ATOM   346 C  CD  . GLU A 1 60 ? 18.518  3.614   -6.061  1.00 36.93  ? 60  GLU A CD  1 
ATOM   347 O  OE1 . GLU A 1 60 ? 17.678  2.754   -5.678  1.00 20.51  ? 60  GLU A OE1 1 
ATOM   348 O  OE2 . GLU A 1 60 ? 18.251  4.504   -6.896  1.00 28.74  ? 60  GLU A OE2 1 
ATOM   349 N  N   . PRO A 1 61 ? 24.067  5.363   -7.124  1.00 30.16  ? 61  PRO A N   1 
ATOM   350 C  CA  . PRO A 1 61 ? 25.106  5.363   -8.174  1.00 30.22  ? 61  PRO A CA  1 
ATOM   351 C  C   . PRO A 1 61 ? 24.984  4.056   -8.982  1.00 32.59  ? 61  PRO A C   1 
ATOM   352 O  O   . PRO A 1 61 ? 24.397  3.105   -8.445  1.00 28.06  ? 61  PRO A O   1 
ATOM   353 C  CB  . PRO A 1 61 ? 26.411  5.409   -7.381  1.00 31.91  ? 61  PRO A CB  1 
ATOM   354 C  CG  . PRO A 1 61 ? 26.058  4.818   -6.033  1.00 35.27  ? 61  PRO A CG  1 
ATOM   355 C  CD  . PRO A 1 61 ? 24.647  5.211   -5.774  1.00 31.17  ? 61  PRO A CD  1 
ATOM   356 N  N   . PRO A 1 62 ? 25.498  3.957   -10.232 1.00 32.98  ? 62  PRO A N   1 
ATOM   357 C  CA  . PRO A 1 62 ? 25.322  2.705   -11.005 1.00 32.57  ? 62  PRO A CA  1 
ATOM   358 C  C   . PRO A 1 62 ? 26.004  1.454   -10.444 1.00 32.47  ? 62  PRO A C   1 
ATOM   359 O  O   . PRO A 1 62 ? 25.553  0.344   -10.718 1.00 31.16  ? 62  PRO A O   1 
ATOM   360 C  CB  . PRO A 1 62 ? 25.899  3.061   -12.381 1.00 36.40  ? 62  PRO A CB  1 
ATOM   361 C  CG  . PRO A 1 62 ? 26.845  4.176   -12.113 1.00 41.14  ? 62  PRO A CG  1 
ATOM   362 C  CD  . PRO A 1 62 ? 26.188  4.984   -11.047 1.00 35.75  ? 62  PRO A CD  1 
ATOM   363 N  N   . VAL A 1 63 ? 27.097  1.633   -9.704  1.00 27.20  ? 63  VAL A N   1 
ATOM   364 C  CA  . VAL A 1 63 ? 27.913  0.548   -9.138  1.00 28.03  ? 63  VAL A CA  1 
ATOM   365 C  C   . VAL A 1 63 ? 28.186  0.805   -7.677  1.00 30.05  ? 63  VAL A C   1 
ATOM   366 O  O   . VAL A 1 63 ? 28.623  1.897   -7.318  1.00 31.50  ? 63  VAL A O   1 
ATOM   367 C  CB  . VAL A 1 63 ? 29.253  0.352   -9.911  1.00 34.18  ? 63  VAL A CB  1 
ATOM   368 C  CG1 . VAL A 1 63 ? 30.077  -0.780  -9.300  1.00 34.55  ? 63  VAL A CG1 1 
ATOM   369 C  CG2 . VAL A 1 63 ? 29.027  0.108   -11.408 1.00 35.35  ? 63  VAL A CG2 1 
ATOM   370 N  N   . VAL A 1 64 ? 27.967  -0.207  -6.832  1.00 25.31  ? 64  VAL A N   1 
ATOM   371 C  CA  . VAL A 1 64 ? 28.272  -0.122  -5.405  1.00 24.44  ? 64  VAL A CA  1 
ATOM   372 C  C   . VAL A 1 64 ? 29.064  -1.361  -5.034  1.00 28.08  ? 64  VAL A C   1 
ATOM   373 O  O   . VAL A 1 64 ? 28.610  -2.472  -5.315  1.00 24.87  ? 64  VAL A O   1 
ATOM   374 C  CB  . VAL A 1 64 ? 26.999  0.017   -4.500  1.00 27.73  ? 64  VAL A CB  1 
ATOM   375 C  CG1 . VAL A 1 64 ? 27.355  -0.075  -3.019  1.00 27.81  ? 64  VAL A CG1 1 
ATOM   376 C  CG2 . VAL A 1 64 ? 26.237  1.309   -4.781  1.00 27.70  ? 64  VAL A CG2 1 
ATOM   377 N  N   . ARG A 1 65 ? 30.216  -1.167  -4.353  1.00 25.02  ? 65  ARG A N   1 
ATOM   378 C  CA  . ARG A 1 65 ? 31.053  -2.253  -3.836  1.00 27.21  ? 65  ARG A CA  1 
ATOM   379 C  C   . ARG A 1 65 ? 30.924  -2.294  -2.307  1.00 33.62  ? 65  ARG A C   1 
ATOM   380 O  O   . ARG A 1 65 ? 30.985  -1.257  -1.649  1.00 34.35  ? 65  ARG A O   1 
ATOM   381 C  CB  . ARG A 1 65 ? 32.527  -2.113  -4.254  1.00 29.35  ? 65  ARG A CB  1 
ATOM   382 C  CG  . ARG A 1 65 ? 32.737  -2.192  -5.756  1.00 33.54  ? 65  ARG A CG  1 
ATOM   383 C  CD  . ARG A 1 65 ? 34.211  -2.116  -6.186  1.00 34.47  ? 65  ARG A CD  1 
ATOM   384 N  NE  . ARG A 1 65 ? 34.314  -2.224  -7.646  1.00 35.04  ? 65  ARG A NE  1 
ATOM   385 C  CZ  . ARG A 1 65 ? 34.337  -3.376  -8.317  1.00 52.59  ? 65  ARG A CZ  1 
ATOM   386 N  NH1 . ARG A 1 65 ? 34.313  -4.537  -7.665  1.00 25.78  ? 65  ARG A NH1 1 
ATOM   387 N  NH2 . ARG A 1 65 ? 34.398  -3.377  -9.644  1.00 44.92  ? 65  ARG A NH2 1 
ATOM   388 N  N   . ARG A 1 66 ? 30.696  -3.475  -1.765  1.00 30.71  ? 66  ARG A N   1 
ATOM   389 C  CA  . ARG A 1 66 ? 30.598  -3.687  -0.318  1.00 31.95  ? 66  ARG A CA  1 
ATOM   390 C  C   . ARG A 1 66 ? 31.774  -4.503  0.226   1.00 42.69  ? 66  ARG A C   1 
ATOM   391 O  O   . ARG A 1 66 ? 32.540  -5.085  -0.579  1.00 40.05  ? 66  ARG A O   1 
ATOM   392 C  CB  . ARG A 1 66 ? 29.251  -4.338  0.069   1.00 32.79  ? 66  ARG A CB  1 
ATOM   393 C  CG  . ARG A 1 66 ? 29.055  -5.769  -0.386  1.00 36.37  ? 66  ARG A CG  1 
ATOM   394 C  CD  . ARG A 1 66 ? 27.790  -6.344  0.181   1.00 35.67  ? 66  ARG A CD  1 
ATOM   395 N  NE  . ARG A 1 66 ? 27.516  -7.688  -0.322  1.00 39.76  ? 66  ARG A NE  1 
ATOM   396 C  CZ  . ARG A 1 66 ? 27.887  -8.807  0.288   1.00 47.83  ? 66  ARG A CZ  1 
ATOM   397 N  NH1 . ARG A 1 66 ? 28.549  -8.757  1.437   1.00 41.40  ? 66  ARG A NH1 1 
ATOM   398 N  NH2 . ARG A 1 66 ? 27.547  -9.985  -0.215  1.00 42.39  ? 66  ARG A NH2 1 
ATOM   399 O  OXT . ARG A 1 66 ? 31.905  -4.589  1.469   1.00 61.97  ? 66  ARG A OXT 1 
ATOM   400 N  N   . ASP B 1 12 ? 1.172   -10.574 -12.190 1.00 67.77  ? 12  ASP B N   1 
ATOM   401 C  CA  . ASP B 1 12 ? 0.748   -10.458 -10.795 1.00 63.29  ? 12  ASP B CA  1 
ATOM   402 C  C   . ASP B 1 12 ? -0.567  -9.682  -10.609 1.00 58.76  ? 12  ASP B C   1 
ATOM   403 O  O   . ASP B 1 12 ? -1.299  -9.930  -9.649  1.00 55.88  ? 12  ASP B O   1 
ATOM   404 C  CB  . ASP B 1 12 ? 1.871   -9.866  -9.907  1.00 64.44  ? 12  ASP B CB  1 
ATOM   405 C  CG  . ASP B 1 12 ? 2.504   -8.551  -10.355 1.00 73.22  ? 12  ASP B CG  1 
ATOM   406 O  OD1 . ASP B 1 12 ? 1.760   -7.637  -10.764 1.00 70.08  ? 12  ASP B OD1 1 
ATOM   407 O  OD2 . ASP B 1 12 ? 3.744   -8.431  -10.270 1.00 82.63  ? 12  ASP B OD2 1 
ATOM   408 N  N   . GLY B 1 13 ? -0.840  -8.748  -11.511 1.00 51.19  ? 13  GLY B N   1 
ATOM   409 C  CA  . GLY B 1 13 ? -2.031  -7.912  -11.431 1.00 46.58  ? 13  GLY B CA  1 
ATOM   410 C  C   . GLY B 1 13 ? -1.909  -6.743  -10.470 1.00 43.65  ? 13  GLY B C   1 
ATOM   411 O  O   . GLY B 1 13 ? -2.904  -6.070  -10.206 1.00 40.00  ? 13  GLY B O   1 
ATOM   412 N  N   . ALA B 1 14 ? -0.690  -6.479  -9.925  1.00 40.03  ? 14  ALA B N   1 
ATOM   413 C  CA  . ALA B 1 14 ? -0.441  -5.354  -9.010  1.00 36.66  ? 14  ALA B CA  1 
ATOM   414 C  C   . ALA B 1 14 ? -0.752  -4.000  -9.667  1.00 40.70  ? 14  ALA B C   1 
ATOM   415 O  O   . ALA B 1 14 ? -1.270  -3.100  -9.006  1.00 35.70  ? 14  ALA B O   1 
ATOM   416 C  CB  . ALA B 1 14 ? 1.008   -5.381  -8.524  1.00 37.74  ? 14  ALA B CB  1 
ATOM   417 N  N   . ASP B 1 15 ? -0.480  -3.884  -10.986 1.00 41.70  ? 15  ASP B N   1 
ATOM   418 C  CA  . ASP B 1 15 ? -0.729  -2.672  -11.784 1.00 42.38  ? 15  ASP B CA  1 
ATOM   419 C  C   . ASP B 1 15 ? -2.212  -2.257  -11.823 1.00 44.54  ? 15  ASP B C   1 
ATOM   420 O  O   . ASP B 1 15 ? -2.525  -1.131  -12.209 1.00 44.80  ? 15  ASP B O   1 
ATOM   421 C  CB  . ASP B 1 15 ? -0.190  -2.853  -13.216 1.00 48.17  ? 15  ASP B CB  1 
ATOM   422 C  CG  . ASP B 1 15 ? -0.856  -3.991  -13.975 1.00 71.14  ? 15  ASP B CG  1 
ATOM   423 O  OD1 . ASP B 1 15 ? -1.053  -5.076  -13.372 1.00 71.67  ? 15  ASP B OD1 1 
ATOM   424 O  OD2 . ASP B 1 15 ? -1.172  -3.802  -15.181 1.00 84.36  ? 15  ASP B OD2 1 
ATOM   425 N  N   . ASN B 1 16 ? -3.117  -3.161  -11.424 1.00 39.14  ? 16  ASN B N   1 
ATOM   426 C  CA  . ASN B 1 16 ? -4.559  -2.910  -11.419 1.00 37.05  ? 16  ASN B CA  1 
ATOM   427 C  C   . ASN B 1 16 ? -5.028  -2.107  -10.219 1.00 36.96  ? 16  ASN B C   1 
ATOM   428 O  O   . ASN B 1 16 ? -6.190  -1.696  -10.166 1.00 35.37  ? 16  ASN B O   1 
ATOM   429 C  CB  . ASN B 1 16 ? -5.304  -4.224  -11.488 1.00 36.70  ? 16  ASN B CB  1 
ATOM   430 C  CG  . ASN B 1 16 ? -5.109  -4.982  -12.785 1.00 57.50  ? 16  ASN B CG  1 
ATOM   431 O  OD1 . ASN B 1 16 ? -5.152  -4.427  -13.884 1.00 52.96  ? 16  ASN B OD1 1 
ATOM   432 N  ND2 . ASN B 1 16 ? -4.891  -6.276  -12.682 1.00 54.08  ? 16  ASN B ND2 1 
ATOM   433 N  N   . PHE B 1 17 ? -4.127  -1.877  -9.261  1.00 31.35  ? 17  PHE B N   1 
ATOM   434 C  CA  . PHE B 1 17 ? -4.401  -1.117  -8.061  1.00 28.69  ? 17  PHE B CA  1 
ATOM   435 C  C   . PHE B 1 17 ? -3.520  0.093   -8.066  1.00 34.52  ? 17  PHE B C   1 
ATOM   436 O  O   . PHE B 1 17 ? -2.391  0.040   -8.575  1.00 33.74  ? 17  PHE B O   1 
ATOM   437 C  CB  . PHE B 1 17 ? -4.071  -1.933  -6.797  1.00 29.26  ? 17  PHE B CB  1 
ATOM   438 C  CG  . PHE B 1 17 ? -4.953  -3.123  -6.571  1.00 30.88  ? 17  PHE B CG  1 
ATOM   439 C  CD1 . PHE B 1 17 ? -6.146  -3.000  -5.868  1.00 33.40  ? 17  PHE B CD1 1 
ATOM   440 C  CD2 . PHE B 1 17 ? -4.611  -4.368  -7.088  1.00 34.93  ? 17  PHE B CD2 1 
ATOM   441 C  CE1 . PHE B 1 17 ? -6.977  -4.109  -5.679  1.00 35.30  ? 17  PHE B CE1 1 
ATOM   442 C  CE2 . PHE B 1 17 ? -5.471  -5.463  -6.944  1.00 38.00  ? 17  PHE B CE2 1 
ATOM   443 C  CZ  . PHE B 1 17 ? -6.628  -5.333  -6.214  1.00 35.21  ? 17  PHE B CZ  1 
ATOM   444 N  N   . ASP B 1 18 ? -4.020  1.169   -7.474  1.00 31.42  ? 18  ASP B N   1 
ATOM   445 C  CA  . ASP B 1 18 ? -3.265  2.404   -7.319  1.00 32.12  ? 18  ASP B CA  1 
ATOM   446 C  C   . ASP B 1 18 ? -3.566  3.052   -5.986  1.00 34.24  ? 18  ASP B C   1 
ATOM   447 O  O   . ASP B 1 18 ? -4.600  2.771   -5.379  1.00 34.28  ? 18  ASP B O   1 
ATOM   448 C  CB  . ASP B 1 18 ? -3.532  3.383   -8.471  1.00 36.10  ? 18  ASP B CB  1 
ATOM   449 C  CG  . ASP B 1 18 ? -2.486  4.489   -8.603  1.00 45.22  ? 18  ASP B CG  1 
ATOM   450 O  OD1 . ASP B 1 18 ? -1.379  4.361   -7.988  1.00 47.37  ? 18  ASP B OD1 1 
ATOM   451 O  OD2 . ASP B 1 18 ? -2.756  5.466   -9.306  1.00 49.60  ? 18  ASP B OD2 1 
ATOM   452 N  N   . VAL B 1 19 ? -2.660  3.924   -5.533  1.00 29.47  ? 19  VAL B N   1 
ATOM   453 C  CA  . VAL B 1 19 ? -2.775  4.642   -4.270  1.00 29.42  ? 19  VAL B CA  1 
ATOM   454 C  C   . VAL B 1 19 ? -3.160  6.086   -4.566  1.00 35.79  ? 19  VAL B C   1 
ATOM   455 O  O   . VAL B 1 19 ? -2.535  6.748   -5.405  1.00 36.21  ? 19  VAL B O   1 
ATOM   456 C  CB  . VAL B 1 19 ? -1.442  4.566   -3.470  1.00 33.98  ? 19  VAL B CB  1 
ATOM   457 C  CG1 . VAL B 1 19 ? -1.607  5.201   -2.089  1.00 33.80  ? 19  VAL B CG1 1 
ATOM   458 C  CG2 . VAL B 1 19 ? -0.965  3.125   -3.342  1.00 33.46  ? 19  VAL B CG2 1 
ATOM   459 N  N   . VAL B 1 20 ? -4.187  6.580   -3.878  1.00 33.07  ? 20  VAL B N   1 
ATOM   460 C  CA  . VAL B 1 20 ? -4.628  7.955   -4.088  1.00 35.64  ? 20  VAL B CA  1 
ATOM   461 C  C   . VAL B 1 20 ? -4.650  8.714   -2.768  1.00 38.98  ? 20  VAL B C   1 
ATOM   462 O  O   . VAL B 1 20 ? -4.828  8.104   -1.702  1.00 32.63  ? 20  VAL B O   1 
ATOM   463 C  CB  . VAL B 1 20 ? -5.952  8.086   -4.884  1.00 41.54  ? 20  VAL B CB  1 
ATOM   464 C  CG1 . VAL B 1 20 ? -5.802  7.535   -6.303  1.00 41.78  ? 20  VAL B CG1 1 
ATOM   465 C  CG2 . VAL B 1 20 ? -7.120  7.424   -4.157  1.00 41.34  ? 20  VAL B CG2 1 
ATOM   466 N  N   . SER B 1 21 ? -4.494  10.051  -2.853  1.00 38.63  ? 21  SER B N   1 
ATOM   467 C  CA  . SER B 1 21 ? -4.487  10.904  -1.677  1.00 39.15  ? 21  SER B CA  1 
ATOM   468 C  C   . SER B 1 21 ? -5.874  11.207  -1.209  1.00 43.09  ? 21  SER B C   1 
ATOM   469 O  O   . SER B 1 21 ? -6.781  11.451  -2.016  1.00 43.36  ? 21  SER B O   1 
ATOM   470 C  CB  . SER B 1 21 ? -3.770  12.218  -1.958  1.00 44.97  ? 21  SER B CB  1 
ATOM   471 O  OG  . SER B 1 21 ? -3.816  13.027  -0.793  1.00 49.48  ? 21  SER B OG  1 
ATOM   472 N  N   . CYS B 1 22 ? -6.021  11.268  0.106   1.00 40.67  ? 22  CYS B N   1 
ATOM   473 C  CA  . CYS B 1 22 ? -7.281  11.661  0.729   1.00 43.87  ? 22  CYS B CA  1 
ATOM   474 C  C   . CYS B 1 22 ? -7.190  13.066  1.307   1.00 50.37  ? 22  CYS B C   1 
ATOM   475 O  O   . CYS B 1 22 ? -8.079  13.510  2.036   1.00 53.07  ? 22  CYS B O   1 
ATOM   476 C  CB  . CYS B 1 22 ? -7.708  10.628  1.756   1.00 43.73  ? 22  CYS B CB  1 
ATOM   477 S  SG  . CYS B 1 22 ? -7.939  8.981   1.039   1.00 45.26  ? 22  CYS B SG  1 
ATOM   478 N  N   . ASN B 1 23 ? -6.116  13.771  0.927   1.00 47.35  ? 23  ASN B N   1 
ATOM   479 C  CA  . ASN B 1 23 ? -5.802  15.174  1.224   1.00 50.89  ? 23  ASN B CA  1 
ATOM   480 C  C   . ASN B 1 23 ? -5.878  15.520  2.713   1.00 55.36  ? 23  ASN B C   1 
ATOM   481 O  O   . ASN B 1 23 ? -6.559  16.463  3.115   1.00 59.25  ? 23  ASN B O   1 
ATOM   482 C  CB  . ASN B 1 23 ? -6.659  16.109  0.359   1.00 56.33  ? 23  ASN B CB  1 
ATOM   483 C  CG  . ASN B 1 23 ? -6.528  15.796  -1.112  1.00 77.47  ? 23  ASN B CG  1 
ATOM   484 O  OD1 . ASN B 1 23 ? -7.460  15.293  -1.745  1.00 74.81  ? 23  ASN B OD1 1 
ATOM   485 N  ND2 . ASN B 1 23 ? -5.349  16.044  -1.674  1.00 67.67  ? 23  ASN B ND2 1 
ATOM   486 N  N   . LYS B 1 24 ? -5.157  14.731  3.524   1.00 48.80  ? 24  LYS B N   1 
ATOM   487 C  CA  . LYS B 1 24 ? -5.034  14.916  4.967   1.00 49.13  ? 24  LYS B CA  1 
ATOM   488 C  C   . LYS B 1 24 ? -3.726  14.319  5.449   1.00 50.18  ? 24  LYS B C   1 
ATOM   489 O  O   . LYS B 1 24 ? -3.360  13.203  5.062   1.00 46.76  ? 24  LYS B O   1 
ATOM   490 C  CB  . LYS B 1 24 ? -6.199  14.266  5.741   1.00 50.94  ? 24  LYS B CB  1 
ATOM   491 C  CG  . LYS B 1 24 ? -6.920  15.204  6.708   1.00 64.56  ? 24  LYS B CG  1 
ATOM   492 C  CD  . LYS B 1 24 ? -6.195  15.559  7.991   1.00 68.55  ? 24  LYS B CD  1 
ATOM   493 C  CE  . LYS B 1 24 ? -6.832  14.893  9.176   1.00 71.50  ? 24  LYS B CE  1 
ATOM   494 N  NZ  . LYS B 1 24 ? -6.750  15.726  10.399  1.00 86.60  ? 24  LYS B NZ  1 
ATOM   495 N  N   . ASN B 1 25 ? -3.027  15.081  6.288   1.00 47.91  ? 25  ASN B N   1 
ATOM   496 C  CA  . ASN B 1 25 ? -1.813  14.690  6.986   1.00 45.90  ? 25  ASN B CA  1 
ATOM   497 C  C   . ASN B 1 25 ? -2.330  13.955  8.209   1.00 48.58  ? 25  ASN B C   1 
ATOM   498 O  O   . ASN B 1 25 ? -3.420  14.265  8.690   1.00 49.84  ? 25  ASN B O   1 
ATOM   499 C  CB  . ASN B 1 25 ? -1.020  15.927  7.424   1.00 53.87  ? 25  ASN B CB  1 
ATOM   500 C  CG  . ASN B 1 25 ? -0.368  16.660  6.278   1.00 85.74  ? 25  ASN B CG  1 
ATOM   501 O  OD1 . ASN B 1 25 ? 0.824   16.493  5.998   1.00 76.71  ? 25  ASN B OD1 1 
ATOM   502 N  ND2 . ASN B 1 25 ? -1.135  17.495  5.586   1.00 84.92  ? 25  ASN B ND2 1 
ATOM   503 N  N   . CYS B 1 26 ? -1.581  12.977  8.703   1.00 41.93  ? 26  CYS B N   1 
ATOM   504 C  CA  . CYS B 1 26 ? -2.024  12.187  9.841   1.00 42.40  ? 26  CYS B CA  1 
ATOM   505 C  C   . CYS B 1 26 ? -0.843  11.715  10.669  1.00 46.65  ? 26  CYS B C   1 
ATOM   506 O  O   . CYS B 1 26 ? 0.290   11.688  10.192  1.00 42.52  ? 26  CYS B O   1 
ATOM   507 C  CB  . CYS B 1 26 ? -2.844  11.008  9.341   1.00 41.25  ? 26  CYS B CB  1 
ATOM   508 S  SG  . CYS B 1 26 ? -1.983  10.027  8.082   1.00 41.79  ? 26  CYS B SG  1 
ATOM   509 N  N   . THR B 1 27 ? -1.125  11.314  11.908  1.00 47.42  ? 27  THR B N   1 
ATOM   510 C  CA  . THR B 1 27 ? -0.124  10.824  12.850  1.00 48.20  ? 27  THR B CA  1 
ATOM   511 C  C   . THR B 1 27 ? -0.532  9.418   13.270  1.00 53.70  ? 27  THR B C   1 
ATOM   512 O  O   . THR B 1 27 ? -1.725  9.149   13.409  1.00 54.73  ? 27  THR B O   1 
ATOM   513 C  CB  . THR B 1 27 ? 0.004   11.818  14.035  1.00 59.30  ? 27  THR B CB  1 
ATOM   514 O  OG1 . THR B 1 27 ? 0.208   13.136  13.519  1.00 57.13  ? 27  THR B OG1 1 
ATOM   515 C  CG2 . THR B 1 27 ? 1.157   11.485  14.969  1.00 59.89  ? 27  THR B CG2 1 
ATOM   516 N  N   . SER B 1 28 ? 0.463   8.526   13.458  1.00 50.80  ? 28  SER B N   1 
ATOM   517 C  CA  . SER B 1 28 ? 0.309   7.135   13.891  1.00 51.29  ? 28  SER B CA  1 
ATOM   518 C  C   . SER B 1 28 ? -0.541  7.026   15.167  1.00 60.91  ? 28  SER B C   1 
ATOM   519 O  O   . SER B 1 28 ? -0.395  7.859   16.065  1.00 63.53  ? 28  SER B O   1 
ATOM   520 C  CB  . SER B 1 28 ? 1.683   6.534   14.174  1.00 55.05  ? 28  SER B CB  1 
ATOM   521 O  OG  . SER B 1 28 ? 1.610   5.123   14.311  1.00 64.97  ? 28  SER B OG  1 
ATOM   522 N  N   . GLY B 1 29 ? -1.416  6.019   15.222  1.00 59.14  ? 29  GLY B N   1 
ATOM   523 C  CA  . GLY B 1 29 ? -2.268  5.731   16.378  1.00 63.29  ? 29  GLY B CA  1 
ATOM   524 C  C   . GLY B 1 29 ? -3.557  6.524   16.494  1.00 71.78  ? 29  GLY B C   1 
ATOM   525 O  O   . GLY B 1 29 ? -4.513  6.065   17.133  1.00 74.33  ? 29  GLY B O   1 
ATOM   526 N  N   . GLN B 1 30 ? -3.582  7.734   15.912  1.00 68.98  ? 30  GLN B N   1 
ATOM   527 C  CA  . GLN B 1 30 ? -4.749  8.621   15.897  1.00 71.91  ? 30  GLN B CA  1 
ATOM   528 C  C   . GLN B 1 30 ? -5.719  8.110   14.809  1.00 74.55  ? 30  GLN B C   1 
ATOM   529 O  O   . GLN B 1 30 ? -5.304  7.348   13.937  1.00 71.45  ? 30  GLN B O   1 
ATOM   530 C  CB  . GLN B 1 30 ? -4.319  10.073  15.586  1.00 73.90  ? 30  GLN B CB  1 
ATOM   531 C  CG  . GLN B 1 30 ? -2.990  10.507  16.219  1.00 91.82  ? 30  GLN B CG  1 
ATOM   532 C  CD  . GLN B 1 30 ? -3.153  11.223  17.535  1.00 120.67 ? 30  GLN B CD  1 
ATOM   533 O  OE1 . GLN B 1 30 ? -3.061  12.454  17.611  1.00 119.45 ? 30  GLN B OE1 1 
ATOM   534 N  NE2 . GLN B 1 30 ? -3.381  10.471  18.604  1.00 116.12 ? 30  GLN B NE2 1 
ATOM   535 N  N   . ASN B 1 31 ? -6.993  8.502   14.861  1.00 73.62  ? 31  ASN B N   1 
ATOM   536 C  CA  . ASN B 1 31 ? -7.980  8.082   13.855  1.00 71.74  ? 31  ASN B CA  1 
ATOM   537 C  C   . ASN B 1 31 ? -8.326  9.289   12.965  1.00 71.91  ? 31  ASN B C   1 
ATOM   538 O  O   . ASN B 1 31 ? -9.498  9.538   12.668  1.00 74.11  ? 31  ASN B O   1 
ATOM   539 C  CB  . ASN B 1 31 ? -9.235  7.529   14.560  1.00 79.48  ? 31  ASN B CB  1 
ATOM   540 C  CG  . ASN B 1 31 ? -9.582  6.094   14.223  1.00 105.95 ? 31  ASN B CG  1 
ATOM   541 O  OD1 . ASN B 1 31 ? -10.757 5.743   14.063  1.00 101.39 ? 31  ASN B OD1 1 
ATOM   542 N  ND2 . ASN B 1 31 ? -8.579  5.226   14.128  1.00 96.38  ? 31  ASN B ND2 1 
ATOM   543 N  N   . GLU B 1 32 ? -7.289  10.039  12.550  1.00 62.20  ? 32  GLU B N   1 
ATOM   544 C  CA  . GLU B 1 32 ? -7.409  11.274  11.773  1.00 61.04  ? 32  GLU B CA  1 
ATOM   545 C  C   . GLU B 1 32 ? -7.888  11.110  10.330  1.00 56.70  ? 32  GLU B C   1 
ATOM   546 O  O   . GLU B 1 32 ? -8.188  12.111  9.696   1.00 55.44  ? 32  GLU B O   1 
ATOM   547 C  CB  . GLU B 1 32 ? -6.058  12.028  11.761  1.00 61.68  ? 32  GLU B CB  1 
ATOM   548 C  CG  . GLU B 1 32 ? -5.718  12.792  13.027  1.00 77.51  ? 32  GLU B CG  1 
ATOM   549 C  CD  . GLU B 1 32 ? -4.444  13.608  12.918  1.00 105.10 ? 32  GLU B CD  1 
ATOM   550 O  OE1 . GLU B 1 32 ? -3.386  13.125  13.382  1.00 102.96 ? 32  GLU B OE1 1 
ATOM   551 O  OE2 . GLU B 1 32 ? -4.498  14.729  12.362  1.00 104.72 ? 32  GLU B OE2 1 
ATOM   552 N  N   . CYS B 1 33 ? -7.891  9.891   9.773   1.00 47.92  ? 33  CYS B N   1 
ATOM   553 C  CA  . CYS B 1 33 ? -8.206  9.727   8.363   1.00 44.22  ? 33  CYS B CA  1 
ATOM   554 C  C   . CYS B 1 33 ? -9.685  9.726   7.990   1.00 47.27  ? 33  CYS B C   1 
ATOM   555 O  O   . CYS B 1 33 ? -10.502 9.171   8.726   1.00 49.28  ? 33  CYS B O   1 
ATOM   556 C  CB  . CYS B 1 33 ? -7.511  8.489   7.816   1.00 41.28  ? 33  CYS B CB  1 
ATOM   557 S  SG  . CYS B 1 33 ? -5.719  8.689   7.726   1.00 42.84  ? 33  CYS B SG  1 
ATOM   558 N  N   . PRO B 1 34 ? -10.010 10.231  6.762   1.00 42.41  ? 34  PRO B N   1 
ATOM   559 C  CA  . PRO B 1 34 ? -11.402 10.182  6.282   1.00 45.80  ? 34  PRO B CA  1 
ATOM   560 C  C   . PRO B 1 34 ? -11.838 8.736   6.089   1.00 49.99  ? 34  PRO B C   1 
ATOM   561 O  O   . PRO B 1 34 ? -10.985 7.846   5.958   1.00 45.11  ? 34  PRO B O   1 
ATOM   562 C  CB  . PRO B 1 34 ? -11.329 10.898  4.930   1.00 46.52  ? 34  PRO B CB  1 
ATOM   563 C  CG  . PRO B 1 34 ? -10.115 11.735  4.996   1.00 49.42  ? 34  PRO B CG  1 
ATOM   564 C  CD  . PRO B 1 34 ? -9.147  10.893  5.761   1.00 42.22  ? 34  PRO B CD  1 
ATOM   565 N  N   . GLU B 1 35 ? -13.158 8.503   6.079   1.00 50.66  ? 35  GLU B N   1 
ATOM   566 C  CA  . GLU B 1 35 ? -13.741 7.170   5.889   1.00 50.32  ? 35  GLU B CA  1 
ATOM   567 C  C   . GLU B 1 35 ? -13.179 6.522   4.618   1.00 50.48  ? 35  GLU B C   1 
ATOM   568 O  O   . GLU B 1 35 ? -12.988 7.202   3.601   1.00 49.83  ? 35  GLU B O   1 
ATOM   569 C  CB  . GLU B 1 35 ? -15.280 7.249   5.830   1.00 55.87  ? 35  GLU B CB  1 
ATOM   570 C  CG  . GLU B 1 35 ? -15.972 5.895   5.846   1.00 68.45  ? 35  GLU B CG  1 
ATOM   571 C  CD  . GLU B 1 35 ? -16.299 5.355   7.223   1.00 99.63  ? 35  GLU B CD  1 
ATOM   572 O  OE1 . GLU B 1 35 ? -17.321 5.786   7.804   1.00 98.30  ? 35  GLU B OE1 1 
ATOM   573 O  OE2 . GLU B 1 35 ? -15.540 4.490   7.716   1.00 96.04  ? 35  GLU B OE2 1 
ATOM   574 N  N   . GLY B 1 36 ? -12.854 5.243   4.728   1.00 44.38  ? 36  GLY B N   1 
ATOM   575 C  CA  . GLY B 1 36 ? -12.313 4.463   3.626   1.00 40.45  ? 36  GLY B CA  1 
ATOM   576 C  C   . GLY B 1 36 ? -10.839 4.704   3.374   1.00 39.61  ? 36  GLY B C   1 
ATOM   577 O  O   . GLY B 1 36 ? -10.285 4.110   2.457   1.00 36.34  ? 36  GLY B O   1 
ATOM   578 N  N   . CYS B 1 37 ? -10.199 5.571   4.177   1.00 37.30  ? 37  CYS B N   1 
ATOM   579 C  CA  . CYS B 1 37 ? -8.776  5.877   4.057   1.00 35.98  ? 37  CYS B CA  1 
ATOM   580 C  C   . CYS B 1 37 ? -7.952  5.349   5.206   1.00 37.28  ? 37  CYS B C   1 
ATOM   581 O  O   . CYS B 1 37 ? -8.486  5.045   6.272   1.00 38.29  ? 37  CYS B O   1 
ATOM   582 C  CB  . CYS B 1 37 ? -8.563  7.370   3.874   1.00 37.74  ? 37  CYS B CB  1 
ATOM   583 S  SG  . CYS B 1 37 ? -9.525  8.062   2.513   1.00 43.45  ? 37  CYS B SG  1 
ATOM   584 N  N   . PHE B 1 38 ? -6.630  5.281   4.992   1.00 30.67  ? 38  PHE B N   1 
ATOM   585 C  CA  . PHE B 1 38 ? -5.703  4.827   6.014   1.00 28.47  ? 38  PHE B CA  1 
ATOM   586 C  C   . PHE B 1 38 ? -4.518  5.784   6.138   1.00 30.84  ? 38  PHE B C   1 
ATOM   587 O  O   . PHE B 1 38 ? -4.135  6.481   5.180   1.00 27.82  ? 38  PHE B O   1 
ATOM   588 C  CB  . PHE B 1 38 ? -5.225  3.393   5.729   1.00 28.56  ? 38  PHE B CB  1 
ATOM   589 C  CG  . PHE B 1 38 ? -4.303  3.277   4.528   1.00 27.54  ? 38  PHE B CG  1 
ATOM   590 C  CD1 . PHE B 1 38 ? -4.820  3.091   3.244   1.00 29.67  ? 38  PHE B CD1 1 
ATOM   591 C  CD2 . PHE B 1 38 ? -2.921  3.336   4.683   1.00 28.82  ? 38  PHE B CD2 1 
ATOM   592 C  CE1 . PHE B 1 38 ? -3.963  2.979   2.132   1.00 28.98  ? 38  PHE B CE1 1 
ATOM   593 C  CE2 . PHE B 1 38 ? -2.068  3.217   3.572   1.00 28.75  ? 38  PHE B CE2 1 
ATOM   594 C  CZ  . PHE B 1 38 ? -2.600  3.046   2.308   1.00 26.84  ? 38  PHE B CZ  1 
ATOM   595 N  N   . CYS B 1 39 ? -3.928  5.791   7.324   1.00 30.74  ? 39  CYS B N   1 
ATOM   596 C  CA  . CYS B 1 39 ? -2.756  6.600   7.600   1.00 32.28  ? 39  CYS B CA  1 
ATOM   597 C  C   . CYS B 1 39 ? -1.542  5.869   7.043   1.00 32.75  ? 39  CYS B C   1 
ATOM   598 O  O   . CYS B 1 39 ? -1.165  4.855   7.590   1.00 29.89  ? 39  CYS B O   1 
ATOM   599 C  CB  . CYS B 1 39 ? -2.608  6.835   9.096   1.00 35.64  ? 39  CYS B CB  1 
ATOM   600 S  SG  . CYS B 1 39 ? -1.282  7.993   9.503   1.00 41.21  ? 39  CYS B SG  1 
ATOM   601 N  N   . GLY B 1 40 ? -1.006  6.334   5.928   1.00 29.15  ? 40  GLY B N   1 
ATOM   602 C  CA  . GLY B 1 40 ? 0.145   5.689   5.298   1.00 27.71  ? 40  GLY B CA  1 
ATOM   603 C  C   . GLY B 1 40 ? 1.427   6.183   5.932   1.00 31.84  ? 40  GLY B C   1 
ATOM   604 O  O   . GLY B 1 40 ? 1.716   7.378   5.878   1.00 30.59  ? 40  GLY B O   1 
ATOM   605 N  N   . LEU B 1 41 ? 2.181   5.283   6.573   1.00 28.21  ? 41  LEU B N   1 
ATOM   606 C  CA  . LEU B 1 41 ? 3.442   5.690   7.201   1.00 27.84  ? 41  LEU B CA  1 
ATOM   607 C  C   . LEU B 1 41 ? 4.618   5.075   6.434   1.00 29.05  ? 41  LEU B C   1 
ATOM   608 O  O   . LEU B 1 41 ? 4.606   3.877   6.144   1.00 27.31  ? 41  LEU B O   1 
ATOM   609 C  CB  . LEU B 1 41 ? 3.495   5.299   8.697   1.00 29.58  ? 41  LEU B CB  1 
ATOM   610 C  CG  . LEU B 1 41 ? 2.352   5.860   9.583   1.00 36.20  ? 41  LEU B CG  1 
ATOM   611 C  CD1 . LEU B 1 41 ? 2.351   5.198   10.946  1.00 38.81  ? 41  LEU B CD1 1 
ATOM   612 C  CD2 . LEU B 1 41 ? 2.464   7.363   9.747   1.00 40.47  ? 41  LEU B CD2 1 
ATOM   613 N  N   . LEU B 1 42 ? 5.600   5.909   6.080   1.00 26.18  ? 42  LEU B N   1 
ATOM   614 C  CA  . LEU B 1 42 ? 6.795   5.473   5.370   1.00 27.69  ? 42  LEU B CA  1 
ATOM   615 C  C   . LEU B 1 42 ? 7.802   5.017   6.403   1.00 31.35  ? 42  LEU B C   1 
ATOM   616 O  O   . LEU B 1 42 ? 8.201   5.794   7.273   1.00 31.05  ? 42  LEU B O   1 
ATOM   617 C  CB  . LEU B 1 42 ? 7.388   6.589   4.495   1.00 29.27  ? 42  LEU B CB  1 
ATOM   618 C  CG  . LEU B 1 42 ? 8.650   6.225   3.691   1.00 35.80  ? 42  LEU B CG  1 
ATOM   619 C  CD1 . LEU B 1 42 ? 8.301   5.420   2.416   1.00 34.34  ? 42  LEU B CD1 1 
ATOM   620 C  CD2 . LEU B 1 42 ? 9.458   7.467   3.365   1.00 41.44  ? 42  LEU B CD2 1 
ATOM   621 N  N   . GLY B 1 43 ? 8.191   3.760   6.302   1.00 28.99  ? 43  GLY B N   1 
ATOM   622 C  CA  . GLY B 1 43 ? 9.173   3.188   7.215   1.00 30.29  ? 43  GLY B CA  1 
ATOM   623 C  C   . GLY B 1 43 ? 8.772   3.359   8.665   1.00 34.38  ? 43  GLY B C   1 
ATOM   624 O  O   . GLY B 1 43 ? 7.662   2.982   9.044   1.00 33.05  ? 43  GLY B O   1 
ATOM   625 N  N   . GLN B 1 44 ? 9.634   4.029   9.444   1.00 33.77  ? 44  GLN B N   1 
ATOM   626 C  CA  . GLN B 1 44 ? 9.453   4.258   10.875  1.00 34.30  ? 44  GLN B CA  1 
ATOM   627 C  C   . GLN B 1 44 ? 8.912   5.663   11.237  1.00 39.88  ? 44  GLN B C   1 
ATOM   628 O  O   . GLN B 1 44 ? 8.925   6.034   12.415  1.00 40.12  ? 44  GLN B O   1 
ATOM   629 C  CB  . GLN B 1 44 ? 10.765  3.962   11.635  1.00 38.59  ? 44  GLN B CB  1 
ATOM   630 C  CG  . GLN B 1 44 ? 11.224  2.500   11.553  1.00 46.80  ? 44  GLN B CG  1 
ATOM   631 C  CD  . GLN B 1 44 ? 12.605  2.293   12.132  1.00 57.26  ? 44  GLN B CD  1 
ATOM   632 O  OE1 . GLN B 1 44 ? 13.234  3.204   12.671  1.00 56.33  ? 44  GLN B OE1 1 
ATOM   633 N  NE2 . GLN B 1 44 ? 13.128  1.093   12.005  1.00 51.86  ? 44  GLN B NE2 1 
ATOM   634 N  N   . ASN B 1 45 ? 8.454   6.444   10.233  1.00 36.25  ? 45  ASN B N   1 
ATOM   635 C  CA  . ASN B 1 45 ? 7.906   7.792   10.462  1.00 37.25  ? 45  ASN B CA  1 
ATOM   636 C  C   . ASN B 1 45 ? 6.656   7.730   11.352  1.00 41.77  ? 45  ASN B C   1 
ATOM   637 O  O   . ASN B 1 45 ? 5.884   6.773   11.270  1.00 40.05  ? 45  ASN B O   1 
ATOM   638 C  CB  . ASN B 1 45 ? 7.545   8.461   9.119   1.00 34.33  ? 45  ASN B CB  1 
ATOM   639 C  CG  . ASN B 1 45 ? 8.751   8.914   8.344   1.00 44.34  ? 45  ASN B CG  1 
ATOM   640 O  OD1 . ASN B 1 45 ? 9.872   8.914   8.847   1.00 43.63  ? 45  ASN B OD1 1 
ATOM   641 N  ND2 . ASN B 1 45 ? 8.549   9.308   7.097   1.00 39.70  ? 45  ASN B ND2 1 
ATOM   642 N  N   . LYS B 1 46 ? 6.474   8.737   12.205  1.00 41.48  ? 46  LYS B N   1 
ATOM   643 C  CA  . LYS B 1 46 ? 5.311   8.808   13.094  1.00 42.57  ? 46  LYS B CA  1 
ATOM   644 C  C   . LYS B 1 46 ? 4.213   9.606   12.409  1.00 45.30  ? 46  LYS B C   1 
ATOM   645 O  O   . LYS B 1 46 ? 3.043   9.467   12.748  1.00 44.99  ? 46  LYS B O   1 
ATOM   646 C  CB  . LYS B 1 46 ? 5.695   9.446   14.441  1.00 48.17  ? 46  LYS B CB  1 
ATOM   647 C  CG  . LYS B 1 46 ? 6.671   8.595   15.249  1.00 63.92  ? 46  LYS B CG  1 
ATOM   648 C  CD  . LYS B 1 46 ? 7.354   9.408   16.338  1.00 77.55  ? 46  LYS B CD  1 
ATOM   649 C  CE  . LYS B 1 46 ? 8.535   8.685   16.938  1.00 89.85  ? 46  LYS B CE  1 
ATOM   650 N  NZ  . LYS B 1 46 ? 9.733   8.734   16.055  1.00 96.88  ? 46  LYS B NZ  1 
ATOM   651 N  N   . LYS B 1 47 ? 4.612   10.429  11.433  1.00 42.85  ? 47  LYS B N   1 
ATOM   652 C  CA  . LYS B 1 47 ? 3.734   11.284  10.639  1.00 43.28  ? 47  LYS B CA  1 
ATOM   653 C  C   . LYS B 1 47 ? 3.688   10.811  9.206   1.00 43.11  ? 47  LYS B C   1 
ATOM   654 O  O   . LYS B 1 47 ? 4.725   10.520  8.611   1.00 40.54  ? 47  LYS B O   1 
ATOM   655 C  CB  . LYS B 1 47 ? 4.189   12.749  10.705  1.00 47.51  ? 47  LYS B CB  1 
ATOM   656 C  CG  . LYS B 1 47 ? 3.975   13.389  12.071  1.00 64.09  ? 47  LYS B CG  1 
ATOM   657 C  CD  . LYS B 1 47 ? 4.614   14.765  12.159  1.00 76.83  ? 47  LYS B CD  1 
ATOM   658 C  CE  . LYS B 1 47 ? 4.416   15.393  13.517  1.00 87.33  ? 47  LYS B CE  1 
ATOM   659 N  NZ  . LYS B 1 47 ? 5.069   16.729  13.608  1.00 100.38 ? 47  LYS B NZ  1 
ATOM   660 N  N   . GLY B 1 48 ? 2.484   10.771  8.655   1.00 38.02  ? 48  GLY B N   1 
ATOM   661 C  CA  . GLY B 1 48 ? 2.263   10.375  7.277   1.00 34.49  ? 48  GLY B CA  1 
ATOM   662 C  C   . GLY B 1 48 ? 1.138   11.147  6.623   1.00 39.31  ? 48  GLY B C   1 
ATOM   663 O  O   . GLY B 1 48 ? 0.781   12.253  7.053   1.00 39.81  ? 48  GLY B O   1 
ATOM   664 N  N   . HIS B 1 49 ? 0.564   10.546  5.588   1.00 35.51  ? 49  HIS B N   1 
ATOM   665 C  CA  . HIS B 1 49 ? -0.528  11.129  4.822   1.00 37.06  ? 49  HIS B CA  1 
ATOM   666 C  C   . HIS B 1 49 ? -1.624  10.096  4.656   1.00 35.45  ? 49  HIS B C   1 
ATOM   667 O  O   . HIS B 1 49 ? -1.350  8.906   4.708   1.00 30.83  ? 49  HIS B O   1 
ATOM   668 C  CB  . HIS B 1 49 ? -0.017  11.587  3.452   1.00 39.51  ? 49  HIS B CB  1 
ATOM   669 C  CG  . HIS B 1 49 ? 1.007   12.664  3.541   1.00 46.53  ? 49  HIS B CG  1 
ATOM   670 N  ND1 . HIS B 1 49 ? 0.649   14.001  3.544   1.00 52.13  ? 49  HIS B ND1 1 
ATOM   671 C  CD2 . HIS B 1 49 ? 2.354   12.567  3.659   1.00 49.47  ? 49  HIS B CD2 1 
ATOM   672 C  CE1 . HIS B 1 49 ? 1.786   14.673  3.633   1.00 53.51  ? 49  HIS B CE1 1 
ATOM   673 N  NE2 . HIS B 1 49 ? 2.838   13.854  3.717   1.00 52.17  ? 49  HIS B NE2 1 
ATOM   674 N  N   . CYS B 1 50 ? -2.861  10.552  4.509   1.00 33.67  ? 50  CYS B N   1 
ATOM   675 C  CA  . CYS B 1 50 ? -4.035  9.710   4.361   1.00 32.52  ? 50  CYS B CA  1 
ATOM   676 C  C   . CYS B 1 50 ? -4.170  9.291   2.932   1.00 35.01  ? 50  CYS B C   1 
ATOM   677 O  O   . CYS B 1 50 ? -4.214  10.143  2.045   1.00 35.59  ? 50  CYS B O   1 
ATOM   678 C  CB  . CYS B 1 50 ? -5.280  10.433  4.862   1.00 35.56  ? 50  CYS B CB  1 
ATOM   679 S  SG  . CYS B 1 50 ? -5.229  10.791  6.632   1.00 41.50  ? 50  CYS B SG  1 
ATOM   680 N  N   . TYR B 1 51 ? -4.251  7.969   2.712   1.00 29.94  ? 51  TYR B N   1 
ATOM   681 C  CA  . TYR B 1 51 ? -4.361  7.371   1.382   1.00 28.55  ? 51  TYR B CA  1 
ATOM   682 C  C   . TYR B 1 51 ? -5.479  6.369   1.324   1.00 31.45  ? 51  TYR B C   1 
ATOM   683 O  O   . TYR B 1 51 ? -5.968  5.905   2.348   1.00 31.77  ? 51  TYR B O   1 
ATOM   684 C  CB  . TYR B 1 51 ? -3.059  6.635   0.991   1.00 27.98  ? 51  TYR B CB  1 
ATOM   685 C  CG  . TYR B 1 51 ? -1.821  7.505   0.950   1.00 31.80  ? 51  TYR B CG  1 
ATOM   686 C  CD1 . TYR B 1 51 ? -1.645  8.455   -0.052  1.00 36.07  ? 51  TYR B CD1 1 
ATOM   687 C  CD2 . TYR B 1 51 ? -0.835  7.390   1.917   1.00 31.96  ? 51  TYR B CD2 1 
ATOM   688 C  CE1 . TYR B 1 51 ? -0.517  9.271   -0.081  1.00 40.09  ? 51  TYR B CE1 1 
ATOM   689 C  CE2 . TYR B 1 51 ? 0.293   8.206   1.903   1.00 33.50  ? 51  TYR B CE2 1 
ATOM   690 C  CZ  . TYR B 1 51 ? 0.463   9.121   0.884   1.00 41.97  ? 51  TYR B CZ  1 
ATOM   691 O  OH  . TYR B 1 51 ? 1.561   9.935   0.883   1.00 45.91  ? 51  TYR B OH  1 
ATOM   692 N  N   . LYS B 1 52 ? -5.870  6.022   0.104   1.00 28.73  ? 52  LYS B N   1 
ATOM   693 C  CA  . LYS B 1 52 ? -6.848  4.990   -0.158  1.00 28.32  ? 52  LYS B CA  1 
ATOM   694 C  C   . LYS B 1 52 ? -6.310  4.179   -1.331  1.00 29.37  ? 52  LYS B C   1 
ATOM   695 O  O   . LYS B 1 52 ? -5.691  4.739   -2.222  1.00 29.07  ? 52  LYS B O   1 
ATOM   696 C  CB  . LYS B 1 52 ? -8.220  5.620   -0.495  1.00 32.14  ? 52  LYS B CB  1 
ATOM   697 C  CG  . LYS B 1 52 ? -9.341  4.614   -0.727  1.00 48.70  ? 52  LYS B CG  1 
ATOM   698 C  CD  . LYS B 1 52 ? -10.785 5.218   -0.645  1.00 60.13  ? 52  LYS B CD  1 
ATOM   699 C  CE  . LYS B 1 52 ? -10.997 6.590   -1.258  1.00 78.82  ? 52  LYS B CE  1 
ATOM   700 N  NZ  . LYS B 1 52 ? -10.797 6.597   -2.730  1.00 94.88  ? 52  LYS B NZ  1 
ATOM   701 N  N   . ILE B 1 53 ? -6.574  2.870   -1.343  1.00 26.37  ? 53  ILE B N   1 
ATOM   702 C  CA  . ILE B 1 53 ? -6.176  2.004   -2.446  1.00 24.69  ? 53  ILE B CA  1 
ATOM   703 C  C   . ILE B 1 53 ? -7.423  1.793   -3.317  1.00 30.71  ? 53  ILE B C   1 
ATOM   704 O  O   . ILE B 1 53 ? -8.462  1.351   -2.810  1.00 29.74  ? 53  ILE B O   1 
ATOM   705 C  CB  . ILE B 1 53 ? -5.606  0.673   -1.961  1.00 25.76  ? 53  ILE B CB  1 
ATOM   706 C  CG1 . ILE B 1 53 ? -4.353  0.888   -1.072  1.00 25.60  ? 53  ILE B CG1 1 
ATOM   707 C  CG2 . ILE B 1 53 ? -5.310  -0.266  -3.160  1.00 25.60  ? 53  ILE B CG2 1 
ATOM   708 C  CD1 . ILE B 1 53 ? -4.144  -0.270  -0.073  1.00 27.57  ? 53  ILE B CD1 1 
ATOM   709 N  N   . ILE B 1 54 ? -7.304  2.089   -4.609  1.00 27.19  ? 54  ILE B N   1 
ATOM   710 C  CA  . ILE B 1 54 ? -8.417  1.935   -5.573  1.00 29.48  ? 54  ILE B CA  1 
ATOM   711 C  C   . ILE B 1 54 ? -7.970  1.150   -6.820  1.00 34.98  ? 54  ILE B C   1 
ATOM   712 O  O   . ILE B 1 54 ? -6.789  0.831   -6.954  1.00 33.17  ? 54  ILE B O   1 
ATOM   713 C  CB  . ILE B 1 54 ? -9.039  3.321   -5.965  1.00 34.98  ? 54  ILE B CB  1 
ATOM   714 C  CG1 . ILE B 1 54 ? -7.996  4.262   -6.608  1.00 36.21  ? 54  ILE B CG1 1 
ATOM   715 C  CG2 . ILE B 1 54 ? -9.776  3.987   -4.771  1.00 38.18  ? 54  ILE B CG2 1 
ATOM   716 C  CD1 . ILE B 1 54 ? -8.624  5.344   -7.559  1.00 40.63  ? 54  ILE B CD1 1 
ATOM   717 N  N   . GLY B 1 55 ? -8.930  0.830   -7.697  1.00 35.05  ? 55  GLY B N   1 
ATOM   718 C  CA  . GLY B 1 55 ? -8.684  0.204   -8.990  1.00 36.01  ? 55  GLY B CA  1 
ATOM   719 C  C   . GLY B 1 55 ? -8.062  1.265   -9.869  1.00 43.75  ? 55  GLY B C   1 
ATOM   720 O  O   . GLY B 1 55 ? -8.438  2.434   -9.751  1.00 43.29  ? 55  GLY B O   1 
ATOM   721 N  N   . ASN B 1 56 ? -7.063  0.888   -10.698 1.00 43.57  ? 56  ASN B N   1 
ATOM   722 C  CA  . ASN B 1 56 ? -6.284  1.807   -11.550 1.00 52.29  ? 56  ASN B CA  1 
ATOM   723 C  C   . ASN B 1 56 ? -7.143  2.777   -12.376 1.00 73.17  ? 56  ASN B C   1 
ATOM   724 O  O   . ASN B 1 56 ? -8.109  2.331   -13.033 1.00 80.18  ? 56  ASN B O   1 
ATOM   725 C  CB  . ASN B 1 56 ? -5.289  1.046   -12.446 1.00 57.95  ? 56  ASN B CB  1 
ATOM   726 C  CG  . ASN B 1 56 ? -5.910  0.121   -13.480 1.00 96.52  ? 56  ASN B CG  1 
ATOM   727 O  OD1 . ASN B 1 56 ? -7.019  -0.416  -13.316 1.00 95.60  ? 56  ASN B OD1 1 
ATOM   728 N  ND2 . ASN B 1 56 ? -5.193  -0.104  -14.573 1.00 92.26  ? 56  ASN B ND2 1 
HETATM 729 CD CD  . CD  C 2 .  ? 16.012  3.454   -7.000  1.00 26.98  2 101 CD  A CD  1 
HETATM 730 O  O   . HOH D 3 .  ? -2.272  -17.060 -7.847  1.00 16.10  ? 201 HOH A O   1 
HETATM 731 O  O   . HOH D 3 .  ? -15.498 -15.631 -9.025  1.00 35.40  ? 202 HOH A O   1 
HETATM 732 O  O   . HOH D 3 .  ? -5.710  -19.760 0.960   1.00 39.48  ? 203 HOH A O   1 
HETATM 733 O  O   . HOH D 3 .  ? 6.620   8.278   -8.551  1.00 59.34  ? 204 HOH A O   1 
HETATM 734 O  O   . HOH D 3 .  ? -6.452  -13.121 3.087   1.00 53.14  ? 205 HOH A O   1 
HETATM 735 O  O   . HOH D 3 .  ? 4.653   -2.239  1.928   1.00 20.08  ? 206 HOH A O   1 
HETATM 736 O  O   . HOH D 3 .  ? 5.591   5.829   -8.963  1.00 34.31  ? 207 HOH A O   1 
HETATM 737 O  O   . HOH D 3 .  ? 7.374   -7.268  -5.098  1.00 48.88  ? 208 HOH A O   1 
HETATM 738 O  O   . HOH D 3 .  ? -5.946  -16.389 -5.727  1.00 35.56  ? 209 HOH A O   1 
HETATM 739 O  O   . HOH D 3 .  ? 1.811   13.198  -10.256 1.00 54.93  ? 210 HOH A O   1 
HETATM 740 O  O   . HOH D 3 .  ? -9.889  -11.205 -7.206  1.00 23.35  ? 211 HOH A O   1 
HETATM 741 O  O   . HOH D 3 .  ? 4.135   14.824  -5.149  1.00 72.16  ? 212 HOH A O   1 
HETATM 742 O  O   . HOH D 3 .  ? 5.557   -12.522 0.933   1.00 58.46  ? 213 HOH A O   1 
HETATM 743 O  O   . HOH D 3 .  ? 33.890  -6.454  1.472   1.00 36.71  ? 214 HOH A O   1 
HETATM 744 O  O   . HOH D 3 .  ? -2.822  -6.419  6.410   1.00 66.77  ? 215 HOH A O   1 
HETATM 745 O  O   . HOH D 3 .  ? 7.112   -10.421 -7.473  1.00 58.03  ? 216 HOH A O   1 
HETATM 746 O  O   . HOH D 3 .  ? 29.608  3.354   -5.225  1.00 49.00  ? 217 HOH A O   1 
HETATM 747 O  O   . HOH D 3 .  ? -21.472 -8.631  -0.930  1.00 69.82  ? 218 HOH A O   1 
HETATM 748 O  O   . HOH D 3 .  ? 24.544  8.670   -7.505  1.00 45.34  ? 219 HOH A O   1 
HETATM 749 O  O   . HOH D 3 .  ? 7.929   0.593   -8.717  1.00 32.48  ? 220 HOH A O   1 
HETATM 750 O  O   . HOH D 3 .  ? -6.999  -9.930  -7.322  1.00 37.82  ? 221 HOH A O   1 
HETATM 751 O  O   . HOH D 3 .  ? 0.674   -11.861 -4.694  1.00 36.28  ? 222 HOH A O   1 
HETATM 752 O  O   . HOH D 3 .  ? 29.785  -10.963 2.589   1.00 38.09  ? 223 HOH A O   1 
HETATM 753 O  O   . HOH D 3 .  ? -3.216  -11.502 11.488  1.00 66.55  ? 224 HOH A O   1 
HETATM 754 O  O   . HOH D 3 .  ? 30.163  -6.845  2.672   1.00 55.45  ? 225 HOH A O   1 
HETATM 755 O  O   . HOH D 3 .  ? 8.765   -4.620  0.805   1.00 39.17  ? 226 HOH A O   1 
HETATM 756 O  O   . HOH D 3 .  ? 18.156  6.265   -9.670  1.00 45.71  ? 227 HOH A O   1 
HETATM 757 O  O   . HOH D 3 .  ? 34.100  -0.756  -10.603 1.00 61.78  ? 228 HOH A O   1 
HETATM 758 O  O   . HOH D 3 .  ? 5.747   11.197  0.187   1.00 45.31  ? 229 HOH A O   1 
HETATM 759 O  O   . HOH D 3 .  ? 31.122  1.462   -3.967  1.00 40.89  ? 230 HOH A O   1 
HETATM 760 O  O   . HOH D 3 .  ? 29.949  1.100   -0.490  1.00 46.49  ? 231 HOH A O   1 
HETATM 761 O  O   . HOH D 3 .  ? 6.409   -9.298  0.316   1.00 63.64  ? 232 HOH A O   1 
HETATM 762 O  O   . HOH D 3 .  ? -14.244 -15.791 1.751   1.00 52.60  ? 233 HOH A O   1 
HETATM 763 O  O   . HOH D 3 .  ? -4.116  -10.542 5.954   1.00 57.40  ? 234 HOH A O   1 
HETATM 764 O  O   . HOH D 3 .  ? 25.732  -0.852  -13.340 1.00 56.19  ? 235 HOH A O   1 
HETATM 765 O  O   . HOH D 3 .  ? 33.942  0.590   -8.283  1.00 65.87  ? 236 HOH A O   1 
HETATM 766 O  O   . HOH D 3 .  ? -16.480 -20.408 -0.765  1.00 54.63  ? 237 HOH A O   1 
HETATM 767 O  O   . HOH D 3 .  ? 20.288  4.174   -10.097 1.00 42.40  ? 238 HOH A O   1 
HETATM 768 O  O   . HOH D 3 .  ? 36.735  -5.121  -10.121 1.00 51.87  ? 239 HOH A O   1 
HETATM 769 O  O   . HOH D 3 .  ? -2.681  -16.028 -10.319 1.00 66.22  ? 240 HOH A O   1 
HETATM 770 O  O   . HOH D 3 .  ? 25.245  -9.749  -2.063  1.00 57.36  ? 241 HOH A O   1 
HETATM 771 O  O   . HOH D 3 .  ? 7.319   -11.225 -1.387  1.00 60.60  ? 242 HOH A O   1 
HETATM 772 O  O   . HOH D 3 .  ? -18.152 -9.436  -0.817  1.00 53.36  ? 243 HOH A O   1 
HETATM 773 O  O   . HOH D 3 .  ? 17.228  11.077  -8.384  1.00 37.80  ? 244 HOH A O   1 
HETATM 774 O  O   . HOH D 3 .  ? 0.087   -18.768 -2.418  1.00 50.14  ? 245 HOH A O   1 
HETATM 775 O  O   . HOH D 3 .  ? 21.904  11.116  -7.638  1.00 48.69  ? 246 HOH A O   1 
HETATM 776 O  O   . HOH D 3 .  ? 28.228  -12.911 0.440   1.00 47.05  ? 247 HOH A O   1 
HETATM 777 O  O   . HOH D 3 .  ? 29.187  3.900   -9.616  1.00 37.14  ? 248 HOH A O   1 
HETATM 778 O  O   . HOH D 3 .  ? -18.296 -6.362  -0.747  1.00 39.38  ? 249 HOH A O   1 
HETATM 779 O  O   . HOH D 3 .  ? -8.146  -21.210 -6.304  1.00 50.71  ? 250 HOH A O   1 
HETATM 780 O  O   . HOH D 3 .  ? -6.771  -17.771 -3.351  1.00 46.06  ? 251 HOH A O   1 
HETATM 781 O  O   . HOH D 3 .  ? 5.099   -11.221 -9.118  1.00 71.18  ? 252 HOH A O   1 
HETATM 782 O  O   . HOH D 3 .  ? -1.610  -19.675 -8.121  1.00 56.87  ? 253 HOH A O   1 
HETATM 783 O  O   . HOH D 3 .  ? -17.314 -8.978  -9.681  1.00 10.07  ? 254 HOH A O   1 
HETATM 784 O  O   . HOH D 3 .  ? 30.986  -4.786  4.811   1.00 77.44  ? 255 HOH A O   1 
HETATM 785 O  O   . HOH D 3 .  ? -4.535  -21.387 -6.761  1.00 67.68  ? 256 HOH A O   1 
HETATM 786 O  O   . HOH D 3 .  ? 1.433   -15.641 -6.242  1.00 62.43  ? 257 HOH A O   1 
HETATM 787 O  O   . HOH D 3 .  ? -0.346  -13.111 9.525   1.00 71.18  ? 258 HOH A O   1 
HETATM 788 O  O   . HOH D 3 .  ? 34.038  -3.850  4.388   1.00 71.99  ? 259 HOH A O   1 
HETATM 789 O  O   . HOH D 3 .  ? 18.521  9.952   -10.516 1.00 50.31  ? 260 HOH A O   1 
HETATM 790 O  O   . HOH D 3 .  ? 20.969  8.817   -10.918 1.00 61.64  ? 261 HOH A O   1 
HETATM 791 O  O   . HOH D 3 .  ? -2.572  -7.538  11.340  1.00 51.93  ? 262 HOH A O   1 
HETATM 792 O  O   . HOH E 3 .  ? -1.189  3.525   9.824   1.00 34.97  ? 101 HOH B O   1 
HETATM 793 O  O   . HOH E 3 .  ? -8.301  2.509   3.217   1.00 41.31  ? 102 HOH B O   1 
HETATM 794 O  O   . HOH E 3 .  ? -5.196  5.970   -10.296 1.00 60.81  ? 103 HOH B O   1 
HETATM 795 O  O   . HOH E 3 .  ? 6.118   4.098   11.296  1.00 36.85  ? 104 HOH B O   1 
HETATM 796 O  O   . HOH E 3 .  ? 5.473   8.961   6.542   1.00 30.53  ? 105 HOH B O   1 
HETATM 797 O  O   . HOH E 3 .  ? -1.613  -6.658  -15.484 1.00 53.37  ? 106 HOH B O   1 
HETATM 798 O  O   . HOH E 3 .  ? 5.997   1.723   7.324   1.00 30.42  ? 107 HOH B O   1 
HETATM 799 O  O   . HOH E 3 .  ? -11.571 2.254   0.957   1.00 47.96  ? 108 HOH B O   1 
HETATM 800 O  O   . HOH E 3 .  ? -4.754  4.977   12.735  1.00 63.73  ? 109 HOH B O   1 
HETATM 801 O  O   . HOH E 3 .  ? -4.390  8.871   11.873  1.00 45.00  ? 110 HOH B O   1 
HETATM 802 O  O   . HOH E 3 .  ? -9.992  0.717   -0.643  1.00 50.45  ? 111 HOH B O   1 
HETATM 803 O  O   . HOH E 3 .  ? -3.239  12.775  1.863   1.00 43.52  ? 112 HOH B O   1 
HETATM 804 O  O   . HOH E 3 .  ? -7.526  1.454   0.826   1.00 35.39  ? 113 HOH B O   1 
HETATM 805 O  O   . HOH E 3 .  ? 3.531   8.800   4.304   1.00 43.02  ? 114 HOH B O   1 
HETATM 806 O  O   . HOH E 3 .  ? 4.768   -6.533  -8.492  1.00 40.41  ? 115 HOH B O   1 
HETATM 807 O  O   . HOH E 3 .  ? 0.545   17.674  3.341   1.00 60.18  ? 116 HOH B O   1 
HETATM 808 O  O   . HOH E 3 .  ? 2.350   14.722  7.557   1.00 60.79  ? 117 HOH B O   1 
HETATM 809 O  O   . HOH E 3 .  ? -10.350 6.056   8.239   1.00 60.43  ? 118 HOH B O   1 
HETATM 810 O  O   . HOH E 3 .  ? -4.008  11.485  -5.347  1.00 40.28  ? 119 HOH B O   1 
HETATM 811 O  O   . HOH E 3 .  ? 7.319   18.244  14.778  1.00 70.60  ? 120 HOH B O   1 
HETATM 812 O  O   . HOH E 3 .  ? -3.915  18.044  6.544   1.00 59.13  ? 121 HOH B O   1 
HETATM 813 O  O   . HOH E 3 .  ? -5.235  4.291   9.561   1.00 44.26  ? 122 HOH B O   1 
HETATM 814 O  O   . HOH E 3 .  ? 0.226   1.835   -8.470  1.00 41.36  ? 123 HOH B O   1 
HETATM 815 O  O   . HOH E 3 .  ? -11.886 1.193   -6.897  1.00 57.73  ? 124 HOH B O   1 
HETATM 816 O  O   . HOH E 3 .  ? 7.537   11.405  10.846  1.00 55.26  ? 125 HOH B O   1 
HETATM 817 O  O   . HOH E 3 .  ? -3.729  -3.131  -16.884 1.00 88.03  ? 126 HOH B O   1 
HETATM 818 O  O   . HOH E 3 .  ? 10.261  11.336  5.270   1.00 81.26  ? 127 HOH B O   1 
HETATM 819 O  O   . HOH E 3 .  ? 0.502   -11.731 -7.568  1.00 109.83 ? 128 HOH B O   1 
HETATM 820 O  O   . HOH E 3 .  ? 5.787   12.921  4.855   1.00 76.66  ? 129 HOH B O   1 
HETATM 821 O  O   . HOH E 3 .  ? -1.746  4.865   12.102  1.00 42.36  ? 130 HOH B O   1 
HETATM 822 O  O   . HOH E 3 .  ? -8.806  1.672   5.780   1.00 51.12  ? 131 HOH B O   1 
HETATM 823 O  O   . HOH E 3 .  ? -3.051  17.562  2.729   1.00 63.93  ? 132 HOH B O   1 
HETATM 824 O  O   . HOH E 3 .  ? -7.627  6.444   10.436  1.00 57.13  ? 133 HOH B O   1 
HETATM 825 O  O   . HOH E 3 .  ? -9.109  14.707  12.830  1.00 56.36  ? 134 HOH B O   1 
HETATM 826 O  O   . HOH E 3 .  ? 6.447   10.012  2.676   1.00 61.13  ? 135 HOH B O   1 
# 
loop_
_atom_site_anisotrop.id 
_atom_site_anisotrop.type_symbol 
_atom_site_anisotrop.pdbx_label_atom_id 
_atom_site_anisotrop.pdbx_label_alt_id 
_atom_site_anisotrop.pdbx_label_comp_id 
_atom_site_anisotrop.pdbx_label_asym_id 
_atom_site_anisotrop.pdbx_label_seq_id 
_atom_site_anisotrop.pdbx_PDB_ins_code 
_atom_site_anisotrop.U[1][1] 
_atom_site_anisotrop.U[2][2] 
_atom_site_anisotrop.U[3][3] 
_atom_site_anisotrop.U[1][2] 
_atom_site_anisotrop.U[1][3] 
_atom_site_anisotrop.U[2][3] 
_atom_site_anisotrop.pdbx_auth_seq_id 
_atom_site_anisotrop.pdbx_auth_comp_id 
_atom_site_anisotrop.pdbx_auth_asym_id 
_atom_site_anisotrop.pdbx_auth_atom_id 
1   N N   . GLY A 13 ? 0.4171 0.4976 0.8128 -0.0218 -0.0080 -0.0566 13 GLY A N   
2   C CA  . GLY A 13 ? 0.4016 0.4785 0.7546 -0.0209 -0.0087 -0.0347 13 GLY A CA  
3   C C   . GLY A 13 ? 0.4117 0.4859 0.7130 -0.0203 -0.0074 -0.0239 13 GLY A C   
4   O O   . GLY A 13 ? 0.4136 0.4875 0.6729 -0.0197 -0.0049 -0.0184 13 GLY A O   
5   N N   . ALA A 14 ? 0.3591 0.4315 0.6667 -0.0205 -0.0097 -0.0214 14 ALA A N   
6   C CA  . ALA A 14 ? 0.3598 0.4298 0.6242 -0.0198 -0.0093 -0.0129 14 ALA A CA  
7   C C   . ALA A 14 ? 0.3917 0.4625 0.6298 -0.0188 -0.0130 0.0106  14 ALA A C   
8   O O   . ALA A 14 ? 0.3658 0.4365 0.5618 -0.0178 -0.0109 0.0117  14 ALA A O   
9   C CB  . ALA A 14 ? 0.3672 0.4354 0.6522 -0.0202 -0.0127 -0.0119 14 ALA A CB  
10  N N   . ASP A 15 ? 0.3470 0.4215 0.6138 -0.0197 -0.0187 0.0288  15 ASP A N   
11  C CA  . ASP A 15 ? 0.3582 0.4408 0.6062 -0.0201 -0.0222 0.0520  15 ASP A CA  
12  C C   . ASP A 15 ? 0.3770 0.4611 0.5957 -0.0189 -0.0171 0.0483  15 ASP A C   
13  O O   . ASP A 15 ? 0.3727 0.4664 0.5732 -0.0192 -0.0185 0.0641  15 ASP A O   
14  C CB  . ASP A 15 ? 0.4039 0.4945 0.6968 -0.0231 -0.0307 0.0761  15 ASP A CB  
15  C CG  . ASP A 15 ? 0.6891 0.7760 1.0341 -0.0236 -0.0325 0.0719  15 ASP A CG  
16  O OD1 . ASP A 15 ? 0.7164 0.7966 1.0609 -0.0218 -0.0262 0.0475  15 ASP A OD1 
17  O OD2 . ASP A 15 ? 0.8132 0.9064 1.2028 -0.0264 -0.0409 0.0932  15 ASP A OD2 
18  N N   . ASN A 16 ? 0.3272 0.4049 0.5422 -0.0179 -0.0114 0.0274  16 ASN A N   
19  C CA  . ASN A 16 ? 0.3354 0.4137 0.5236 -0.0170 -0.0071 0.0236  16 ASN A CA  
20  C C   . ASN A 16 ? 0.3593 0.4358 0.5043 -0.0158 -0.0034 0.0155  16 ASN A C   
21  O O   . ASN A 16 ? 0.3670 0.4442 0.4903 -0.0150 -0.0008 0.0140  16 ASN A O   
22  C CB  . ASN A 16 ? 0.3126 0.3888 0.5206 -0.0177 -0.0039 0.0067  16 ASN A CB  
23  C CG  . ASN A 16 ? 0.4592 0.5367 0.7165 -0.0186 -0.0079 0.0117  16 ASN A CG  
24  O OD1 . ASN A 16 ? 0.3424 0.4239 0.6161 -0.0191 -0.0132 0.0339  16 ASN A OD1 
25  N ND2 . ASN A 16 ? 0.3891 0.4665 0.6737 -0.0194 -0.0059 -0.0090 16 ASN A ND2 
26  N N   . PHE A 17 ? 0.2664 0.3403 0.4027 -0.0157 -0.0039 0.0105  17 PHE A N   
27  C CA  . PHE A 17 ? 0.2655 0.3371 0.3689 -0.0151 -0.0014 0.0024  17 PHE A CA  
28  C C   . PHE A 17 ? 0.3002 0.3731 0.3849 -0.0135 -0.0043 0.0096  17 PHE A C   
29  O O   . PHE A 17 ? 0.2981 0.3729 0.3942 -0.0138 -0.0080 0.0171  17 PHE A O   
30  C CB  . PHE A 17 ? 0.2613 0.3314 0.3689 -0.0172 0.0016  -0.0139 17 PHE A CB  
31  C CG  . PHE A 17 ? 0.2800 0.3541 0.4021 -0.0194 0.0051  -0.0256 17 PHE A CG  
32  C CD1 . PHE A 17 ? 0.3102 0.3865 0.4140 -0.0203 0.0074  -0.0285 17 PHE A CD1 
33  C CD2 . PHE A 17 ? 0.3086 0.3855 0.4655 -0.0208 0.0056  -0.0352 17 PHE A CD2 
34  C CE1 . PHE A 17 ? 0.3283 0.4110 0.4449 -0.0228 0.0101  -0.0401 17 PHE A CE1 
35  C CE2 . PHE A 17 ? 0.3463 0.4296 0.5191 -0.0228 0.0085  -0.0491 17 PHE A CE2 
36  C CZ  . PHE A 17 ? 0.3220 0.4090 0.4727 -0.0240 0.0108  -0.0512 17 PHE A CZ  
37  N N   . ASP A 18 ? 0.2551 0.3285 0.3140 -0.0121 -0.0034 0.0071  18 ASP A N   
38  C CA  . ASP A 18 ? 0.2630 0.3396 0.3049 -0.0102 -0.0061 0.0091  18 ASP A CA  
39  C C   . ASP A 18 ? 0.3132 0.3834 0.3435 -0.0100 -0.0058 -0.0010 18 ASP A C   
40  O O   . ASP A 18 ? 0.2843 0.3514 0.3128 -0.0115 -0.0035 -0.0069 18 ASP A O   
41  C CB  . ASP A 18 ? 0.2957 0.3824 0.3245 -0.0086 -0.0060 0.0135  18 ASP A CB  
42  C CG  . ASP A 18 ? 0.4630 0.5618 0.5021 -0.0098 -0.0072 0.0278  18 ASP A CG  
43  O OD1 . ASP A 18 ? 0.4770 0.5778 0.5329 -0.0117 -0.0104 0.0371  18 ASP A OD1 
44  O OD2 . ASP A 18 ? 0.4613 0.5689 0.4944 -0.0094 -0.0054 0.0312  18 ASP A OD2 
45  N N   . VAL A 19 ? 0.2707 0.3413 0.2952 -0.0088 -0.0091 -0.0017 19 VAL A N   
46  C CA  . VAL A 19 ? 0.2667 0.3322 0.2844 -0.0088 -0.0103 -0.0087 19 VAL A CA  
47  C C   . VAL A 19 ? 0.3242 0.3935 0.3321 -0.0059 -0.0122 -0.0118 19 VAL A C   
48  O O   . VAL A 19 ? 0.3443 0.4227 0.3475 -0.0040 -0.0136 -0.0107 19 VAL A O   
49  C CB  . VAL A 19 ? 0.3173 0.3805 0.3390 -0.0089 -0.0133 -0.0092 19 VAL A CB  
50  C CG1 . VAL A 19 ? 0.3120 0.3712 0.3303 -0.0091 -0.0157 -0.0143 19 VAL A CG1 
51  C CG2 . VAL A 19 ? 0.3187 0.3796 0.3552 -0.0116 -0.0112 -0.0088 19 VAL A CG2 
52  N N   . VAL A 20 ? 0.2872 0.3526 0.2945 -0.0064 -0.0125 -0.0158 20 VAL A N   
53  C CA  . VAL A 20 ? 0.3092 0.3776 0.3152 -0.0035 -0.0148 -0.0211 20 VAL A CA  
54  C C   . VAL A 20 ? 0.3636 0.4263 0.3779 -0.0041 -0.0194 -0.0241 20 VAL A C   
55  O O   . VAL A 20 ? 0.3170 0.3757 0.3345 -0.0079 -0.0196 -0.0198 20 VAL A O   
56  C CB  . VAL A 20 ? 0.3592 0.4303 0.3636 -0.0032 -0.0119 -0.0206 20 VAL A CB  
57  C CG1 . VAL A 20 ? 0.3597 0.4384 0.3594 -0.0029 -0.0082 -0.0154 20 VAL A CG1 
58  C CG2 . VAL A 20 ? 0.3489 0.4141 0.3568 -0.0070 -0.0109 -0.0174 20 VAL A CG2 
59  N N   . SER A 21 ? 0.3366 0.4016 0.3578 -0.0009 -0.0233 -0.0316 21 SER A N   
60  C CA  . SER A 21 ? 0.3260 0.3859 0.3634 -0.0015 -0.0295 -0.0332 21 SER A CA  
61  C C   . SER A 21 ? 0.3838 0.4406 0.4294 -0.0055 -0.0305 -0.0252 21 SER A C   
62  O O   . SER A 21 ? 0.3648 0.4234 0.4066 -0.0059 -0.0275 -0.0239 21 SER A O   
63  C CB  . SER A 21 ? 0.3524 0.4174 0.4025 0.0034  -0.0339 -0.0466 21 SER A CB  
64  O OG  . SER A 21 ? 0.4043 0.4636 0.4783 0.0028  -0.0413 -0.0471 21 SER A OG  
65  N N   . CYS A 22 ? 0.3543 0.4089 0.4119 -0.0094 -0.0354 -0.0184 22 CYS A N   
66  C CA  . CYS A 22 ? 0.4135 0.4701 0.4817 -0.0152 -0.0385 -0.0073 22 CYS A CA  
67  C C   . CYS A 22 ? 0.4490 0.5030 0.5474 -0.0143 -0.0483 -0.0067 22 CYS A C   
68  O O   . CYS A 22 ? 0.4476 0.5047 0.5632 -0.0199 -0.0543 0.0064  22 CYS A O   
69  C CB  . CYS A 22 ? 0.4624 0.5248 0.5219 -0.0221 -0.0362 0.0022  22 CYS A CB  
70  S SG  . CYS A 22 ? 0.5570 0.6312 0.6286 -0.0320 -0.0412 0.0194  22 CYS A SG  
71  N N   . ASN A 23 ? 0.4058 0.4571 0.5134 -0.0073 -0.0504 -0.0216 23 ASN A N   
72  C CA  . ASN A 23 ? 0.4069 0.4564 0.5479 -0.0039 -0.0591 -0.0300 23 ASN A CA  
73  C C   . ASN A 23 ? 0.4590 0.5062 0.6294 -0.0083 -0.0690 -0.0175 23 ASN A C   
74  O O   . ASN A 23 ? 0.4726 0.5192 0.6763 -0.0098 -0.0772 -0.0122 23 ASN A O   
75  C CB  . ASN A 23 ? 0.4615 0.5129 0.6174 -0.0017 -0.0600 -0.0358 23 ASN A CB  
76  C CG  . ASN A 23 ? 0.6489 0.7056 0.7792 0.0025  -0.0508 -0.0475 23 ASN A CG  
77  O OD1 . ASN A 23 ? 0.5867 0.6499 0.7095 0.0074  -0.0483 -0.0630 23 ASN A OD1 
78  N ND2 . ASN A 23 ? 0.5374 0.5947 0.6540 -0.0001 -0.0460 -0.0391 23 ASN A ND2 
79  N N   . LYS A 24 ? 0.3827 0.4292 0.5457 -0.0104 -0.0691 -0.0124 24 LYS A N   
80  C CA  . LYS A 24 ? 0.3568 0.4036 0.5479 -0.0153 -0.0783 0.0014  24 LYS A CA  
81  C C   . LYS A 24 ? 0.3807 0.4253 0.5658 -0.0141 -0.0783 -0.0018 24 LYS A C   
82  O O   . LYS A 24 ? 0.3752 0.4208 0.5287 -0.0139 -0.0698 -0.0043 24 LYS A O   
83  C CB  . LYS A 24 ? 0.3743 0.4303 0.5604 -0.0253 -0.0782 0.0249  24 LYS A CB  
84  C CG  . LYS A 24 ? 0.5223 0.5843 0.7407 -0.0326 -0.0889 0.0448  24 LYS A CG  
85  C CD  . LYS A 24 ? 0.6056 0.6838 0.8204 -0.0438 -0.0897 0.0684  24 LYS A CD  
86  C CE  . LYS A 24 ? 0.7722 0.8634 1.0136 -0.0532 -0.0992 0.0925  24 LYS A CE  
87  N NZ  . LYS A 24 ? 0.9549 1.0369 1.2473 -0.0502 -0.1129 0.0948  24 LYS A NZ  
88  N N   . ASN A 25 ? 0.3247 0.3665 0.5446 -0.0135 -0.0885 -0.0012 25 ASN A N   
89  C CA  . ASN A 25 ? 0.3264 0.3663 0.5446 -0.0130 -0.0895 -0.0022 25 ASN A CA  
90  C C   . ASN A 25 ? 0.3666 0.4142 0.5780 -0.0225 -0.0884 0.0210  25 ASN A C   
91  O O   . ASN A 25 ? 0.3499 0.4056 0.5726 -0.0296 -0.0917 0.0387  25 ASN A O   
92  C CB  . ASN A 25 ? 0.3829 0.4183 0.6458 -0.0096 -0.1017 -0.0094 25 ASN A CB  
93  C CG  . ASN A 25 ? 0.7627 0.7963 1.0431 -0.0011 -0.1046 -0.0351 25 ASN A CG  
94  O OD1 . ASN A 25 ? 0.7198 0.7514 1.0451 0.0016  -0.1151 -0.0435 25 ASN A OD1 
95  N ND2 . ASN A 25 ? 0.7506 0.7876 1.0001 0.0027  -0.0954 -0.0486 25 ASN A ND2 
96  N N   . CYS A 26 ? 0.2879 0.3361 0.4819 -0.0232 -0.0841 0.0209  26 CYS A N   
97  C CA  . CYS A 26 ? 0.2743 0.3342 0.4618 -0.0323 -0.0819 0.0392  26 CYS A CA  
98  C C   . CYS A 26 ? 0.3383 0.3958 0.5291 -0.0314 -0.0830 0.0376  26 CYS A C   
99  O O   . CYS A 26 ? 0.3060 0.3529 0.4938 -0.0238 -0.0831 0.0213  26 CYS A O   
100 C CB  . CYS A 26 ? 0.2825 0.3504 0.4340 -0.0353 -0.0700 0.0383  26 CYS A CB  
101 S SG  . CYS A 26 ? 0.3408 0.3980 0.4629 -0.0268 -0.0606 0.0173  26 CYS A SG  
102 N N   . THR A 27 ? 0.3305 0.4009 0.5280 -0.0399 -0.0841 0.0552  27 THR A N   
103 C CA  . THR A 27 ? 0.3387 0.4093 0.5393 -0.0403 -0.0843 0.0559  27 THR A CA  
104 C C   . THR A 27 ? 0.4376 0.5256 0.6135 -0.0479 -0.0740 0.0623  27 THR A C   
105 O O   . THR A 27 ? 0.4475 0.5537 0.6185 -0.0560 -0.0717 0.0747  27 THR A O   
106 C CB  . THR A 27 ? 0.4378 0.5106 0.6793 -0.0437 -0.0970 0.0708  27 THR A CB  
107 O OG1 . THR A 27 ? 0.5896 0.6836 0.8401 -0.0551 -0.0991 0.0954  27 THR A OG1 
108 C CG2 . THR A 27 ? 0.3465 0.4046 0.6212 -0.0365 -0.1081 0.0617  27 THR A CG2 
109 N N   . SER A 28 ? 0.4250 0.5102 0.5879 -0.0456 -0.0681 0.0531  28 SER A N   
110 C CA  . SER A 28 ? 0.4558 0.5584 0.6012 -0.0519 -0.0580 0.0542  28 SER A CA  
111 C C   . SER A 28 ? 0.6015 0.7299 0.7604 -0.0633 -0.0603 0.0746  28 SER A C   
112 O O   . SER A 28 ? 0.5928 0.7200 0.7784 -0.0649 -0.0706 0.0878  28 SER A O   
113 C CB  . SER A 28 ? 0.4829 0.5757 0.6234 -0.0469 -0.0543 0.0422  28 SER A CB  
114 O OG  . SER A 28 ? 0.5637 0.6488 0.7267 -0.0451 -0.0634 0.0473  28 SER A OG  
115 N N   . GLY A 29 ? 0.6107 0.7649 0.7532 -0.0718 -0.0512 0.0765  29 GLY A N   
116 C CA  . GLY A 29 ? 0.6390 0.8270 0.7895 -0.0847 -0.0517 0.0957  29 GLY A CA  
117 C C   . GLY A 29 ? 0.7358 0.9430 0.8936 -0.0934 -0.0577 0.1158  29 GLY A C   
118 O O   . GLY A 29 ? 0.7536 0.9981 0.9052 -0.1058 -0.0540 0.1278  29 GLY A O   
119 N N   . GLN A 30 ? 0.6965 0.8815 0.8693 -0.0876 -0.0673 0.1195  30 GLN A N   
120 C CA  . GLN A 30 ? 0.7022 0.9006 0.8879 -0.0947 -0.0750 0.1391  30 GLN A CA  
121 C C   . GLN A 30 ? 0.7582 0.9564 0.9166 -0.0930 -0.0668 0.1258  30 GLN A C   
122 O O   . GLN A 30 ? 0.7641 0.9365 0.9087 -0.0819 -0.0618 0.1038  30 GLN A O   
123 C CB  . GLN A 30 ? 0.7197 0.8934 0.9421 -0.0884 -0.0895 0.1459  30 GLN A CB  
124 C CG  . GLN A 30 ? 0.9449 1.1128 1.1991 -0.0879 -0.0987 0.1550  30 GLN A CG  
125 C CD  . GLN A 30 ? 1.2163 1.3743 1.5187 -0.0872 -0.1154 0.1701  30 GLN A CD  
126 O OE1 . GLN A 30 ? 1.1880 1.3676 1.5206 -0.0982 -0.1251 0.1995  30 GLN A OE1 
127 N NE2 . GLN A 30 ? 1.0748 1.2030 1.3896 -0.0750 -0.1195 0.1504  30 GLN A NE2 
128 N N   . ASN A 31 ? 0.7073 0.9366 0.8585 -0.1045 -0.0657 0.1395  31 ASN A N   
129 C CA  . ASN A 31 ? 0.6873 0.9164 0.8151 -0.1028 -0.0587 0.1268  31 ASN A CA  
130 C C   . ASN A 31 ? 0.6512 0.8565 0.7962 -0.0967 -0.0681 0.1309  31 ASN A C   
131 O O   . ASN A 31 ? 0.6444 0.8652 0.7974 -0.1042 -0.0738 0.1477  31 ASN A O   
132 C CB  . ASN A 31 ? 0.7426 1.0167 0.8547 -0.1174 -0.0535 0.1360  31 ASN A CB  
133 C CG  . ASN A 31 ? 1.1402 1.4279 1.2245 -0.1173 -0.0384 0.1113  31 ASN A CG  
134 O OD1 . ASN A 31 ? 1.0555 1.3224 1.1343 -0.1082 -0.0319 0.0911  31 ASN A OD1 
135 N ND2 . ASN A 31 ? 1.0720 1.3972 1.1414 -0.1282 -0.0331 0.1121  31 ASN A ND2 
136 N N   . GLU A 32 ? 0.5458 0.7161 0.6985 -0.0834 -0.0701 0.1155  32 GLU A N   
137 C CA  . GLU A 32 ? 0.5291 0.6776 0.7026 -0.0765 -0.0788 0.1146  32 GLU A CA  
138 C C   . GLU A 32 ? 0.5117 0.6470 0.6651 -0.0696 -0.0724 0.0977  32 GLU A C   
139 O O   . GLU A 32 ? 0.5242 0.6493 0.6951 -0.0665 -0.0790 0.0994  32 GLU A O   
140 C CB  . GLU A 32 ? 0.5524 0.6764 0.7483 -0.0670 -0.0852 0.1057  32 GLU A CB  
141 C CG  . GLU A 32 ? 0.7077 0.8310 0.9507 -0.0695 -0.1006 0.1237  32 GLU A CG  
142 C CD  . GLU A 32 ? 0.9315 1.0290 1.1961 -0.0579 -0.1061 0.1060  32 GLU A CD  
143 O OE1 . GLU A 32 ? 0.5302 0.6234 0.7926 -0.0554 -0.1047 0.1002  32 GLU A OE1 
144 O OE2 . GLU A 32 ? 0.9888 1.0726 1.2725 -0.0512 -0.1112 0.0959  32 GLU A OE2 
145 N N   . CYS A 33 ? 0.3957 0.5310 0.5174 -0.0670 -0.0603 0.0814  33 CYS A N   
146 C CA  . CYS A 33 ? 0.3462 0.4695 0.4524 -0.0607 -0.0550 0.0674  33 CYS A CA  
147 C C   . CYS A 33 ? 0.3910 0.5330 0.4886 -0.0686 -0.0534 0.0759  33 CYS A C   
148 O O   . CYS A 33 ? 0.3821 0.5511 0.4716 -0.0790 -0.0506 0.0846  33 CYS A O   
149 C CB  . CYS A 33 ? 0.3305 0.4432 0.4140 -0.0537 -0.0449 0.0474  33 CYS A CB  
150 S SG  . CYS A 33 ? 0.3619 0.4504 0.4539 -0.0426 -0.0481 0.0353  33 CYS A SG  
151 N N   . PRO A 34 ? 0.3506 0.4816 0.4486 -0.0642 -0.0544 0.0718  34 PRO A N   
152 C CA  . PRO A 34 ? 0.3656 0.5143 0.4540 -0.0716 -0.0525 0.0785  34 PRO A CA  
153 C C   . PRO A 34 ? 0.3827 0.5443 0.4435 -0.0739 -0.0406 0.0655  34 PRO A C   
154 O O   . PRO A 34 ? 0.3463 0.4955 0.3969 -0.0671 -0.0338 0.0495  34 PRO A O   
155 C CB  . PRO A 34 ? 0.3932 0.5222 0.4868 -0.0636 -0.0541 0.0712  34 PRO A CB  
156 C CG  . PRO A 34 ? 0.4366 0.5447 0.5518 -0.0549 -0.0604 0.0663  34 PRO A CG  
157 C CD  . PRO A 34 ? 0.3750 0.4809 0.4815 -0.0529 -0.0564 0.0593  34 PRO A CD  
158 N N   . GLU A 35 ? 0.3377 0.5264 0.3897 -0.0840 -0.0387 0.0719  35 GLU A N   
159 C CA  . GLU A 35 ? 0.3224 0.5292 0.3540 -0.0875 -0.0280 0.0572  35 GLU A CA  
160 C C   . GLU A 35 ? 0.3252 0.5081 0.3482 -0.0767 -0.0215 0.0375  35 GLU A C   
161 O O   . GLU A 35 ? 0.3372 0.5035 0.3637 -0.0716 -0.0247 0.0393  35 GLU A O   
162 C CB  . GLU A 35 ? 0.3315 0.5743 0.3577 -0.1007 -0.0291 0.0679  35 GLU A CB  
163 C CG  . GLU A 35 ? 0.4106 0.6827 0.4476 -0.1132 -0.0370 0.0929  35 GLU A CG  
164 C CD  . GLU A 35 ? 0.6803 0.9467 0.7416 -0.1157 -0.0509 0.1189  35 GLU A CD  
165 O OE1 . GLU A 35 ? 0.3953 0.6283 0.4690 -0.1053 -0.0551 0.1159  35 GLU A OE1 
166 O OE2 . GLU A 35 ? 0.7480 1.0468 0.8192 -0.1291 -0.0579 0.1430  35 GLU A OE2 
167 N N   . GLY A 36 ? 0.2848 0.4658 0.3004 -0.0734 -0.0132 0.0202  36 GLY A N   
168 C CA  . GLY A 36 ? 0.2747 0.4342 0.2872 -0.0639 -0.0085 0.0056  36 GLY A CA  
169 C C   . GLY A 36 ? 0.2816 0.4135 0.2988 -0.0536 -0.0104 0.0034  36 GLY A C   
170 O O   . GLY A 36 ? 0.2701 0.3869 0.2857 -0.0465 -0.0072 -0.0055 36 GLY A O   
171 N N   . CYS A 37 ? 0.2308 0.3586 0.2555 -0.0536 -0.0163 0.0126  37 CYS A N   
172 C CA  . CYS A 37 ? 0.2525 0.3595 0.2823 -0.0453 -0.0189 0.0097  37 CYS A CA  
173 C C   . CYS A 37 ? 0.3145 0.4262 0.3472 -0.0471 -0.0178 0.0084  37 CYS A C   
174 O O   . CYS A 37 ? 0.3186 0.4509 0.3521 -0.0555 -0.0167 0.0133  37 CYS A O   
175 C CB  . CYS A 37 ? 0.2649 0.3622 0.3071 -0.0427 -0.0277 0.0183  37 CYS A CB  
176 S SG  . CYS A 37 ? 0.3227 0.4158 0.3659 -0.0408 -0.0295 0.0197  37 CYS A SG  
177 N N   . PHE A 38 ? 0.2386 0.3341 0.2739 -0.0400 -0.0187 0.0031  38 PHE A N   
178 C CA  . PHE A 38 ? 0.2321 0.3291 0.2723 -0.0408 -0.0186 0.0023  38 PHE A CA  
179 C C   . PHE A 38 ? 0.2799 0.3627 0.3293 -0.0356 -0.0262 0.0055  38 PHE A C   
180 O O   . PHE A 38 ? 0.2450 0.3156 0.2943 -0.0292 -0.0290 0.0019  38 PHE A O   
181 C CB  . PHE A 38 ? 0.2442 0.3391 0.2824 -0.0383 -0.0119 -0.0093 38 PHE A CB  
182 C CG  . PHE A 38 ? 0.2401 0.3182 0.2767 -0.0302 -0.0124 -0.0142 38 PHE A CG  
183 C CD1 . PHE A 38 ? 0.2590 0.3351 0.2911 -0.0282 -0.0094 -0.0171 38 PHE A CD1 
184 C CD2 . PHE A 38 ? 0.2467 0.3145 0.2870 -0.0256 -0.0160 -0.0144 38 PHE A CD2 
185 C CE1 . PHE A 38 ? 0.2492 0.3153 0.2809 -0.0224 -0.0100 -0.0185 38 PHE A CE1 
186 C CE2 . PHE A 38 ? 0.2713 0.3306 0.3096 -0.0200 -0.0166 -0.0166 38 PHE A CE2 
187 C CZ  . PHE A 38 ? 0.2382 0.2978 0.2726 -0.0188 -0.0135 -0.0177 38 PHE A CZ  
188 N N   . CYS A 39 ? 0.2567 0.3434 0.3150 -0.0383 -0.0290 0.0103  39 CYS A N   
189 C CA  . CYS A 39 ? 0.2553 0.3293 0.3251 -0.0332 -0.0363 0.0106  39 CYS A CA  
190 C C   . CYS A 39 ? 0.2757 0.3403 0.3401 -0.0276 -0.0336 0.0007  39 CYS A C   
191 O O   . CYS A 39 ? 0.2654 0.3351 0.3298 -0.0303 -0.0296 -0.0006 39 CYS A O   
192 C CB  . CYS A 39 ? 0.2805 0.3629 0.3662 -0.0389 -0.0419 0.0223  39 CYS A CB  
193 S SG  . CYS A 39 ? 0.3385 0.4053 0.4451 -0.0325 -0.0523 0.0207  39 CYS A SG  
194 N N   . GLY A 40 ? 0.2401 0.2944 0.3009 -0.0209 -0.0356 -0.0060 40 GLY A N   
195 C CA  . GLY A 40 ? 0.2333 0.2821 0.2893 -0.0165 -0.0346 -0.0122 40 GLY A CA  
196 C C   . GLY A 40 ? 0.2734 0.3174 0.3392 -0.0136 -0.0417 -0.0140 40 GLY A C   
197 O O   . GLY A 40 ? 0.2505 0.2920 0.3234 -0.0104 -0.0477 -0.0177 40 GLY A O   
198 N N   . LEU A 41 ? 0.2649 0.3080 0.3342 -0.0145 -0.0413 -0.0132 41 LEU A N   
199 C CA  . LEU A 41 ? 0.2581 0.2972 0.3380 -0.0122 -0.0483 -0.0149 41 LEU A CA  
200 C C   . LEU A 41 ? 0.3040 0.3415 0.3786 -0.0095 -0.0483 -0.0182 41 LEU A C   
201 O O   . LEU A 41 ? 0.3018 0.3409 0.3725 -0.0110 -0.0428 -0.0162 41 LEU A O   
202 C CB  . LEU A 41 ? 0.2611 0.3028 0.3528 -0.0171 -0.0486 -0.0079 41 LEU A CB  
203 C CG  . LEU A 41 ? 0.3237 0.3729 0.4227 -0.0225 -0.0492 0.0009  41 LEU A CG  
204 C CD1 . LEU A 41 ? 0.3436 0.4032 0.4493 -0.0291 -0.0466 0.0084  41 LEU A CD1 
205 C CD2 . LEU A 41 ? 0.3451 0.3897 0.4620 -0.0205 -0.0589 0.0027  41 LEU A CD2 
206 N N   . LEU A 42 ? 0.2604 0.2970 0.3389 -0.0060 -0.0550 -0.0231 42 LEU A N   
207 C CA  . LEU A 42 ? 0.2834 0.3222 0.3583 -0.0045 -0.0572 -0.0242 42 LEU A CA  
208 C C   . LEU A 42 ? 0.3144 0.3486 0.4018 -0.0058 -0.0600 -0.0215 42 LEU A C   
209 O O   . LEU A 42 ? 0.2702 0.3017 0.3693 -0.0050 -0.0657 -0.0238 42 LEU A O   
210 C CB  . LEU A 42 ? 0.3010 0.3475 0.3713 -0.0007 -0.0631 -0.0334 42 LEU A CB  
211 C CG  . LEU A 42 ? 0.4009 0.4566 0.4666 0.0000  -0.0674 -0.0339 42 LEU A CG  
212 C CD1 . LEU A 42 ? 0.4042 0.4633 0.4636 -0.0027 -0.0634 -0.0225 42 LEU A CD1 
213 C CD2 . LEU A 42 ? 0.4800 0.5509 0.5390 0.0026  -0.0716 -0.0457 42 LEU A CD2 
214 N N   . GLY A 43 ? 0.2712 0.3050 0.3608 -0.0080 -0.0561 -0.0164 43 GLY A N   
215 C CA  . GLY A 43 ? 0.2804 0.3110 0.3831 -0.0093 -0.0580 -0.0141 43 GLY A CA  
216 C C   . GLY A 43 ? 0.2926 0.3219 0.4058 -0.0119 -0.0575 -0.0126 43 GLY A C   
217 O O   . GLY A 43 ? 0.2726 0.3062 0.3845 -0.0155 -0.0514 -0.0104 43 GLY A O   
218 N N   . GLN A 44 ? 0.2429 0.2689 0.3671 -0.0108 -0.0645 -0.0129 44 GLN A N   
219 C CA  . GLN A 44 ? 0.2403 0.2670 0.3790 -0.0140 -0.0658 -0.0080 44 GLN A CA  
220 C C   . GLN A 44 ? 0.2862 0.3125 0.4326 -0.0132 -0.0717 -0.0076 44 GLN A C   
221 O O   . GLN A 44 ? 0.2620 0.2905 0.4250 -0.0164 -0.0748 -0.0003 44 GLN A O   
222 C CB  . GLN A 44 ? 0.2549 0.2781 0.4076 -0.0136 -0.0708 -0.0071 44 GLN A CB  
223 C CG  . GLN A 44 ? 0.2985 0.3239 0.4537 -0.0161 -0.0643 -0.0055 44 GLN A CG  
224 C CD  . GLN A 44 ? 0.4762 0.5121 0.6327 -0.0218 -0.0547 -0.0026 44 GLN A CD  
225 O OE1 . GLN A 44 ? 0.4958 0.5390 0.6618 -0.0259 -0.0544 0.0028  44 GLN A OE1 
226 N NE2 . GLN A 44 ? 0.3804 0.4208 0.5289 -0.0228 -0.0470 -0.0063 44 GLN A NE2 
227 N N   . ASN A 45 ? 0.2472 0.2726 0.3851 -0.0096 -0.0734 -0.0145 45 ASN A N   
228 C CA  . ASN A 45 ? 0.2603 0.2851 0.4110 -0.0085 -0.0792 -0.0160 45 ASN A CA  
229 C C   . ASN A 45 ? 0.2919 0.3218 0.4477 -0.0143 -0.0760 -0.0038 45 ASN A C   
230 O O   . ASN A 45 ? 0.2708 0.3063 0.4104 -0.0178 -0.0672 0.0000  45 ASN A O   
231 C CB  . ASN A 45 ? 0.2695 0.2960 0.4085 -0.0040 -0.0794 -0.0273 45 ASN A CB  
232 C CG  . ASN A 45 ? 0.4188 0.4476 0.5563 0.0007  -0.0848 -0.0399 45 ASN A CG  
233 O OD1 . ASN A 45 ? 0.3979 0.4313 0.5175 0.0013  -0.0819 -0.0417 45 ASN A OD1 
234 N ND2 . ASN A 45 ? 0.3492 0.3772 0.5084 0.0032  -0.0936 -0.0483 45 ASN A ND2 
235 N N   . LYS A 46 ? 0.2614 0.2919 0.4426 -0.0163 -0.0837 0.0034  46 LYS A N   
236 C CA  . LYS A 46 ? 0.2537 0.2939 0.4421 -0.0234 -0.0825 0.0188  46 LYS A CA  
237 C C   . LYS A 46 ? 0.2931 0.3330 0.4798 -0.0220 -0.0831 0.0161  46 LYS A C   
238 O O   . LYS A 46 ? 0.2936 0.3432 0.4771 -0.0280 -0.0801 0.0277  46 LYS A O   
239 C CB  . LYS A 46 ? 0.3141 0.3575 0.5368 -0.0275 -0.0923 0.0324  46 LYS A CB  
240 C CG  . LYS A 46 ? 0.4374 0.4859 0.6646 -0.0311 -0.0910 0.0397  46 LYS A CG  
241 C CD  . LYS A 46 ? 0.4916 0.5444 0.7568 -0.0354 -0.1020 0.0556  46 LYS A CD  
242 C CE  . LYS A 46 ? 0.2937 0.3527 0.5656 -0.0392 -0.1011 0.0633  46 LYS A CE  
243 N NZ  . LYS A 46 ? 0.5837 0.6471 0.8968 -0.0434 -0.1131 0.0804  46 LYS A NZ  
244 N N   . LYS A 47 ? 0.2356 0.2671 0.4259 -0.0146 -0.0875 0.0008  47 LYS A N   
245 C CA  . LYS A 47 ? 0.2436 0.2752 0.4371 -0.0127 -0.0887 -0.0036 47 LYS A CA  
246 C C   . LYS A 47 ? 0.2904 0.3218 0.4535 -0.0086 -0.0806 -0.0158 47 LYS A C   
247 O O   . LYS A 47 ? 0.2654 0.2958 0.4157 -0.0046 -0.0792 -0.0265 47 LYS A O   
248 C CB  . LYS A 47 ? 0.2977 0.3248 0.5274 -0.0082 -0.1003 -0.0130 47 LYS A CB  
249 C CG  . LYS A 47 ? 0.4090 0.4367 0.6785 -0.0130 -0.1105 0.0030  47 LYS A CG  
250 C CD  . LYS A 47 ? 0.4725 0.4953 0.7891 -0.0082 -0.1237 -0.0080 47 LYS A CD  
251 C CE  . LYS A 47 ? 0.4148 0.4331 0.7422 -0.0030 -0.1289 -0.0235 47 LYS A CE  
252 N NZ  . LYS A 47 ? 0.3644 0.3796 0.7479 0.0002  -0.1433 -0.0320 47 LYS A NZ  
253 N N   . GLY A 48 ? 0.2775 0.3122 0.4314 -0.0105 -0.0763 -0.0123 48 GLY A N   
254 C CA  . GLY A 48 ? 0.2649 0.3008 0.3928 -0.0075 -0.0689 -0.0209 48 GLY A CA  
255 C C   . GLY A 48 ? 0.2950 0.3328 0.4258 -0.0076 -0.0684 -0.0207 48 GLY A C   
256 O O   . GLY A 48 ? 0.2593 0.2959 0.4169 -0.0072 -0.0760 -0.0206 48 GLY A O   
257 N N   . HIS A 49 ? 0.2644 0.3048 0.3715 -0.0079 -0.0602 -0.0209 49 HIS A N   
258 C CA  . HIS A 49 ? 0.2752 0.3175 0.3821 -0.0080 -0.0589 -0.0209 49 HIS A CA  
259 C C   . HIS A 49 ? 0.2969 0.3432 0.3857 -0.0130 -0.0512 -0.0114 49 HIS A C   
260 O O   . HIS A 49 ? 0.2783 0.3262 0.3520 -0.0147 -0.0454 -0.0101 49 HIS A O   
261 C CB  . HIS A 49 ? 0.3077 0.3522 0.4063 -0.0017 -0.0572 -0.0362 49 HIS A CB  
262 C CG  . HIS A 49 ? 0.3814 0.4270 0.4999 0.0031  -0.0647 -0.0504 49 HIS A CG  
263 N ND1 . HIS A 49 ? 0.4200 0.4679 0.5340 0.0054  -0.0663 -0.0578 49 HIS A ND1 
264 C CD2 . HIS A 49 ? 0.4186 0.4643 0.5662 0.0055  -0.0716 -0.0589 49 HIS A CD2 
265 C CE1 . HIS A 49 ? 0.4207 0.4714 0.5585 0.0093  -0.0735 -0.0724 49 HIS A CE1 
266 N NE2 . HIS A 49 ? 0.4256 0.4750 0.5860 0.0098  -0.0769 -0.0746 49 HIS A NE2 
267 N N   . CYS A 50 ? 0.2533 0.3025 0.3468 -0.0157 -0.0517 -0.0058 50 CYS A N   
268 C CA  . CYS A 50 ? 0.2547 0.3104 0.3326 -0.0207 -0.0450 0.0010  50 CYS A CA  
269 C C   . CYS A 50 ? 0.2941 0.3479 0.3544 -0.0164 -0.0386 -0.0077 50 CYS A C   
270 O O   . CYS A 50 ? 0.2846 0.3358 0.3480 -0.0115 -0.0402 -0.0152 50 CYS A O   
271 C CB  . CYS A 50 ? 0.2523 0.3145 0.3439 -0.0263 -0.0495 0.0130  50 CYS A CB  
272 S SG  . CYS A 50 ? 0.3078 0.3773 0.4251 -0.0334 -0.0586 0.0295  50 CYS A SG  
273 N N   . TYR A 51 ? 0.2446 0.3018 0.2896 -0.0188 -0.0313 -0.0072 51 TYR A N   
274 C CA  . TYR A 51 ? 0.2368 0.2934 0.2695 -0.0158 -0.0257 -0.0123 51 TYR A CA  
275 C C   . TYR A 51 ? 0.2683 0.3314 0.2952 -0.0208 -0.0203 -0.0091 51 TYR A C   
276 O O   . TYR A 51 ? 0.2550 0.3262 0.2842 -0.0268 -0.0198 -0.0049 51 TYR A O   
277 C CB  . TYR A 51 ? 0.2317 0.2861 0.2590 -0.0128 -0.0236 -0.0161 51 TYR A CB  
278 C CG  . TYR A 51 ? 0.2785 0.3305 0.3098 -0.0086 -0.0289 -0.0205 51 TYR A CG  
279 C CD1 . TYR A 51 ? 0.3288 0.3835 0.3589 -0.0041 -0.0310 -0.0272 51 TYR A CD1 
280 C CD2 . TYR A 51 ? 0.2743 0.3239 0.3119 -0.0094 -0.0319 -0.0198 51 TYR A CD2 
281 C CE1 . TYR A 51 ? 0.3382 0.3952 0.3733 -0.0007 -0.0361 -0.0349 51 TYR A CE1 
282 C CE2 . TYR A 51 ? 0.2894 0.3382 0.3321 -0.0056 -0.0375 -0.0255 51 TYR A CE2 
283 C CZ  . TYR A 51 ? 0.3724 0.4257 0.4140 -0.0014 -0.0396 -0.0339 51 TYR A CZ  
284 O OH  . TYR A 51 ? 0.4303 0.4872 0.4779 0.0019  -0.0451 -0.0427 51 TYR A OH  
285 N N   . LYS A 52 ? 0.2396 0.3024 0.2599 -0.0189 -0.0160 -0.0120 52 LYS A N   
286 C CA  . LYS A 52 ? 0.2234 0.2929 0.2408 -0.0230 -0.0109 -0.0124 52 LYS A CA  
287 C C   . LYS A 52 ? 0.2550 0.3219 0.2713 -0.0197 -0.0070 -0.0157 52 LYS A C   
288 O O   . LYS A 52 ? 0.2357 0.2983 0.2502 -0.0149 -0.0084 -0.0151 52 LYS A O   
289 C CB  . LYS A 52 ? 0.2466 0.3211 0.2637 -0.0263 -0.0124 -0.0080 52 LYS A CB  
290 C CG  . LYS A 52 ? 0.2350 0.3027 0.2517 -0.0210 -0.0139 -0.0087 52 LYS A CG  
291 C CD  . LYS A 52 ? 0.2849 0.3565 0.3055 -0.0242 -0.0164 -0.0034 52 LYS A CD  
292 C CE  . LYS A 52 ? 0.3941 0.4596 0.4190 -0.0184 -0.0184 -0.0065 52 LYS A CE  
293 N NZ  . LYS A 52 ? 0.4743 0.5420 0.5092 -0.0211 -0.0224 -0.0008 52 LYS A NZ  
294 N N   . ILE A 53 ? 0.1960 0.2684 0.2162 -0.0228 -0.0025 -0.0192 53 ILE A N   
295 C CA  . ILE A 53 ? 0.1956 0.2663 0.2230 -0.0206 0.0002  -0.0208 53 ILE A CA  
296 C C   . ILE A 53 ? 0.1969 0.2696 0.2225 -0.0210 0.0019  -0.0206 53 ILE A C   
297 O O   . ILE A 53 ? 0.2060 0.2862 0.2300 -0.0254 0.0034  -0.0236 53 ILE A O   
298 C CB  . ILE A 53 ? 0.2279 0.3035 0.2699 -0.0234 0.0033  -0.0280 53 ILE A CB  
299 C CG1 . ILE A 53 ? 0.2483 0.3221 0.2925 -0.0234 0.0016  -0.0281 53 ILE A CG1 
300 C CG2 . ILE A 53 ? 0.2207 0.2938 0.2790 -0.0211 0.0043  -0.0278 53 ILE A CG2 
301 C CD1 . ILE A 53 ? 0.3126 0.3932 0.3744 -0.0261 0.0051  -0.0375 53 ILE A CD1 
302 N N   . ILE A 54 ? 0.1916 0.2608 0.2180 -0.0171 0.0016  -0.0162 54 ILE A N   
303 C CA  . ILE A 54 ? 0.2015 0.2724 0.2285 -0.0172 0.0034  -0.0153 54 ILE A CA  
304 C C   . ILE A 54 ? 0.2357 0.3067 0.2765 -0.0155 0.0044  -0.0116 54 ILE A C   
305 O O   . ILE A 54 ? 0.2293 0.2999 0.2764 -0.0138 0.0026  -0.0066 54 ILE A O   
306 C CB  . ILE A 54 ? 0.2428 0.3123 0.2585 -0.0147 0.0014  -0.0118 54 ILE A CB  
307 C CG1 . ILE A 54 ? 0.2538 0.3239 0.2652 -0.0102 -0.0004 -0.0087 54 ILE A CG1 
308 C CG2 . ILE A 54 ? 0.2560 0.3257 0.2668 -0.0173 -0.0013 -0.0128 54 ILE A CG2 
309 C CD1 . ILE A 54 ? 0.3537 0.4295 0.3672 -0.0083 0.0014  -0.0030 54 ILE A CD1 
310 N N   . GLY A 55 ? 0.2013 0.2742 0.2491 -0.0165 0.0062  -0.0127 55 GLY A N   
311 C CA  . GLY A 55 ? 0.2027 0.2767 0.2681 -0.0153 0.0062  -0.0067 55 GLY A CA  
312 C C   . GLY A 55 ? 0.2434 0.3192 0.2997 -0.0136 0.0067  -0.0006 55 GLY A C   
313 O O   . GLY A 55 ? 0.2375 0.3127 0.2838 -0.0145 0.0077  -0.0052 55 GLY A O   
314 N N   . ASN A 56 ? 0.1851 0.2656 0.2466 -0.0119 0.0057  0.0107  56 ASN A N   
315 C CA  . ASN A 56 ? 0.2093 0.2945 0.2637 -0.0105 0.0069  0.0158  56 ASN A CA  
316 C C   . ASN A 56 ? 0.2625 0.3478 0.3370 -0.0118 0.0076  0.0184  56 ASN A C   
317 O O   . ASN A 56 ? 0.2494 0.3355 0.3484 -0.0129 0.0059  0.0233  56 ASN A O   
318 C CB  . ASN A 56 ? 0.2067 0.3043 0.2564 -0.0093 0.0059  0.0275  56 ASN A CB  
319 C CG  . ASN A 56 ? 0.3646 0.4650 0.3940 -0.0074 0.0054  0.0216  56 ASN A CG  
320 O OD1 . ASN A 56 ? 0.3269 0.4288 0.3448 -0.0057 0.0068  0.0153  56 ASN A OD1 
321 N ND2 . ASN A 56 ? 0.2878 0.3891 0.3165 -0.0077 0.0029  0.0229  56 ASN A ND2 
322 N N   . LEU A 57 ? 0.2116 0.2963 0.2797 -0.0116 0.0094  0.0155  57 LEU A N   
323 C CA  . LEU A 57 ? 0.1898 0.2757 0.2769 -0.0124 0.0097  0.0188  57 LEU A CA  
324 C C   . LEU A 57 ? 0.2499 0.3458 0.3342 -0.0109 0.0103  0.0328  57 LEU A C   
325 O O   . LEU A 57 ? 0.2395 0.3394 0.3038 -0.0091 0.0120  0.0314  57 LEU A O   
326 C CB  . LEU A 57 ? 0.1912 0.2733 0.2740 -0.0140 0.0111  0.0080  57 LEU A CB  
327 C CG  . LEU A 57 ? 0.2461 0.3291 0.3526 -0.0151 0.0109  0.0079  57 LEU A CG  
328 C CD1 . LEU A 57 ? 0.2665 0.3490 0.3989 -0.0171 0.0097  -0.0016 57 LEU A CD1 
329 C CD2 . LEU A 57 ? 0.2432 0.3260 0.3406 -0.0167 0.0117  0.0006  57 LEU A CD2 
330 N N   . SER A 58 ? 0.2461 0.3491 0.3532 -0.0119 0.0084  0.0467  58 SER A N   
331 C CA  . SER A 58 ? 0.2418 0.3609 0.3453 -0.0118 0.0092  0.0617  58 SER A CA  
332 C C   . SER A 58 ? 0.2871 0.4065 0.4081 -0.0123 0.0097  0.0665  58 SER A C   
333 O O   . SER A 58 ? 0.3042 0.4123 0.4434 -0.0128 0.0086  0.0585  58 SER A O   
334 C CB  . SER A 58 ? 0.3097 0.4431 0.4257 -0.0140 0.0057  0.0798  58 SER A CB  
335 O OG  . SER A 58 ? 0.3718 0.4996 0.5252 -0.0160 0.0014  0.0869  58 SER A OG  
336 N N   . GLY A 59 ? 0.2307 0.3661 0.3474 -0.0126 0.0114  0.0785  59 GLY A N   
337 C CA  . GLY A 59 ? 0.2365 0.3740 0.3714 -0.0132 0.0117  0.0857  59 GLY A CA  
338 C C   . GLY A 59 ? 0.3114 0.4480 0.4278 -0.0111 0.0160  0.0763  59 GLY A C   
339 O O   . GLY A 59 ? 0.3016 0.4416 0.4310 -0.0116 0.0167  0.0828  59 GLY A O   
340 N N   . GLU A 60 ? 0.2625 0.3942 0.3529 -0.0090 0.0182  0.0617  60 GLU A N   
341 C CA  . GLU A 60 ? 0.2692 0.3994 0.3467 -0.0070 0.0212  0.0523  60 GLU A CA  
342 C C   . GLU A 60 ? 0.3081 0.4592 0.3868 -0.0069 0.0247  0.0624  60 GLU A C   
343 O O   . GLU A 60 ? 0.2884 0.4601 0.3626 -0.0080 0.0257  0.0714  60 GLU A O   
344 C CB  . GLU A 60 ? 0.2809 0.4082 0.3374 -0.0049 0.0218  0.0388  60 GLU A CB  
345 C CG  . GLU A 60 ? 0.2866 0.3983 0.3395 -0.0057 0.0188  0.0305  60 GLU A CG  
346 C CD  . GLU A 60 ? 0.4135 0.5284 0.4611 -0.0058 0.0175  0.0319  60 GLU A CD  
347 O OE1 . GLU A 60 ? 0.2115 0.3188 0.2491 -0.0053 0.0160  0.0227  60 GLU A OE1 
348 O OE2 . GLU A 60 ? 0.3033 0.4293 0.3593 -0.0070 0.0170  0.0440  60 GLU A OE2 
349 N N   . PRO A 61 ? 0.3041 0.4539 0.3877 -0.0061 0.0265  0.0608  61 PRO A N   
350 C CA  . PRO A 61 ? 0.2970 0.4702 0.3808 -0.0062 0.0307  0.0688  61 PRO A CA  
351 C C   . PRO A 61 ? 0.3283 0.5169 0.3928 -0.0041 0.0344  0.0567  61 PRO A C   
352 O O   . PRO A 61 ? 0.2789 0.4529 0.3342 -0.0020 0.0328  0.0422  61 PRO A O   
353 C CB  . PRO A 61 ? 0.3185 0.4815 0.4123 -0.0054 0.0313  0.0659  61 PRO A CB  
354 C CG  . PRO A 61 ? 0.3709 0.5091 0.4603 -0.0045 0.0280  0.0516  61 PRO A CG  
355 C CD  . PRO A 61 ? 0.3219 0.4521 0.4103 -0.0058 0.0249  0.0515  61 PRO A CD  
356 N N   . PRO A 62 ? 0.3244 0.5444 0.3845 -0.0050 0.0390  0.0611  62 PRO A N   
357 C CA  . PRO A 62 ? 0.3181 0.5560 0.3633 -0.0031 0.0424  0.0445  62 PRO A CA  
358 C C   . PRO A 62 ? 0.3204 0.5460 0.3673 0.0011  0.0436  0.0238  62 PRO A C   
359 O O   . PRO A 62 ? 0.3044 0.5338 0.3456 0.0035  0.0438  0.0068  62 PRO A O   
360 C CB  . PRO A 62 ? 0.3532 0.6336 0.3963 -0.0063 0.0476  0.0543  62 PRO A CB  
361 C CG  . PRO A 62 ? 0.4083 0.6871 0.4678 -0.0085 0.0474  0.0730  62 PRO A CG  
362 C CD  . PRO A 62 ? 0.3473 0.5930 0.4179 -0.0088 0.0408  0.0814  62 PRO A CD  
363 N N   . VAL A 63 ? 0.2541 0.4669 0.3127 0.0018  0.0437  0.0256  63 VAL A N   
364 C CA  . VAL A 63 ? 0.2655 0.4674 0.3319 0.0049  0.0436  0.0099  63 VAL A CA  
365 C C   . VAL A 63 ? 0.2985 0.4701 0.3732 0.0042  0.0385  0.0144  63 VAL A C   
366 O O   . VAL A 63 ? 0.3164 0.4835 0.3971 0.0022  0.0380  0.0274  63 VAL A O   
367 C CB  . VAL A 63 ? 0.3323 0.5596 0.4066 0.0058  0.0501  0.0057  63 VAL A CB  
368 C CG1 . VAL A 63 ? 0.3363 0.5511 0.4252 0.0091  0.0489  -0.0102 63 VAL A CG1 
369 C CG2 . VAL A 63 ? 0.3371 0.6039 0.4020 0.0052  0.0560  -0.0007 63 VAL A CG2 
370 N N   . VAL A 64 ? 0.2436 0.3971 0.3210 0.0054  0.0339  0.0039  64 VAL A N   
371 C CA  . VAL A 64 ? 0.2379 0.3688 0.3221 0.0034  0.0286  0.0075  64 VAL A CA  
372 C C   . VAL A 64 ? 0.2808 0.4072 0.3789 0.0049  0.0259  -0.0019 64 VAL A C   
373 O O   . VAL A 64 ? 0.2384 0.3664 0.3402 0.0069  0.0244  -0.0129 64 VAL A O   
374 C CB  . VAL A 64 ? 0.2876 0.4026 0.3634 0.0009  0.0234  0.0094  64 VAL A CB  
375 C CG1 . VAL A 64 ? 0.2918 0.3915 0.3735 -0.0025 0.0178  0.0114  64 VAL A CG1 
376 C CG2 . VAL A 64 ? 0.2883 0.4061 0.3580 -0.0006 0.0249  0.0184  64 VAL A CG2 
377 N N   . ARG A 65 ? 0.2403 0.3605 0.3499 0.0037  0.0245  0.0028  65 ARG A N   
378 C CA  . ARG A 65 ? 0.2638 0.3782 0.3920 0.0041  0.0203  -0.0028 65 ARG A CA  
379 C C   . ARG A 65 ? 0.3501 0.4476 0.4799 -0.0009 0.0119  0.0053  65 ARG A C   
380 O O   . ARG A 65 ? 0.3632 0.4565 0.4855 -0.0041 0.0114  0.0135  65 ARG A O   
381 C CB  . ARG A 65 ? 0.2830 0.4069 0.4252 0.0059  0.0245  -0.0035 65 ARG A CB  
382 C CG  . ARG A 65 ? 0.3281 0.4766 0.4698 0.0096  0.0332  -0.0129 65 ARG A CG  
383 C CD  . ARG A 65 ? 0.3304 0.4920 0.4874 0.0111  0.0381  -0.0146 65 ARG A CD  
384 N NE  . ARG A 65 ? 0.3282 0.5208 0.4825 0.0135  0.0470  -0.0249 65 ARG A NE  
385 C CZ  . ARG A 65 ? 0.5414 0.7486 0.7082 0.0168  0.0493  -0.0454 65 ARG A CZ  
386 N NH1 . ARG A 65 ? 0.2005 0.3910 0.3881 0.0184  0.0423  -0.0559 65 ARG A NH1 
387 N NH2 . ARG A 65 ? 0.4343 0.6762 0.5961 0.0179  0.0579  -0.0558 65 ARG A NH2 
388 N N   . ARG A 66 ? 0.3113 0.4026 0.4529 -0.0021 0.0050  0.0030  66 ARG A N   
389 C CA  . ARG A 66 ? 0.3293 0.4113 0.4735 -0.0085 -0.0039 0.0126  66 ARG A CA  
390 C C   . ARG A 66 ? 0.4574 0.5372 0.6276 -0.0102 -0.0104 0.0163  66 ARG A C   
391 O O   . ARG A 66 ? 0.4161 0.4998 0.6057 -0.0054 -0.0079 0.0078  66 ARG A O   
392 C CB  . ARG A 66 ? 0.3428 0.4217 0.4814 -0.0109 -0.0089 0.0132  66 ARG A CB  
393 C CG  . ARG A 66 ? 0.3810 0.4596 0.5411 -0.0082 -0.0129 0.0063  66 ARG A CG  
394 C CD  . ARG A 66 ? 0.3744 0.4496 0.5313 -0.0118 -0.0191 0.0106  66 ARG A CD  
395 N NE  . ARG A 66 ? 0.4180 0.4925 0.6002 -0.0088 -0.0236 0.0029  66 ARG A NE  
396 C CZ  . ARG A 66 ? 0.5104 0.5821 0.7248 -0.0117 -0.0338 0.0094  66 ARG A CZ  
397 N NH1 . ARG A 66 ? 0.4269 0.4981 0.6480 -0.0186 -0.0407 0.0253  66 ARG A NH1 
398 N NH2 . ARG A 66 ? 0.4323 0.5034 0.6752 -0.0084 -0.0383 0.0007  66 ARG A NH2 
399 O OXT . ARG A 66 ? 0.7015 0.7785 0.8745 -0.0170 -0.0183 0.0273  66 ARG A OXT 
400 N N   . ASP B 12 ? 0.9740 0.8424 0.7585 0.1502  -0.1296 -0.3967 12 ASP B N   
401 C CA  . ASP B 12 ? 0.9208 0.7489 0.7351 0.1486  -0.1455 -0.3451 12 ASP B CA  
402 C C   . ASP B 12 ? 0.8679 0.6917 0.6729 0.1009  -0.1451 -0.2820 12 ASP B C   
403 O O   . ASP B 12 ? 0.8443 0.6193 0.6596 0.0925  -0.1655 -0.2429 12 ASP B O   
404 C CB  . ASP B 12 ? 0.9005 0.7850 0.7628 0.1752  -0.1264 -0.3461 12 ASP B CB  
405 C CG  . ASP B 12 ? 0.9738 0.9623 0.8460 0.1607  -0.0856 -0.3482 12 ASP B CG  
406 O OD1 . ASP B 12 ? 0.9329 0.9433 0.7866 0.1195  -0.0732 -0.3127 12 ASP B OD1 
407 O OD2 . ASP B 12 ? 1.0637 1.1117 0.9643 0.1894  -0.0693 -0.3834 12 ASP B OD2 
408 N N   . GLY B 13 ? 0.7590 0.6389 0.5470 0.0703  -0.1229 -0.2723 13 GLY B N   
409 C CA  . GLY B 13 ? 0.6994 0.5842 0.4863 0.0304  -0.1234 -0.2162 13 GLY B CA  
410 C C   . GLY B 13 ? 0.6362 0.5595 0.4626 0.0298  -0.1055 -0.1802 13 GLY B C   
411 O O   . GLY B 13 ? 0.5869 0.5097 0.4231 0.0059  -0.1084 -0.1356 13 GLY B O   
412 N N   . ALA B 14 ? 0.5700 0.5293 0.4218 0.0570  -0.0882 -0.2012 14 ALA B N   
413 C CA  . ALA B 14 ? 0.5048 0.4984 0.3896 0.0564  -0.0721 -0.1731 14 ALA B CA  
414 C C   . ALA B 14 ? 0.5432 0.5812 0.4220 0.0235  -0.0562 -0.1469 14 ALA B C   
415 O O   . ALA B 14 ? 0.4726 0.5119 0.3720 0.0139  -0.0540 -0.1110 14 ALA B O   
416 C CB  . ALA B 14 ? 0.4984 0.5282 0.4075 0.0877  -0.0592 -0.2049 14 ALA B CB  
417 N N   . ASP B 15 ? 0.5553 0.6264 0.4029 0.0054  -0.0480 -0.1655 15 ASP B N   
418 C CA  . ASP B 15 ? 0.5565 0.6647 0.3891 -0.0316 -0.0395 -0.1390 15 ASP B CA  
419 C C   . ASP B 15 ? 0.5951 0.6690 0.4282 -0.0551 -0.0584 -0.0922 15 ASP B C   
420 O O   . ASP B 15 ? 0.5925 0.6852 0.4243 -0.0807 -0.0582 -0.0617 15 ASP B O   
421 C CB  . ASP B 15 ? 0.6303 0.7804 0.4195 -0.0503 -0.0295 -0.1701 15 ASP B CB  
422 C CG  . ASP B 15 ? 0.9463 1.0572 0.6993 -0.0536 -0.0470 -0.1892 15 ASP B CG  
423 O OD1 . ASP B 15 ? 0.9673 1.0251 0.7308 -0.0260 -0.0625 -0.2041 15 ASP B OD1 
424 O OD2 . ASP B 15 ? 1.1219 1.2519 0.8316 -0.0871 -0.0482 -0.1881 15 ASP B OD2 
425 N N   . ASN B 16 ? 0.5416 0.5667 0.3788 -0.0473 -0.0775 -0.0857 16 ASN B N   
426 C CA  . ASN B 16 ? 0.5195 0.5231 0.3651 -0.0675 -0.0958 -0.0442 16 ASN B CA  
427 C C   . ASN B 16 ? 0.5025 0.5081 0.3938 -0.0578 -0.0923 -0.0128 16 ASN B C   
428 O O   . ASN B 16 ? 0.4771 0.4799 0.3867 -0.0706 -0.1043 0.0206  16 ASN B O   
429 C CB  . ASN B 16 ? 0.5355 0.4932 0.3657 -0.0691 -0.1180 -0.0497 16 ASN B CB  
430 C CG  . ASN B 16 ? 0.8186 0.7675 0.5986 -0.0824 -0.1261 -0.0807 16 ASN B CG  
431 O OD1 . ASN B 16 ? 0.7608 0.7383 0.5132 -0.1084 -0.1238 -0.0769 16 ASN B OD1 
432 N ND2 . ASN B 16 ? 0.7951 0.7008 0.5589 -0.0658 -0.1380 -0.1126 16 ASN B ND2 
433 N N   . PHE B 17 ? 0.4219 0.4365 0.3327 -0.0344 -0.0764 -0.0258 17 PHE B N   
434 C CA  . PHE B 17 ? 0.3750 0.3928 0.3226 -0.0233 -0.0702 -0.0049 17 PHE B CA  
435 C C   . PHE B 17 ? 0.4372 0.4835 0.3910 -0.0241 -0.0551 -0.0065 17 PHE B C   
436 O O   . PHE B 17 ? 0.4258 0.4946 0.3614 -0.0250 -0.0449 -0.0308 17 PHE B O   
437 C CB  . PHE B 17 ? 0.3846 0.3833 0.3440 0.0005  -0.0688 -0.0169 17 PHE B CB  
438 C CG  . PHE B 17 ? 0.4186 0.3826 0.3719 -0.0034 -0.0876 -0.0092 17 PHE B CG  
439 C CD1 . PHE B 17 ? 0.4431 0.4075 0.4186 -0.0117 -0.0926 0.0211  17 PHE B CD1 
440 C CD2 . PHE B 17 ? 0.4897 0.4222 0.4152 -0.0001 -0.1016 -0.0335 17 PHE B CD2 
441 C CE1 . PHE B 17 ? 0.4788 0.4158 0.4468 -0.0236 -0.1117 0.0326  17 PHE B CE1 
442 C CE2 . PHE B 17 ? 0.5459 0.4370 0.4609 -0.0102 -0.1247 -0.0229 17 PHE B CE2 
443 C CZ  . PHE B 17 ? 0.5024 0.3973 0.4380 -0.0249 -0.1298 0.0126  17 PHE B CZ  
444 N N   . ASP B 18 ? 0.3886 0.4360 0.3692 -0.0236 -0.0542 0.0171  18 ASP B N   
445 C CA  . ASP B 18 ? 0.3907 0.4525 0.3774 -0.0264 -0.0451 0.0191  18 ASP B CA  
446 C C   . ASP B 18 ? 0.4101 0.4622 0.4288 -0.0082 -0.0407 0.0269  18 ASP B C   
447 O O   . ASP B 18 ? 0.4068 0.4502 0.4455 0.0017  -0.0445 0.0374  18 ASP B O   
448 C CB  . ASP B 18 ? 0.4438 0.5105 0.4175 -0.0546 -0.0561 0.0410  18 ASP B CB  
449 C CG  . ASP B 18 ? 0.5571 0.6382 0.5227 -0.0687 -0.0499 0.0415  18 ASP B CG  
450 O OD1 . ASP B 18 ? 0.5778 0.6765 0.5454 -0.0577 -0.0342 0.0188  18 ASP B OD1 
451 O OD2 . ASP B 18 ? 0.6175 0.6919 0.5752 -0.0927 -0.0639 0.0665  18 ASP B OD2 
452 N N   . VAL B 19 ? 0.3466 0.4048 0.3682 -0.0063 -0.0323 0.0203  19 VAL B N   
453 C CA  . VAL B 19 ? 0.3418 0.3897 0.3864 0.0099  -0.0273 0.0211  19 VAL B CA  
454 C C   . VAL B 19 ? 0.4242 0.4563 0.4795 0.0007  -0.0378 0.0393  19 VAL B C   
455 O O   . VAL B 19 ? 0.4349 0.4680 0.4728 -0.0220 -0.0442 0.0463  19 VAL B O   
456 C CB  . VAL B 19 ? 0.3976 0.4571 0.4364 0.0180  -0.0156 -0.0005 19 VAL B CB  
457 C CG1 . VAL B 19 ? 0.3941 0.4411 0.4490 0.0333  -0.0108 -0.0028 19 VAL B CG1 
458 C CG2 . VAL B 19 ? 0.3908 0.4601 0.4203 0.0290  -0.0124 -0.0185 19 VAL B CG2 
459 N N   . VAL B 20 ? 0.3843 0.4035 0.4688 0.0178  -0.0412 0.0467  20 VAL B N   
460 C CA  . VAL B 20 ? 0.4195 0.4143 0.5205 0.0167  -0.0567 0.0611  20 VAL B CA  
461 C C   . VAL B 20 ? 0.4599 0.4407 0.5806 0.0402  -0.0494 0.0458  20 VAL B C   
462 O O   . VAL B 20 ? 0.3712 0.3691 0.4994 0.0580  -0.0326 0.0302  20 VAL B O   
463 C CB  . VAL B 20 ? 0.4878 0.4800 0.6106 0.0156  -0.0757 0.0848  20 VAL B CB  
464 C CG1 . VAL B 20 ? 0.4983 0.4986 0.5905 -0.0147 -0.0865 0.1000  20 VAL B CG1 
465 C CG2 . VAL B 20 ? 0.4666 0.4818 0.6223 0.0380  -0.0676 0.0818  20 VAL B CG2 
466 N N   . SER B 21 ? 0.4659 0.4115 0.5905 0.0376  -0.0647 0.0506  21 SER B N   
467 C CA  . SER B 21 ? 0.4752 0.3986 0.6139 0.0595  -0.0613 0.0314  21 SER B CA  
468 C C   . SER B 21 ? 0.5100 0.4353 0.6918 0.0912  -0.0632 0.0273  21 SER B C   
469 O O   . SER B 21 ? 0.5067 0.4277 0.7129 0.0936  -0.0821 0.0470  21 SER B O   
470 C CB  . SER B 21 ? 0.5695 0.4455 0.6938 0.0428  -0.0819 0.0370  21 SER B CB  
471 O OG  . SER B 21 ? 0.6323 0.4800 0.7679 0.0661  -0.0804 0.0136  21 SER B OG  
472 N N   . CYS B 22 ? 0.4726 0.4081 0.6644 0.1154  -0.0449 0.0007  22 CYS B N   
473 C CA  . CYS B 22 ? 0.4937 0.4435 0.7298 0.1494  -0.0412 -0.0124 22 CYS B CA  
474 C C   . CYS B 22 ? 0.5885 0.4909 0.8345 0.1706  -0.0521 -0.0347 22 CYS B C   
475 O O   . CYS B 22 ? 0.6066 0.5216 0.8884 0.2051  -0.0454 -0.0578 22 CYS B O   
476 C CB  . CYS B 22 ? 0.4719 0.4783 0.7110 0.1588  -0.0115 -0.0268 22 CYS B CB  
477 S SG  . CYS B 22 ? 0.4817 0.5280 0.7100 0.1341  -0.0075 -0.0001 22 CYS B SG  
478 N N   . ASN B 23 ? 0.5787 0.4274 0.7930 0.1483  -0.0704 -0.0283 23 ASN B N   
479 C CA  . ASN B 23 ? 0.6466 0.4285 0.8586 0.1566  -0.0918 -0.0426 23 ASN B CA  
480 C C   . ASN B 23 ? 0.7022 0.4850 0.9163 0.1862  -0.0724 -0.0864 23 ASN B C   
481 O O   . ASN B 23 ? 0.7520 0.5039 0.9952 0.2199  -0.0831 -0.1096 23 ASN B O   
482 C CB  . ASN B 23 ? 0.7184 0.4560 0.9660 0.1698  -0.1284 -0.0248 23 ASN B CB  
483 C CG  . ASN B 23 ? 0.9906 0.7277 1.2252 0.1337  -0.1489 0.0197  23 ASN B CG  
484 O OD1 . ASN B 23 ? 0.9363 0.7064 1.1996 0.1403  -0.1527 0.0376  23 ASN B OD1 
485 N ND2 . ASN B 23 ? 0.8912 0.5994 1.0805 0.0911  -0.1611 0.0376  23 ASN B ND2 
486 N N   . LYS B 24 ? 0.6180 0.4365 0.7995 0.1737  -0.0453 -0.0991 24 LYS B N   
487 C CA  . LYS B 24 ? 0.6245 0.4499 0.7924 0.1911  -0.0253 -0.1383 24 LYS B CA  
488 C C   . LYS B 24 ? 0.6498 0.4865 0.7703 0.1612  -0.0146 -0.1380 24 LYS B C   
489 O O   . LYS B 24 ? 0.5968 0.4727 0.7071 0.1418  -0.0057 -0.1165 24 LYS B O   
490 C CB  . LYS B 24 ? 0.6157 0.5086 0.8113 0.2195  0.0039  -0.1564 24 LYS B CB  
491 C CG  . LYS B 24 ? 0.7833 0.6696 1.0002 0.2590  0.0110  -0.2010 24 LYS B CG  
492 C CD  . LYS B 24 ? 0.8534 0.7242 1.0270 0.2577  0.0235  -0.2377 24 LYS B CD  
493 C CE  . LYS B 24 ? 0.8660 0.8140 1.0366 0.2703  0.0610  -0.2634 24 LYS B CE  
494 N NZ  . LYS B 24 ? 1.0696 1.0014 1.2195 0.2904  0.0710  -0.3155 24 LYS B NZ  
495 N N   . ASN B 25 ? 0.6421 0.4424 0.7358 0.1591  -0.0187 -0.1637 25 ASN B N   
496 C CA  . ASN B 25 ? 0.6270 0.4383 0.6789 0.1348  -0.0114 -0.1692 25 ASN B CA  
497 C C   . ASN B 25 ? 0.6461 0.5090 0.6907 0.1514  0.0177  -0.1912 25 ASN B C   
498 O O   . ASN B 25 ? 0.6515 0.5255 0.7169 0.1810  0.0297  -0.2143 25 ASN B O   
499 C CB  . ASN B 25 ? 0.7579 0.5052 0.7839 0.1246  -0.0314 -0.1887 25 ASN B CB  
500 C CG  . ASN B 25 ? 1.1786 0.8763 1.2026 0.0963  -0.0629 -0.1618 25 ASN B CG  
501 O OD1 . ASN B 25 ? 1.0690 0.7754 1.0701 0.0604  -0.0697 -0.1456 25 ASN B OD1 
502 N ND2 . ASN B 25 ? 1.1759 0.8253 1.2253 0.1100  -0.0844 -0.1551 25 ASN B ND2 
503 N N   . CYS B 26 ? 0.5593 0.4580 0.5760 0.1321  0.0278  -0.1837 26 CYS B N   
504 C CA  . CYS B 26 ? 0.5540 0.5014 0.5558 0.1388  0.0514  -0.1963 26 CYS B CA  
505 C C   . CYS B 26 ? 0.6193 0.5751 0.5784 0.1162  0.0497  -0.1974 26 CYS B C   
506 O O   . CYS B 26 ? 0.5746 0.5153 0.5258 0.0964  0.0330  -0.1831 26 CYS B O   
507 C CB  . CYS B 26 ? 0.5157 0.5104 0.5411 0.1411  0.0624  -0.1711 26 CYS B CB  
508 S SG  . CYS B 26 ? 0.5216 0.5167 0.5494 0.1181  0.0468  -0.1330 26 CYS B SG  
509 N N   . THR B 27 ? 0.6271 0.6150 0.5597 0.1173  0.0664  -0.2132 27 THR B N   
510 C CA  . THR B 27 ? 0.6478 0.6466 0.5370 0.0959  0.0621  -0.2130 27 THR B CA  
511 C C   . THR B 27 ? 0.7044 0.7520 0.5840 0.0883  0.0725  -0.1920 27 THR B C   
512 O O   . THR B 27 ? 0.7026 0.7820 0.5949 0.0986  0.0913  -0.1935 27 THR B O   
513 C CB  . THR B 27 ? 0.8068 0.7867 0.6595 0.0973  0.0662  -0.2526 27 THR B CB  
514 O OG1 . THR B 27 ? 0.7943 0.7167 0.6599 0.1056  0.0520  -0.2701 27 THR B OG1 
515 C CG2 . THR B 27 ? 0.8285 0.8131 0.6341 0.0715  0.0551  -0.2516 27 THR B CG2 
516 N N   . SER B 28 ? 0.6722 0.7262 0.5319 0.0695  0.0571  -0.1713 28 SER B N   
517 C CA  . SER B 28 ? 0.6734 0.7580 0.5173 0.0577  0.0558  -0.1466 28 SER B CA  
518 C C   . SER B 28 ? 0.7957 0.9138 0.6047 0.0504  0.0753  -0.1580 28 SER B C   
519 O O   . SER B 28 ? 0.8397 0.9558 0.6183 0.0486  0.0827  -0.1871 28 SER B O   
520 C CB  . SER B 28 ? 0.7295 0.8077 0.5545 0.0428  0.0306  -0.1324 28 SER B CB  
521 O OG  . SER B 28 ? 0.8528 0.9449 0.6709 0.0347  0.0198  -0.1037 28 SER B OG  
522 N N   . GLY B 29 ? 0.7619 0.9123 0.5729 0.0432  0.0830  -0.1357 29 GLY B N   
523 C CA  . GLY B 29 ? 0.8104 1.0074 0.5869 0.0280  0.1026  -0.1396 29 GLY B CA  
524 C C   . GLY B 29 ? 0.8978 1.1332 0.6963 0.0459  0.1355  -0.1693 29 GLY B C   
525 O O   . GLY B 29 ? 0.9154 1.2077 0.7011 0.0329  0.1556  -0.1659 29 GLY B O   
526 N N   . GLN B 30 ? 0.8609 1.0677 0.6925 0.0748  0.1394  -0.1986 30 GLN B N   
527 C CA  . GLN B 30 ? 0.8776 1.1120 0.7424 0.1022  0.1648  -0.2318 30 GLN B CA  
528 C C   . GLN B 30 ? 0.8849 1.1421 0.8055 0.1116  0.1670  -0.2063 30 GLN B C   
529 O O   . GLN B 30 ? 0.8504 1.0825 0.7816 0.1008  0.1465  -0.1707 30 GLN B O   
530 C CB  . GLN B 30 ? 0.9173 1.0943 0.7963 0.1284  0.1566  -0.2671 30 GLN B CB  
531 C CG  . GLN B 30 ? 1.1758 1.3082 1.0048 0.1128  0.1400  -0.2801 30 GLN B CG  
532 C CD  . GLN B 30 ? 1.5507 1.6970 1.3373 0.1159  0.1577  -0.3269 30 GLN B CD  
533 O OE1 . GLN B 30 ? 1.5488 1.6522 1.3375 0.1361  0.1548  -0.3662 30 GLN B OE1 
534 N NE2 . GLN B 30 ? 1.4887 1.6918 1.2316 0.0932  0.1742  -0.3242 30 GLN B NE2 
535 N N   . ASN B 31 ? 0.8439 1.1521 0.8011 0.1319  0.1907  -0.2262 31 ASN B N   
536 C CA  . ASN B 31 ? 0.7922 1.1282 0.8054 0.1398  0.1911  -0.2026 31 ASN B CA  
537 C C   . ASN B 31 ? 0.7869 1.0899 0.8553 0.1792  0.1843  -0.2244 31 ASN B C   
538 O O   . ASN B 31 ? 0.7822 1.1307 0.9031 0.2011  0.1961  -0.2325 31 ASN B O   
539 C CB  . ASN B 31 ? 0.8556 1.2884 0.8761 0.1294  0.2203  -0.2032 31 ASN B CB  
540 C CG  . ASN B 31 ? 1.1830 1.6428 1.2000 0.0942  0.2121  -0.1531 31 ASN B CG  
541 O OD1 . ASN B 31 ? 1.0908 1.6174 1.1443 0.0908  0.2257  -0.1428 31 ASN B OD1 
542 N ND2 . ASN B 31 ? 1.0927 1.5020 1.0674 0.0673  0.1873  -0.1217 31 ASN B ND2 
543 N N   . GLU B 32 ? 0.6938 0.9186 0.7510 0.1858  0.1622  -0.2314 32 GLU B N   
544 C CA  . GLU B 32 ? 0.6828 0.8570 0.7797 0.2166  0.1472  -0.2486 32 GLU B CA  
545 C C   . GLU B 32 ? 0.6149 0.7785 0.7609 0.2218  0.1296  -0.2161 32 GLU B C   
546 O O   . GLU B 32 ? 0.5988 0.7262 0.7813 0.2470  0.1148  -0.2266 32 GLU B O   
547 C CB  . GLU B 32 ? 0.7291 0.8239 0.7907 0.2093  0.1253  -0.2580 32 GLU B CB  
548 C CG  . GLU B 32 ? 0.9461 1.0297 0.9691 0.2157  0.1354  -0.3030 32 GLU B CG  
549 C CD  . GLU B 32 ? 1.3321 1.3354 1.3257 0.2056  0.1092  -0.3100 32 GLU B CD  
550 O OE1 . GLU B 32 ? 1.3219 1.3205 1.2696 0.1764  0.1041  -0.2998 32 GLU B OE1 
551 O OE2 . GLU B 32 ? 1.3388 1.2836 1.3564 0.2249  0.0904  -0.3236 32 GLU B OE2 
552 N N   . CYS B 33 ? 0.4974 0.6827 0.6405 0.1967  0.1259  -0.1766 33 CYS B N   
553 C CA  . CYS B 33 ? 0.4439 0.6135 0.6230 0.1965  0.1066  -0.1466 33 CYS B CA  
554 C C   . CYS B 33 ? 0.4453 0.6682 0.6823 0.2148  0.1131  -0.1430 33 CYS B C   
555 O O   . CYS B 33 ? 0.4444 0.7386 0.6894 0.2125  0.1362  -0.1476 33 CYS B O   
556 C CB  . CYS B 33 ? 0.4189 0.5796 0.5698 0.1647  0.0960  -0.1114 33 CYS B CB  
557 S SG  . CYS B 33 ? 0.4745 0.5729 0.5800 0.1489  0.0793  -0.1119 33 CYS B SG  
558 N N   . PRO B 34 ? 0.3808 0.5737 0.6567 0.2265  0.0900  -0.1282 34 PRO B N   
559 C CA  . PRO B 34 ? 0.3859 0.6318 0.7226 0.2425  0.0902  -0.1196 34 PRO B CA  
560 C C   . PRO B 34 ? 0.4235 0.7215 0.7546 0.2117  0.0969  -0.0872 34 PRO B C   
561 O O   . PRO B 34 ? 0.3864 0.6577 0.6699 0.1815  0.0918  -0.0674 34 PRO B O   
562 C CB  . PRO B 34 ? 0.4069 0.5930 0.7678 0.2501  0.0558  -0.1016 34 PRO B CB  
563 C CG  . PRO B 34 ? 0.4822 0.5903 0.8051 0.2485  0.0429  -0.1145 34 PRO B CG  
564 C CD  . PRO B 34 ? 0.4078 0.5228 0.6737 0.2220  0.0608  -0.1164 34 PRO B CD  
565 N N   . GLU B 35 ? 0.3903 0.7626 0.7722 0.2196  0.1059  -0.0827 35 GLU B N   
566 C CA  . GLU B 35 ? 0.3692 0.7928 0.7499 0.1868  0.1087  -0.0502 35 GLU B CA  
567 C C   . GLU B 35 ? 0.3991 0.7633 0.7556 0.1616  0.0799  -0.0152 35 GLU B C   
568 O O   . GLU B 35 ? 0.4017 0.7187 0.7731 0.1729  0.0574  -0.0096 35 GLU B O   
569 C CB  . GLU B 35 ? 0.3860 0.8992 0.8378 0.2011  0.1165  -0.0495 35 GLU B CB  
570 C CG  . GLU B 35 ? 0.5249 1.1014 0.9744 0.1615  0.1214  -0.0172 35 GLU B CG  
571 C CD  . GLU B 35 ? 0.9002 1.5539 1.3312 0.1437  0.1545  -0.0278 35 GLU B CD  
572 O OE1 . GLU B 35 ? 0.8351 1.5824 1.3174 0.1630  0.1781  -0.0495 35 GLU B OE1 
573 O OE2 . GLU B 35 ? 0.8863 1.5107 1.2520 0.1100  0.1555  -0.0141 35 GLU B OE2 
574 N N   . GLY B 36 ? 0.3360 0.6994 0.6510 0.1270  0.0797  0.0058  36 GLY B N   
575 C CA  . GLY B 36 ? 0.3123 0.6248 0.5998 0.1037  0.0555  0.0319  36 GLY B CA  
576 C C   . GLY B 36 ? 0.3397 0.5811 0.5844 0.1047  0.0467  0.0231  36 GLY B C   
577 O O   . GLY B 36 ? 0.3185 0.5224 0.5399 0.0888  0.0295  0.0379  36 GLY B O   
578 N N   . CYS B 37 ? 0.3186 0.5458 0.5529 0.1223  0.0586  -0.0030 37 CYS B N   
579 C CA  . CYS B 37 ? 0.3330 0.5036 0.5305 0.1206  0.0511  -0.0119 37 CYS B CA  
580 C C   . CYS B 37 ? 0.3639 0.5331 0.5197 0.1116  0.0620  -0.0220 37 CYS B C   
581 O O   . CYS B 37 ? 0.3642 0.5743 0.5164 0.1091  0.0784  -0.0273 37 CYS B O   
582 C CB  . CYS B 37 ? 0.3593 0.4999 0.5746 0.1425  0.0460  -0.0295 37 CYS B CB  
583 S SG  . CYS B 37 ? 0.4174 0.5521 0.6816 0.1529  0.0243  -0.0125 37 CYS B SG  
584 N N   . PHE B 38 ? 0.3040 0.4323 0.4291 0.1051  0.0522  -0.0245 38 PHE B N   
585 C CA  . PHE B 38 ? 0.2903 0.4133 0.3780 0.0975  0.0560  -0.0324 38 PHE B CA  
586 C C   . PHE B 38 ? 0.3352 0.4271 0.4094 0.1035  0.0527  -0.0508 38 PHE B C   
587 O O   . PHE B 38 ? 0.3016 0.3685 0.3869 0.1056  0.0427  -0.0506 38 PHE B O   
588 C CB  . PHE B 38 ? 0.3026 0.4144 0.3679 0.0807  0.0422  -0.0141 38 PHE B CB  
589 C CG  . PHE B 38 ? 0.3005 0.3822 0.3638 0.0800  0.0272  -0.0125 38 PHE B CG  
590 C CD1 . PHE B 38 ? 0.3236 0.4010 0.4027 0.0761  0.0188  -0.0004 38 PHE B CD1 
591 C CD2 . PHE B 38 ? 0.3280 0.3937 0.3731 0.0809  0.0218  -0.0238 38 PHE B CD2 
592 C CE1 . PHE B 38 ? 0.3235 0.3823 0.3953 0.0726  0.0083  -0.0021 38 PHE B CE1 
593 C CE2 . PHE B 38 ? 0.3309 0.3849 0.3765 0.0791  0.0121  -0.0256 38 PHE B CE2 
594 C CZ  . PHE B 38 ? 0.3040 0.3553 0.3604 0.0745  0.0069  -0.0159 38 PHE B CZ  
595 N N   . CYS B 39 ? 0.3422 0.4371 0.3888 0.1010  0.0588  -0.0640 39 CYS B N   
596 C CA  . CYS B 39 ? 0.3759 0.4449 0.4058 0.1015  0.0537  -0.0806 39 CYS B CA  
597 C C   . CYS B 39 ? 0.3894 0.4473 0.4076 0.0903  0.0384  -0.0698 39 CYS B C   
598 O O   . CYS B 39 ? 0.3565 0.4226 0.3566 0.0841  0.0336  -0.0629 39 CYS B O   
599 C CB  . CYS B 39 ? 0.4241 0.5042 0.4258 0.1007  0.0642  -0.0992 39 CYS B CB  
600 S SG  . CYS B 39 ? 0.5130 0.5594 0.4937 0.0982  0.0554  -0.1216 39 CYS B SG  
601 N N   . GLY B 40 ? 0.3448 0.3874 0.3751 0.0878  0.0297  -0.0675 40 GLY B N   
602 C CA  . GLY B 40 ? 0.3271 0.3732 0.3526 0.0799  0.0190  -0.0631 40 GLY B CA  
603 C C   . GLY B 40 ? 0.3837 0.4302 0.3957 0.0739  0.0142  -0.0758 40 GLY B C   
604 O O   . GLY B 40 ? 0.3729 0.4049 0.3844 0.0678  0.0131  -0.0837 40 GLY B O   
605 N N   . LEU B 41 ? 0.3372 0.3968 0.3378 0.0743  0.0072  -0.0766 41 LEU B N   
606 C CA  . LEU B 41 ? 0.3333 0.4006 0.3240 0.0673  -0.0007 -0.0871 41 LEU B CA  
607 C C   . LEU B 41 ? 0.3345 0.4277 0.3416 0.0671  -0.0109 -0.0874 41 LEU B C   
608 O O   . LEU B 41 ? 0.3080 0.4076 0.3221 0.0782  -0.0171 -0.0827 41 LEU B O   
609 C CB  . LEU B 41 ? 0.3637 0.4315 0.3286 0.0671  -0.0042 -0.0892 41 LEU B CB  
610 C CG  . LEU B 41 ? 0.4573 0.5145 0.4037 0.0676  0.0106  -0.0956 41 LEU B CG  
611 C CD1 . LEU B 41 ? 0.4979 0.5643 0.4124 0.0615  0.0071  -0.0925 41 LEU B CD1 
612 C CD2 . LEU B 41 ? 0.5188 0.5581 0.4609 0.0644  0.0153  -0.1147 41 LEU B CD2 
613 N N   . LEU B 42 ? 0.2904 0.3996 0.3046 0.0541  -0.0133 -0.0941 42 LEU B N   
614 C CA  . LEU B 42 ? 0.2885 0.4402 0.3231 0.0526  -0.0192 -0.0990 42 LEU B CA  
615 C C   . LEU B 42 ? 0.3273 0.5004 0.3635 0.0576  -0.0332 -0.1051 42 LEU B C   
616 O O   . LEU B 42 ? 0.3296 0.4983 0.3517 0.0443  -0.0381 -0.1080 42 LEU B O   
617 C CB  . LEU B 42 ? 0.3004 0.4702 0.3415 0.0285  -0.0158 -0.0995 42 LEU B CB  
618 C CG  . LEU B 42 ? 0.3538 0.5876 0.4190 0.0230  -0.0166 -0.1074 42 LEU B CG  
619 C CD1 . LEU B 42 ? 0.3264 0.5766 0.4018 0.0331  -0.0081 -0.1092 42 LEU B CD1 
620 C CD2 . LEU B 42 ? 0.4177 0.6744 0.4823 -0.0115 -0.0178 -0.1046 42 LEU B CD2 
621 N N   . GLY B 43 ? 0.2857 0.4773 0.3383 0.0774  -0.0433 -0.1074 43 GLY B N   
622 C CA  . GLY B 43 ? 0.2928 0.5052 0.3530 0.0862  -0.0634 -0.1107 43 GLY B CA  
623 C C   . GLY B 43 ? 0.3670 0.5465 0.3927 0.0787  -0.0713 -0.1017 43 GLY B C   
624 O O   . GLY B 43 ? 0.3702 0.5133 0.3723 0.0812  -0.0673 -0.0917 43 GLY B O   
625 N N   . GLN B 44 ? 0.3556 0.5525 0.3751 0.0644  -0.0807 -0.1059 44 GLN B N   
626 C CA  . GLN B 44 ? 0.3828 0.5564 0.3639 0.0532  -0.0895 -0.1014 44 GLN B CA  
627 C C   . GLN B 44 ? 0.4724 0.6198 0.4231 0.0330  -0.0733 -0.1098 44 GLN B C   
628 O O   . GLN B 44 ? 0.4914 0.6256 0.4072 0.0210  -0.0791 -0.1132 44 GLN B O   
629 C CB  . GLN B 44 ? 0.4233 0.6296 0.4134 0.0513  -0.1171 -0.1011 44 GLN B CB  
630 C CG  . GLN B 44 ? 0.5134 0.7335 0.5314 0.0776  -0.1410 -0.0938 44 GLN B CG  
631 C CD  . GLN B 44 ? 0.6239 0.8864 0.6653 0.0798  -0.1707 -0.0950 44 GLN B CD  
632 O OE1 . GLN B 44 ? 0.6082 0.8914 0.6405 0.0572  -0.1742 -0.0990 44 GLN B OE1 
633 N NE2 . GLN B 44 ? 0.5400 0.8157 0.6148 0.1081  -0.1959 -0.0926 44 GLN B NE2 
634 N N   . ASN B 45 ? 0.4261 0.5630 0.3881 0.0293  -0.0561 -0.1143 45 ASN B N   
635 C CA  . ASN B 45 ? 0.4582 0.5599 0.3972 0.0157  -0.0459 -0.1242 45 ASN B CA  
636 C C   . ASN B 45 ? 0.5356 0.6076 0.4440 0.0242  -0.0341 -0.1280 45 ASN B C   
637 O O   . ASN B 45 ? 0.5118 0.5865 0.4233 0.0376  -0.0278 -0.1174 45 ASN B O   
638 C CB  . ASN B 45 ? 0.4178 0.5094 0.3772 0.0122  -0.0357 -0.1220 45 ASN B CB  
639 C CG  . ASN B 45 ? 0.5270 0.6511 0.5067 -0.0080 -0.0442 -0.1202 45 ASN B CG  
640 O OD1 . ASN B 45 ? 0.5068 0.6618 0.4892 -0.0196 -0.0574 -0.1235 45 ASN B OD1 
641 N ND2 . ASN B 45 ? 0.4634 0.5872 0.4577 -0.0158 -0.0379 -0.1133 45 ASN B ND2 
642 N N   . LYS B 46 ? 0.5503 0.5976 0.4283 0.0148  -0.0315 -0.1449 46 LYS B N   
643 C CA  . LYS B 46 ? 0.5789 0.6108 0.4277 0.0224  -0.0159 -0.1559 46 LYS B CA  
644 C C   . LYS B 46 ? 0.6164 0.6225 0.4820 0.0356  0.0003  -0.1654 46 LYS B C   
645 O O   . LYS B 46 ? 0.6131 0.6220 0.4743 0.0486  0.0176  -0.1711 46 LYS B O   
646 C CB  . LYS B 46 ? 0.6682 0.6899 0.4720 0.0079  -0.0216 -0.1759 46 LYS B CB  
647 C CG  . LYS B 46 ? 0.8651 0.9136 0.6498 -0.0054 -0.0418 -0.1629 46 LYS B CG  
648 C CD  . LYS B 46 ? 1.0553 1.0931 0.7981 -0.0262 -0.0538 -0.1819 46 LYS B CD  
649 C CE  . LYS B 46 ? 1.2043 1.2708 0.9390 -0.0408 -0.0818 -0.1655 46 LYS B CE  
650 N NZ  . LYS B 46 ? 1.2709 1.3589 1.0514 -0.0445 -0.0994 -0.1561 46 LYS B NZ  
651 N N   . LYS B 47 ? 0.5855 0.5710 0.4718 0.0301  -0.0073 -0.1650 47 LYS B N   
652 C CA  . LYS B 47 ? 0.5953 0.5484 0.5007 0.0405  -0.0015 -0.1693 47 LYS B CA  
653 C C   . LYS B 47 ? 0.5775 0.5443 0.5163 0.0409  -0.0028 -0.1454 47 LYS B C   
654 O O   . LYS B 47 ? 0.5349 0.5232 0.4822 0.0258  -0.0126 -0.1334 47 LYS B O   
655 C CB  . LYS B 47 ? 0.6691 0.5742 0.5617 0.0276  -0.0158 -0.1859 47 LYS B CB  
656 C CG  . LYS B 47 ? 0.8992 0.7802 0.7556 0.0318  -0.0129 -0.2183 47 LYS B CG  
657 C CD  . LYS B 47 ? 1.0851 0.9101 0.9240 0.0143  -0.0339 -0.2344 47 LYS B CD  
658 C CE  . LYS B 47 ? 1.2408 1.0389 1.0384 0.0191  -0.0316 -0.2728 47 LYS B CE  
659 N NZ  . LYS B 47 ? 1.4350 1.1678 1.2113 -0.0007 -0.0575 -0.2893 47 LYS B NZ  
660 N N   . GLY B 48 ? 0.5090 0.4685 0.4669 0.0577  0.0070  -0.1408 48 GLY B N   
661 C CA  . GLY B 48 ? 0.4526 0.4212 0.4368 0.0569  0.0052  -0.1193 48 GLY B CA  
662 C C   . GLY B 48 ? 0.5169 0.4560 0.5206 0.0684  0.0048  -0.1175 48 GLY B C   
663 O O   . GLY B 48 ? 0.5367 0.4385 0.5376 0.0762  0.0007  -0.1345 48 GLY B O   
664 N N   . HIS B 49 ? 0.4570 0.4108 0.4812 0.0713  0.0063  -0.0983 49 HIS B N   
665 C CA  . HIS B 49 ? 0.4759 0.4082 0.5239 0.0816  0.0016  -0.0905 49 HIS B CA  
666 C C   . HIS B 49 ? 0.4387 0.4035 0.5049 0.0955  0.0135  -0.0808 49 HIS B C   
667 O O   . HIS B 49 ? 0.3732 0.3672 0.4310 0.0903  0.0198  -0.0736 49 HIS B O   
668 C CB  . HIS B 49 ? 0.5117 0.4275 0.5620 0.0591  -0.0158 -0.0699 49 HIS B CB  
669 C CG  . HIS B 49 ? 0.6172 0.5010 0.6496 0.0376  -0.0310 -0.0741 49 HIS B CG  
670 N ND1 . HIS B 49 ? 0.7070 0.5323 0.7413 0.0396  -0.0492 -0.0782 49 HIS B ND1 
671 C CD2 . HIS B 49 ? 0.6539 0.5571 0.6685 0.0137  -0.0331 -0.0749 49 HIS B CD2 
672 C CE1 . HIS B 49 ? 0.7384 0.5444 0.7505 0.0115  -0.0626 -0.0786 49 HIS B CE1 
673 N NE2 . HIS B 49 ? 0.7075 0.5656 0.7093 -0.0055 -0.0521 -0.0765 49 HIS B NE2 
674 N N   . CYS B 50 ? 0.4090 0.3680 0.5022 0.1136  0.0140  -0.0814 50 CYS B N   
675 C CA  . CYS B 50 ? 0.3751 0.3697 0.4908 0.1240  0.0236  -0.0712 50 CYS B CA  
676 C C   . CYS B 50 ? 0.4036 0.3978 0.5288 0.1110  0.0107  -0.0449 50 CYS B C   
677 O O   . CYS B 50 ? 0.4173 0.3826 0.5522 0.1068  -0.0064 -0.0350 50 CYS B O   
678 C CB  . CYS B 50 ? 0.4009 0.4020 0.5482 0.1511  0.0299  -0.0869 50 CYS B CB  
679 S SG  . CYS B 50 ? 0.4782 0.4921 0.6066 0.1656  0.0508  -0.1247 50 CYS B SG  
680 N N   . TYR B 51 ? 0.3322 0.3545 0.4507 0.1026  0.0161  -0.0330 51 TYR B N   
681 C CA  . TYR B 51 ? 0.3134 0.3381 0.4333 0.0886  0.0053  -0.0124 51 TYR B CA  
682 C C   . TYR B 51 ? 0.3365 0.3880 0.4706 0.0907  0.0086  -0.0007 51 TYR B C   
683 O O   . TYR B 51 ? 0.3318 0.4063 0.4689 0.0976  0.0210  -0.0062 51 TYR B O   
684 C CB  . TYR B 51 ? 0.3150 0.3414 0.4066 0.0730  0.0038  -0.0137 51 TYR B CB  
685 C CG  . TYR B 51 ? 0.3727 0.3852 0.4504 0.0629  -0.0002 -0.0219 51 TYR B CG  
686 C CD1 . TYR B 51 ? 0.4327 0.4272 0.5106 0.0479  -0.0130 -0.0109 51 TYR B CD1 
687 C CD2 . TYR B 51 ? 0.3777 0.3958 0.4407 0.0640  0.0058  -0.0375 51 TYR B CD2 
688 C CE1 . TYR B 51 ? 0.4920 0.4758 0.5554 0.0312  -0.0185 -0.0148 51 TYR B CE1 
689 C CE2 . TYR B 51 ? 0.4032 0.4139 0.4556 0.0505  0.0006  -0.0435 51 TYR B CE2 
690 C CZ  . TYR B 51 ? 0.5158 0.5109 0.5682 0.0324  -0.0109 -0.0320 51 TYR B CZ  
691 O OH  . TYR B 51 ? 0.5716 0.5613 0.6116 0.0121  -0.0178 -0.0345 51 TYR B OH  
692 N N   . LYS B 52 ? 0.3007 0.3515 0.4395 0.0795  -0.0038 0.0171  52 LYS B N   
693 C CA  . LYS B 52 ? 0.2853 0.3573 0.4333 0.0740  -0.0061 0.0313  52 LYS B CA  
694 C C   . LYS B 52 ? 0.3114 0.3707 0.4338 0.0556  -0.0176 0.0387  52 LYS B C   
695 O O   . LYS B 52 ? 0.3159 0.3614 0.4272 0.0467  -0.0250 0.0397  52 LYS B O   
696 C CB  . LYS B 52 ? 0.3142 0.4030 0.5041 0.0825  -0.0129 0.0437  52 LYS B CB  
697 C CG  . LYS B 52 ? 0.5086 0.6284 0.7133 0.0728  -0.0165 0.0609  52 LYS B CG  
698 C CD  . LYS B 52 ? 0.6223 0.7806 0.8818 0.0872  -0.0181 0.0683  52 LYS B CD  
699 C CE  . LYS B 52 ? 0.8556 0.9950 1.1443 0.1032  -0.0338 0.0703  52 LYS B CE  
700 N NZ  . LYS B 52 ? 1.0741 1.1847 1.3461 0.0823  -0.0588 0.0920  52 LYS B NZ  
701 N N   . ILE B 53 ? 0.2758 0.3398 0.3865 0.0476  -0.0203 0.0432  53 ILE B N   
702 C CA  . ILE B 53 ? 0.2675 0.3176 0.3531 0.0335  -0.0319 0.0439  53 ILE B CA  
703 C C   . ILE B 53 ? 0.3373 0.3943 0.4352 0.0203  -0.0457 0.0644  53 ILE B C   
704 O O   . ILE B 53 ? 0.3132 0.3868 0.4298 0.0184  -0.0468 0.0765  53 ILE B O   
705 C CB  . ILE B 53 ? 0.2932 0.3302 0.3554 0.0345  -0.0336 0.0333  53 ILE B CB  
706 C CG1 . ILE B 53 ? 0.2944 0.3298 0.3485 0.0478  -0.0238 0.0149  53 ILE B CG1 
707 C CG2 . ILE B 53 ? 0.3050 0.3250 0.3427 0.0242  -0.0470 0.0272  53 ILE B CG2 
708 C CD1 . ILE B 53 ? 0.3279 0.3509 0.3687 0.0517  -0.0288 0.0128  53 ILE B CD1 
709 N N   . ILE B 54 ? 0.2989 0.3490 0.3850 0.0073  -0.0568 0.0697  54 ILE B N   
710 C CA  . ILE B 54 ? 0.3235 0.3793 0.4174 -0.0089 -0.0747 0.0909  54 ILE B CA  
711 C C   . ILE B 54 ? 0.4122 0.4528 0.4640 -0.0292 -0.0858 0.0850  54 ILE B C   
712 O O   . ILE B 54 ? 0.4018 0.4336 0.4249 -0.0268 -0.0773 0.0624  54 ILE B O   
713 C CB  . ILE B 54 ? 0.3802 0.4440 0.5050 -0.0065 -0.0842 0.1090  54 ILE B CB  
714 C CG1 . ILE B 54 ? 0.4091 0.4554 0.5112 -0.0136 -0.0860 0.1053  54 ILE B CG1 
715 C CG2 . ILE B 54 ? 0.3977 0.4822 0.5708 0.0178  -0.0747 0.1097  54 ILE B CG2 
716 C CD1 . ILE B 54 ? 0.4631 0.5024 0.5782 -0.0252 -0.1100 0.1317  54 ILE B CD1 
717 N N   . GLY B 55 ? 0.4130 0.4556 0.4631 -0.0481 -0.1045 0.1030  55 GLY B N   
718 C CA  . GLY B 55 ? 0.4439 0.4738 0.4507 -0.0704 -0.1170 0.0971  55 GLY B CA  
719 C C   . GLY B 55 ? 0.5450 0.5816 0.5355 -0.0815 -0.1172 0.1001  55 GLY B C   
720 O O   . GLY B 55 ? 0.5276 0.5704 0.5469 -0.0785 -0.1222 0.1206  55 GLY B O   
721 N N   . ASN B 56 ? 0.5583 0.5943 0.5029 -0.0938 -0.1120 0.0780  56 ASN B N   
722 C CA  . ASN B 56 ? 0.6723 0.7231 0.5916 -0.1125 -0.1093 0.0798  56 ASN B CA  
723 C C   . ASN B 56 ? 0.9358 0.9859 0.8582 -0.1370 -0.1334 0.1180  56 ASN B C   
724 O O   . ASN B 56 ? 1.0282 1.0746 0.9437 -0.1528 -0.1538 0.1335  56 ASN B O   
725 C CB  . ASN B 56 ? 0.7563 0.8208 0.6247 -0.1254 -0.0997 0.0474  56 ASN B CB  
726 C CG  . ASN B 56 ? 1.2599 1.3152 1.0924 -0.1456 -0.1159 0.0438  56 ASN B CG  
727 O OD1 . ASN B 56 ? 1.2506 1.2845 1.0975 -0.1455 -0.1335 0.0591  56 ASN B OD1 
728 N ND2 . ASN B 56 ? 1.2157 1.2916 0.9983 -0.1660 -0.1101 0.0214  56 ASN B ND2 
# 
